data_6IM3
#
_entry.id   6IM3
#
_cell.length_a   119.040
_cell.length_b   120.811
_cell.length_c   123.915
_cell.angle_alpha   90.00
_cell.angle_beta   90.00
_cell.angle_gamma   90.00
#
_symmetry.space_group_name_H-M   'P 21 21 2'
#
loop_
_entity.id
_entity.type
_entity.pdbx_description
1 polymer 'Carbonic anhydrase (Carbonate dehydratase)'
2 non-polymer 'ZINC ION'
3 non-polymer 5-ACETAMIDO-1,3,4-THIADIAZOLE-2-SULFONAMIDE
4 non-polymer 'CALCIUM ION'
5 non-polymer 'TETRAETHYLENE GLYCOL'
6 water water
#
_entity_poly.entity_id   1
_entity_poly.type   'polypeptide(L)'
_entity_poly.pdbx_seq_one_letter_code
;MKKFVVGLSSLVLATSSFAGGGWSYHGEHGPEHWGDLKDEYIMCKIGKNQSPVDINRIVDAKLKPIKIEYRAGATKVLNN
GHTIKVSYEPGSYIVVDGIKFELKQFHFHAPSEHKLKGQHYPFEAHFVHADKHGNLAVIGVFFKEGRENPILEKIWKVMP
ENAGEEVKLAHKINAEDLLPKDRDYYRYSGSLTTPPCSEGVRWIVMEEEMEMSKEQIEKFRKIMGGDTNRPVQPLNARMI
MEK
;
_entity_poly.pdbx_strand_id   A,B,C,D,E,F
#
loop_
_chem_comp.id
_chem_comp.type
_chem_comp.name
_chem_comp.formula
AZM non-polymer 5-ACETAMIDO-1,3,4-THIADIAZOLE-2-SULFONAMIDE 'C4 H6 N4 O3 S2'
CA non-polymer 'CALCIUM ION' 'Ca 2'
PG4 non-polymer 'TETRAETHYLENE GLYCOL' 'C8 H18 O5'
ZN non-polymer 'ZINC ION' 'Zn 2'
#
# COMPACT_ATOMS: atom_id res chain seq x y z
N GLY A 22 9.46 -25.28 40.60
CA GLY A 22 10.91 -25.01 40.74
C GLY A 22 11.70 -24.60 39.49
N TRP A 23 11.09 -24.42 38.30
CA TRP A 23 11.88 -23.96 37.10
C TRP A 23 12.33 -22.55 37.35
N SER A 24 13.51 -22.22 36.86
CA SER A 24 13.98 -20.80 36.97
C SER A 24 14.71 -20.32 35.70
N TYR A 25 15.00 -19.04 35.70
CA TYR A 25 15.80 -18.41 34.64
C TYR A 25 17.32 -18.57 34.82
N HIS A 26 17.75 -19.10 35.97
CA HIS A 26 19.18 -19.09 36.40
C HIS A 26 19.54 -20.43 37.09
N GLY A 27 20.81 -20.79 36.99
CA GLY A 27 21.37 -21.89 37.76
C GLY A 27 20.92 -23.28 37.37
N GLU A 28 20.72 -24.11 38.38
CA GLU A 28 20.63 -25.56 38.24
C GLU A 28 19.24 -26.01 37.76
N HIS A 29 18.24 -25.19 38.07
CA HIS A 29 16.86 -25.35 37.56
C HIS A 29 16.57 -24.38 36.36
N GLY A 30 17.65 -23.87 35.75
CA GLY A 30 17.61 -22.89 34.66
C GLY A 30 17.24 -23.50 33.30
N PRO A 31 17.16 -22.64 32.27
CA PRO A 31 16.57 -23.04 30.96
C PRO A 31 17.15 -24.28 30.30
N GLU A 32 18.48 -24.45 30.35
CA GLU A 32 19.13 -25.65 29.75
C GLU A 32 18.73 -26.98 30.47
N HIS A 33 18.09 -26.90 31.65
CA HIS A 33 17.71 -28.09 32.45
C HIS A 33 16.22 -28.29 32.60
N TRP A 34 15.42 -27.36 32.09
CA TRP A 34 13.95 -27.41 32.22
C TRP A 34 13.40 -28.78 31.87
N GLY A 35 13.90 -29.35 30.78
CA GLY A 35 13.31 -30.57 30.21
C GLY A 35 13.54 -31.83 31.04
N ASP A 36 14.56 -31.76 31.88
CA ASP A 36 14.89 -32.78 32.91
C ASP A 36 14.17 -32.63 34.26
N LEU A 37 13.46 -31.52 34.48
CA LEU A 37 12.77 -31.28 35.76
C LEU A 37 11.55 -32.15 35.98
N LYS A 38 10.76 -32.39 34.94
CA LYS A 38 9.56 -33.25 35.05
C LYS A 38 9.20 -33.80 33.69
N ASP A 39 8.39 -34.84 33.71
CA ASP A 39 7.87 -35.48 32.50
C ASP A 39 7.00 -34.52 31.66
N GLU A 40 6.21 -33.70 32.35
CA GLU A 40 5.31 -32.73 31.67
C GLU A 40 6.07 -31.65 30.88
N TYR A 41 7.38 -31.50 31.12
CA TYR A 41 8.26 -30.52 30.47
C TYR A 41 9.07 -31.13 29.35
N ILE A 42 8.62 -32.29 28.86
CA ILE A 42 9.34 -32.96 27.80
C ILE A 42 9.58 -32.10 26.51
N MET A 43 8.61 -31.26 26.12
CA MET A 43 8.80 -30.38 24.91
C MET A 43 10.03 -29.47 25.03
N CYS A 44 10.35 -29.01 26.25
CA CYS A 44 11.48 -28.11 26.51
C CYS A 44 12.79 -28.82 26.08
N LYS A 45 12.76 -30.14 26.04
CA LYS A 45 13.85 -30.99 25.62
C LYS A 45 13.81 -31.56 24.21
N ILE A 46 12.67 -32.08 23.76
CA ILE A 46 12.61 -32.74 22.42
C ILE A 46 11.97 -31.87 21.33
N GLY A 47 11.37 -30.76 21.72
CA GLY A 47 10.66 -29.90 20.76
C GLY A 47 11.55 -29.31 19.71
N LYS A 48 11.06 -29.31 18.49
CA LYS A 48 11.73 -28.70 17.36
C LYS A 48 11.12 -27.39 16.84
N ASN A 49 10.05 -26.95 17.49
CA ASN A 49 9.33 -25.74 17.14
C ASN A 49 9.13 -24.83 18.37
N GLN A 50 10.25 -24.61 19.05
CA GLN A 50 10.30 -23.84 20.27
C GLN A 50 10.55 -22.36 20.05
N SER A 51 10.13 -21.59 21.05
CA SER A 51 10.26 -20.17 21.08
C SER A 51 11.01 -19.78 22.38
N PRO A 52 11.61 -18.62 22.42
CA PRO A 52 11.68 -17.67 21.35
C PRO A 52 12.77 -18.05 20.34
N VAL A 53 12.90 -17.22 19.31
CA VAL A 53 13.89 -17.46 18.25
C VAL A 53 14.62 -16.17 17.92
N ASP A 54 15.73 -16.33 17.21
CA ASP A 54 16.40 -15.23 16.59
C ASP A 54 15.74 -15.09 15.21
N ILE A 55 15.10 -13.95 14.98
CA ILE A 55 14.40 -13.68 13.79
C ILE A 55 15.45 -13.30 12.71
N ASN A 56 15.96 -14.31 12.02
CA ASN A 56 17.06 -14.12 11.09
C ASN A 56 16.94 -14.96 9.80
N ARG A 57 15.74 -15.66 9.54
CA ARG A 57 15.45 -16.34 8.28
C ARG A 57 14.05 -15.92 7.94
N ILE A 58 13.95 -14.83 7.16
CA ILE A 58 12.69 -14.16 6.96
C ILE A 58 12.33 -14.20 5.47
N VAL A 59 11.04 -14.34 5.20
CA VAL A 59 10.55 -14.23 3.87
C VAL A 59 9.36 -13.32 3.83
N ASP A 60 9.27 -12.50 2.80
CA ASP A 60 8.12 -11.69 2.56
C ASP A 60 6.93 -12.62 2.24
N ALA A 61 5.77 -12.30 2.81
CA ALA A 61 4.58 -13.09 2.59
C ALA A 61 3.37 -12.22 2.57
N LYS A 62 2.37 -12.65 1.82
CA LYS A 62 1.14 -11.87 1.67
C LYS A 62 0.17 -12.15 2.81
N LEU A 63 0.54 -11.78 4.00
CA LEU A 63 -0.29 -12.05 5.17
C LEU A 63 -1.37 -11.00 5.30
N LYS A 64 -2.46 -11.38 5.90
CA LYS A 64 -3.53 -10.46 6.17
C LYS A 64 -3.24 -9.64 7.42
N PRO A 65 -3.80 -8.42 7.52
CA PRO A 65 -3.68 -7.70 8.82
C PRO A 65 -4.36 -8.43 9.93
N ILE A 66 -3.81 -8.38 11.13
CA ILE A 66 -4.46 -8.98 12.28
C ILE A 66 -5.49 -8.00 12.83
N LYS A 67 -6.70 -8.46 12.97
CA LYS A 67 -7.79 -7.64 13.48
C LYS A 67 -7.62 -7.61 15.01
N ILE A 68 -7.48 -6.43 15.57
CA ILE A 68 -7.32 -6.28 17.00
C ILE A 68 -8.52 -5.54 17.58
N GLU A 69 -9.34 -6.26 18.33
CA GLU A 69 -10.60 -5.75 18.90
C GLU A 69 -10.51 -5.74 20.40
N TYR A 70 -9.74 -4.81 20.92
CA TYR A 70 -9.58 -4.62 22.33
C TYR A 70 -10.48 -3.51 22.85
N ARG A 71 -10.91 -3.65 24.09
CA ARG A 71 -11.49 -2.55 24.81
C ARG A 71 -10.70 -2.45 26.13
N ALA A 72 -10.89 -1.36 26.87
CA ALA A 72 -10.26 -1.19 28.15
C ALA A 72 -10.68 -2.32 29.06
N GLY A 73 -9.74 -3.13 29.51
CA GLY A 73 -10.05 -4.32 30.33
C GLY A 73 -9.03 -4.82 31.34
N ALA A 74 -7.91 -4.10 31.53
CA ALA A 74 -6.87 -4.60 32.45
C ALA A 74 -7.36 -4.34 33.87
N THR A 75 -7.25 -5.34 34.72
CA THR A 75 -7.87 -5.26 36.03
C THR A 75 -6.91 -5.36 37.15
N LYS A 76 -5.93 -6.25 37.03
CA LYS A 76 -5.02 -6.55 38.14
C LYS A 76 -3.56 -6.73 37.63
N VAL A 77 -2.62 -6.58 38.55
CA VAL A 77 -1.19 -6.74 38.27
C VAL A 77 -0.59 -7.66 39.27
N LEU A 78 -0.03 -8.77 38.81
CA LEU A 78 0.52 -9.77 39.61
C LEU A 78 2.04 -9.91 39.41
N ASN A 79 2.78 -10.06 40.50
CA ASN A 79 4.21 -10.49 40.47
C ASN A 79 4.25 -11.93 40.80
N ASN A 80 4.57 -12.76 39.82
CA ASN A 80 4.58 -14.23 40.04
C ASN A 80 5.98 -14.76 40.25
N GLY A 81 6.95 -13.87 40.43
CA GLY A 81 8.34 -14.29 40.63
C GLY A 81 9.12 -14.38 39.34
N HIS A 82 8.42 -14.59 38.22
CA HIS A 82 9.04 -14.72 36.88
C HIS A 82 8.79 -13.53 35.95
N THR A 83 7.70 -12.80 36.19
CA THR A 83 7.30 -11.69 35.41
C THR A 83 6.28 -10.86 36.23
N ILE A 84 5.87 -9.74 35.62
CA ILE A 84 4.75 -8.89 36.08
C ILE A 84 3.66 -9.12 35.02
N LYS A 85 2.53 -9.67 35.48
CA LYS A 85 1.46 -10.13 34.62
C LYS A 85 0.18 -9.35 34.90
N VAL A 86 -0.37 -8.77 33.88
CA VAL A 86 -1.58 -7.96 33.94
C VAL A 86 -2.75 -8.77 33.39
N SER A 87 -3.74 -9.02 34.24
CA SER A 87 -4.92 -9.81 33.84
C SER A 87 -5.88 -8.95 33.10
N TYR A 88 -6.64 -9.56 32.20
CA TYR A 88 -7.55 -8.82 31.39
C TYR A 88 -8.94 -9.45 31.55
N GLU A 89 -9.97 -8.61 31.58
CA GLU A 89 -11.31 -9.16 31.68
C GLU A 89 -11.79 -9.60 30.29
N PRO A 90 -12.71 -10.54 30.25
CA PRO A 90 -13.18 -11.07 28.98
C PRO A 90 -13.82 -10.03 28.08
N GLY A 91 -13.82 -10.34 26.77
CA GLY A 91 -14.45 -9.50 25.74
C GLY A 91 -13.51 -8.84 24.74
N SER A 92 -12.16 -8.95 24.93
CA SER A 92 -11.21 -8.34 23.98
C SER A 92 -10.55 -9.51 23.23
N TYR A 93 -10.36 -9.35 21.93
CA TYR A 93 -9.89 -10.43 21.08
C TYR A 93 -9.12 -9.96 19.84
N ILE A 94 -8.38 -10.90 19.26
CA ILE A 94 -7.77 -10.75 17.98
C ILE A 94 -8.36 -11.83 17.06
N VAL A 95 -8.24 -11.59 15.77
CA VAL A 95 -8.61 -12.57 14.77
C VAL A 95 -7.37 -12.97 13.96
N VAL A 96 -7.09 -14.27 13.98
CA VAL A 96 -5.98 -14.89 13.15
C VAL A 96 -6.52 -16.12 12.47
N ASP A 97 -6.23 -16.27 11.19
CA ASP A 97 -6.78 -17.38 10.37
C ASP A 97 -8.29 -17.51 10.48
N GLY A 98 -8.97 -16.37 10.61
CA GLY A 98 -10.45 -16.38 10.78
C GLY A 98 -10.98 -16.83 12.10
N ILE A 99 -10.12 -16.99 13.10
CA ILE A 99 -10.50 -17.57 14.40
C ILE A 99 -10.33 -16.48 15.47
N LYS A 100 -11.27 -16.41 16.40
CA LYS A 100 -11.21 -15.44 17.50
C LYS A 100 -10.36 -15.95 18.65
N PHE A 101 -9.37 -15.19 19.08
CA PHE A 101 -8.54 -15.57 20.24
C PHE A 101 -8.71 -14.48 21.25
N GLU A 102 -9.16 -14.83 22.43
CA GLU A 102 -9.49 -13.85 23.43
C GLU A 102 -8.25 -13.50 24.27
N LEU A 103 -8.04 -12.20 24.46
CA LEU A 103 -6.95 -11.69 25.31
C LEU A 103 -7.17 -12.11 26.76
N LYS A 104 -6.23 -12.84 27.37
CA LYS A 104 -6.31 -13.30 28.76
C LYS A 104 -5.45 -12.49 29.68
N GLN A 105 -4.29 -12.07 29.18
CA GLN A 105 -3.30 -11.41 30.04
C GLN A 105 -2.15 -10.87 29.16
N PHE A 106 -1.41 -9.94 29.72
CA PHE A 106 -0.12 -9.53 29.13
C PHE A 106 0.95 -9.43 30.20
N HIS A 107 2.21 -9.69 29.81
CA HIS A 107 3.31 -9.77 30.75
C HIS A 107 4.58 -9.32 30.03
N PHE A 108 5.67 -9.31 30.78
CA PHE A 108 6.93 -8.70 30.29
C PHE A 108 8.17 -9.55 30.54
N HIS A 109 9.17 -9.29 29.69
CA HIS A 109 10.45 -9.92 29.86
C HIS A 109 11.58 -8.89 29.60
N ALA A 110 12.75 -9.12 30.23
CA ALA A 110 13.91 -8.21 30.00
C ALA A 110 15.19 -8.96 30.21
N PRO A 111 16.11 -8.93 29.24
CA PRO A 111 15.92 -8.32 27.93
C PRO A 111 14.85 -9.11 27.07
N SER A 112 14.71 -8.71 25.84
CA SER A 112 13.78 -9.33 24.91
C SER A 112 14.07 -10.82 24.78
N GLU A 113 13.00 -11.56 24.58
CA GLU A 113 13.11 -13.01 24.37
C GLU A 113 13.50 -13.29 22.94
N HIS A 114 12.70 -12.76 22.01
CA HIS A 114 13.10 -12.79 20.62
C HIS A 114 14.28 -11.87 20.42
N LYS A 115 15.10 -12.29 19.50
CA LYS A 115 16.12 -11.41 18.88
C LYS A 115 15.80 -11.10 17.44
N LEU A 116 16.36 -9.99 16.95
CA LEU A 116 16.09 -9.55 15.59
C LEU A 116 17.44 -9.41 14.91
N LYS A 117 17.69 -10.28 13.95
CA LYS A 117 19.01 -10.41 13.32
C LYS A 117 20.19 -10.41 14.26
N GLY A 118 20.09 -11.19 15.30
CA GLY A 118 21.14 -11.36 16.26
C GLY A 118 21.19 -10.35 17.39
N GLN A 119 20.25 -9.42 17.49
CA GLN A 119 20.34 -8.42 18.52
C GLN A 119 19.08 -8.42 19.41
N HIS A 120 19.25 -8.15 20.70
CA HIS A 120 18.15 -8.00 21.65
C HIS A 120 17.65 -6.64 21.65
N TYR A 121 16.38 -6.48 22.02
CA TYR A 121 15.88 -5.24 22.57
C TYR A 121 16.00 -5.36 24.08
N PRO A 122 15.93 -4.24 24.81
CA PRO A 122 16.06 -4.34 26.27
C PRO A 122 14.79 -4.84 26.97
N PHE A 123 13.67 -4.85 26.25
CA PHE A 123 12.40 -5.27 26.85
C PHE A 123 11.44 -5.74 25.79
N GLU A 124 10.56 -6.66 26.20
CA GLU A 124 9.58 -7.26 25.30
C GLU A 124 8.26 -7.53 26.11
N ALA A 125 7.14 -7.10 25.55
CA ALA A 125 5.82 -7.46 26.07
C ALA A 125 5.11 -8.59 25.28
N HIS A 126 4.41 -9.45 25.99
CA HIS A 126 3.64 -10.55 25.39
C HIS A 126 2.18 -10.46 25.76
N PHE A 127 1.33 -10.50 24.74
CA PHE A 127 -0.08 -10.43 24.88
C PHE A 127 -0.67 -11.80 24.52
N VAL A 128 -1.18 -12.50 25.54
CA VAL A 128 -1.48 -13.92 25.48
C VAL A 128 -3.00 -14.14 25.27
N HIS A 129 -3.31 -14.83 24.20
CA HIS A 129 -4.67 -15.02 23.76
C HIS A 129 -4.99 -16.51 23.60
N ALA A 130 -6.28 -16.87 23.80
CA ALA A 130 -6.71 -18.26 23.65
C ALA A 130 -8.02 -18.34 22.96
N ASP A 131 -8.13 -19.23 21.97
CA ASP A 131 -9.40 -19.44 21.30
C ASP A 131 -10.30 -20.33 22.22
N LYS A 132 -11.50 -20.62 21.77
CA LYS A 132 -12.50 -21.43 22.57
C LYS A 132 -12.05 -22.85 22.84
N HIS A 133 -11.19 -23.41 22.00
CA HIS A 133 -10.60 -24.70 22.26
C HIS A 133 -9.25 -24.69 23.02
N GLY A 134 -8.80 -23.52 23.49
CA GLY A 134 -7.53 -23.43 24.19
C GLY A 134 -6.27 -23.27 23.29
N ASN A 135 -6.41 -23.18 21.97
CA ASN A 135 -5.24 -22.87 21.09
C ASN A 135 -4.79 -21.43 21.40
N LEU A 136 -3.49 -21.23 21.47
CA LEU A 136 -2.91 -19.94 21.93
C LEU A 136 -2.27 -19.14 20.81
N ALA A 137 -2.39 -17.82 20.91
CA ALA A 137 -1.76 -16.89 20.02
C ALA A 137 -1.17 -15.80 20.90
N VAL A 138 0.11 -15.52 20.70
CA VAL A 138 0.84 -14.47 21.48
C VAL A 138 1.36 -13.38 20.55
N ILE A 139 1.03 -12.12 20.87
CA ILE A 139 1.58 -10.96 20.20
C ILE A 139 2.74 -10.51 21.03
N GLY A 140 3.90 -10.40 20.37
CA GLY A 140 5.13 -9.92 21.02
C GLY A 140 5.40 -8.49 20.50
N VAL A 141 5.74 -7.61 21.40
CA VAL A 141 6.06 -6.19 21.09
C VAL A 141 7.39 -5.85 21.75
N PHE A 142 8.34 -5.45 20.93
CA PHE A 142 9.66 -5.00 21.40
C PHE A 142 9.56 -3.54 21.94
N PHE A 143 10.33 -3.25 22.96
CA PHE A 143 10.42 -1.92 23.54
C PHE A 143 11.88 -1.51 23.58
N LYS A 144 12.15 -0.32 23.08
CA LYS A 144 13.52 0.20 23.18
C LYS A 144 13.53 1.29 24.26
N GLU A 145 14.75 1.64 24.67
CA GLU A 145 15.01 2.80 25.55
C GLU A 145 14.65 4.08 24.88
N GLY A 146 13.80 4.88 25.52
CA GLY A 146 13.40 6.16 24.94
C GLY A 146 12.62 7.00 25.95
N ARG A 147 11.63 7.62 25.47
CA ARG A 147 10.72 8.36 26.26
C ARG A 147 9.91 7.45 27.22
N GLU A 148 9.62 7.97 28.41
CA GLU A 148 8.77 7.31 29.39
C GLU A 148 7.42 6.91 28.81
N ASN A 149 7.05 5.64 29.03
CA ASN A 149 5.78 5.13 28.47
C ASN A 149 4.69 5.46 29.48
N PRO A 150 3.69 6.24 29.05
CA PRO A 150 2.65 6.64 30.00
C PRO A 150 1.74 5.52 30.46
N ILE A 151 1.49 4.48 29.62
CA ILE A 151 0.64 3.39 30.05
C ILE A 151 1.38 2.52 31.03
N LEU A 152 2.63 2.20 30.71
CA LEU A 152 3.45 1.42 31.64
C LEU A 152 3.61 2.15 32.99
N GLU A 153 3.61 3.50 32.98
CA GLU A 153 3.73 4.26 34.23
C GLU A 153 2.61 3.95 35.17
N LYS A 154 1.42 3.79 34.64
CA LYS A 154 0.28 3.42 35.46
C LYS A 154 0.43 2.08 36.13
N ILE A 155 1.06 1.13 35.43
CA ILE A 155 1.21 -0.20 35.99
C ILE A 155 2.39 -0.22 36.97
N TRP A 156 3.45 0.43 36.55
CA TRP A 156 4.74 0.43 37.30
C TRP A 156 4.55 1.09 38.72
N LYS A 157 3.74 2.14 38.77
CA LYS A 157 3.35 2.87 40.00
C LYS A 157 2.83 1.96 41.10
N VAL A 158 2.19 0.90 40.69
CA VAL A 158 1.58 -0.04 41.54
C VAL A 158 2.19 -1.44 41.51
N MET A 159 3.30 -1.60 40.83
CA MET A 159 3.89 -2.90 40.64
C MET A 159 4.26 -3.61 41.91
N PRO A 160 3.70 -4.87 42.04
CA PRO A 160 4.07 -5.57 43.28
C PRO A 160 5.52 -6.03 43.31
N GLU A 161 6.17 -5.78 44.43
CA GLU A 161 7.54 -6.13 44.71
C GLU A 161 7.92 -7.59 44.87
N ASN A 162 7.04 -8.38 45.46
CA ASN A 162 7.35 -9.77 45.75
C ASN A 162 6.48 -10.80 45.06
N ALA A 163 7.04 -11.97 44.88
CA ALA A 163 6.33 -13.02 44.23
C ALA A 163 5.09 -13.35 45.03
N GLY A 164 4.02 -13.60 44.33
CA GLY A 164 2.75 -13.93 44.94
C GLY A 164 1.84 -12.79 45.27
N GLU A 165 2.28 -11.56 45.06
CA GLU A 165 1.46 -10.41 45.37
C GLU A 165 0.72 -9.89 44.14
N GLU A 166 -0.51 -9.47 44.31
CA GLU A 166 -1.31 -8.95 43.24
C GLU A 166 -2.03 -7.70 43.65
N VAL A 167 -2.20 -6.76 42.75
CA VAL A 167 -2.87 -5.52 43.04
C VAL A 167 -3.88 -5.16 41.98
N LYS A 168 -4.99 -4.63 42.42
CA LYS A 168 -6.03 -4.18 41.55
C LYS A 168 -5.66 -2.84 41.00
N LEU A 169 -5.96 -2.62 39.75
CA LEU A 169 -5.71 -1.36 39.12
C LEU A 169 -6.81 -0.40 39.42
N ALA A 170 -6.46 0.84 39.66
CA ALA A 170 -7.46 1.85 39.92
C ALA A 170 -8.33 2.11 38.70
N HIS A 171 -7.71 2.16 37.54
CA HIS A 171 -8.45 2.39 36.33
C HIS A 171 -8.09 1.36 35.29
N LYS A 172 -9.07 0.96 34.53
CA LYS A 172 -8.89 -0.08 33.50
C LYS A 172 -8.09 0.47 32.32
N ILE A 173 -7.04 -0.25 32.02
CA ILE A 173 -6.08 0.15 30.98
C ILE A 173 -6.51 -0.60 29.74
N ASN A 174 -6.32 0.04 28.60
CA ASN A 174 -6.56 -0.58 27.30
C ASN A 174 -5.25 -1.03 26.71
N ALA A 175 -5.09 -2.33 26.55
CA ALA A 175 -3.83 -2.89 26.05
C ALA A 175 -3.46 -2.39 24.66
N GLU A 176 -4.47 -1.98 23.88
CA GLU A 176 -4.23 -1.49 22.54
C GLU A 176 -3.28 -0.30 22.54
N ASP A 177 -3.32 0.47 23.63
CA ASP A 177 -2.37 1.58 23.75
C ASP A 177 -0.90 1.18 23.85
N LEU A 178 -0.64 -0.07 24.17
CA LEU A 178 0.76 -0.61 24.17
C LEU A 178 1.20 -1.20 22.86
N LEU A 179 0.32 -1.16 21.86
CA LEU A 179 0.66 -1.77 20.56
C LEU A 179 1.03 -0.67 19.60
N PRO A 180 1.99 -0.92 18.68
CA PRO A 180 2.24 0.14 17.71
C PRO A 180 1.08 0.40 16.80
N LYS A 181 1.09 1.62 16.13
CA LYS A 181 0.07 2.00 15.13
C LYS A 181 0.32 1.27 13.82
N ASP A 182 1.58 1.15 13.45
CA ASP A 182 1.96 0.38 12.27
C ASP A 182 1.88 -1.11 12.71
N ARG A 183 1.07 -1.89 12.01
CA ARG A 183 0.81 -3.25 12.44
C ARG A 183 1.37 -4.35 11.58
N ASP A 184 2.45 -4.05 10.88
CA ASP A 184 3.18 -5.07 10.20
C ASP A 184 3.81 -5.98 11.24
N TYR A 185 3.96 -7.23 10.90
CA TYR A 185 4.37 -8.23 11.82
C TYR A 185 5.14 -9.40 11.19
N TYR A 186 5.89 -10.11 12.04
CA TYR A 186 6.52 -11.37 11.75
C TYR A 186 5.59 -12.48 12.32
N ARG A 187 5.49 -13.58 11.62
CA ARG A 187 4.70 -14.72 12.07
C ARG A 187 5.42 -16.02 11.93
N TYR A 188 5.33 -16.85 12.99
CA TYR A 188 5.83 -18.21 12.96
C TYR A 188 5.09 -19.11 13.94
N SER A 189 5.26 -20.39 13.75
CA SER A 189 4.71 -21.41 14.58
C SER A 189 5.69 -21.86 15.67
N GLY A 190 5.30 -21.65 16.89
CA GLY A 190 6.22 -21.84 18.04
C GLY A 190 5.63 -22.41 19.28
N SER A 191 6.09 -21.89 20.43
CA SER A 191 5.79 -22.50 21.73
C SER A 191 5.64 -21.45 22.80
N LEU A 192 5.13 -21.88 23.95
CA LEU A 192 5.22 -21.06 25.15
C LEU A 192 6.69 -21.02 25.56
N THR A 193 7.12 -19.88 26.12
CA THR A 193 8.54 -19.70 26.46
C THR A 193 8.93 -20.06 27.93
N THR A 194 7.94 -20.52 28.69
CA THR A 194 8.19 -21.07 30.01
C THR A 194 7.55 -22.44 30.10
N PRO A 195 8.07 -23.33 30.99
CA PRO A 195 7.60 -24.75 31.03
C PRO A 195 6.13 -24.77 31.28
N PRO A 196 5.36 -25.61 30.61
CA PRO A 196 5.82 -26.77 29.82
C PRO A 196 6.25 -26.53 28.38
N CYS A 197 6.35 -25.28 27.96
CA CYS A 197 6.84 -24.95 26.59
C CYS A 197 6.05 -25.65 25.48
N SER A 198 4.74 -25.66 25.66
CA SER A 198 3.79 -26.31 24.77
C SER A 198 3.87 -25.69 23.39
N GLU A 199 3.81 -26.53 22.38
CA GLU A 199 3.88 -26.13 20.97
C GLU A 199 2.48 -25.90 20.37
N GLY A 200 2.40 -25.55 19.10
CA GLY A 200 1.12 -25.22 18.49
C GLY A 200 0.74 -23.79 18.76
N VAL A 201 1.70 -22.94 19.12
CA VAL A 201 1.41 -21.52 19.47
C VAL A 201 1.65 -20.61 18.27
N ARG A 202 0.67 -19.76 17.96
CA ARG A 202 0.82 -18.78 16.90
C ARG A 202 1.55 -17.56 17.46
N TRP A 203 2.74 -17.28 16.90
CA TRP A 203 3.49 -16.07 17.30
C TRP A 203 3.34 -15.02 16.26
N ILE A 204 2.95 -13.84 16.73
CA ILE A 204 2.78 -12.64 15.97
C ILE A 204 3.74 -11.61 16.61
N VAL A 205 4.85 -11.28 15.98
CA VAL A 205 5.82 -10.34 16.59
C VAL A 205 5.80 -9.06 15.77
N MET A 206 5.43 -7.95 16.43
CA MET A 206 5.25 -6.69 15.73
C MET A 206 6.64 -6.19 15.24
N GLU A 207 6.63 -5.67 14.01
CA GLU A 207 7.84 -5.10 13.41
C GLU A 207 8.28 -3.81 14.07
N GLU A 208 7.32 -2.97 14.41
CA GLU A 208 7.58 -1.68 15.02
C GLU A 208 7.69 -1.74 16.55
N GLU A 209 8.79 -1.17 17.05
CA GLU A 209 9.11 -1.17 18.50
C GLU A 209 8.39 -0.03 19.17
N MET A 210 8.08 -0.22 20.44
CA MET A 210 7.51 0.83 21.27
C MET A 210 8.68 1.38 22.11
N GLU A 211 8.38 2.27 23.02
CA GLU A 211 9.38 2.93 23.81
C GLU A 211 9.02 3.03 25.26
N MET A 212 10.04 2.98 26.07
CA MET A 212 9.91 3.24 27.54
C MET A 212 11.24 3.89 28.02
N SER A 213 11.20 4.44 29.23
CA SER A 213 12.40 5.05 29.81
C SER A 213 13.38 4.05 30.36
N LYS A 214 14.59 4.52 30.51
CA LYS A 214 15.66 3.77 31.10
C LYS A 214 15.27 3.43 32.51
N GLU A 215 14.67 4.38 33.19
CA GLU A 215 14.24 4.19 34.57
C GLU A 215 13.16 3.08 34.69
N GLN A 216 12.25 3.04 33.75
CA GLN A 216 11.21 2.04 33.75
C GLN A 216 11.82 0.65 33.56
N ILE A 217 12.78 0.56 32.68
CA ILE A 217 13.45 -0.69 32.45
C ILE A 217 14.22 -1.13 33.68
N GLU A 218 14.88 -0.18 34.31
CA GLU A 218 15.66 -0.47 35.50
C GLU A 218 14.79 -0.96 36.62
N LYS A 219 13.64 -0.34 36.80
CA LYS A 219 12.76 -0.75 37.87
C LYS A 219 12.30 -2.18 37.68
N PHE A 220 11.93 -2.55 36.47
CA PHE A 220 11.48 -3.90 36.22
C PHE A 220 12.57 -4.89 36.49
N ARG A 221 13.77 -4.61 36.04
CA ARG A 221 14.88 -5.51 36.25
C ARG A 221 15.21 -5.66 37.72
N LYS A 222 15.18 -4.57 38.46
CA LYS A 222 15.47 -4.62 39.86
C LYS A 222 14.46 -5.49 40.59
N ILE A 223 13.19 -5.33 40.32
CA ILE A 223 12.18 -6.14 40.96
C ILE A 223 12.28 -7.59 40.62
N MET A 224 12.51 -7.91 39.37
CA MET A 224 12.66 -9.28 38.94
C MET A 224 13.91 -9.91 39.51
N GLY A 225 14.94 -9.11 39.69
CA GLY A 225 16.18 -9.59 40.24
C GLY A 225 17.17 -10.20 39.27
N GLY A 226 16.87 -10.14 37.99
CA GLY A 226 17.74 -10.67 36.99
C GLY A 226 17.08 -10.74 35.65
N ASP A 227 17.76 -11.29 34.66
CA ASP A 227 17.24 -11.45 33.34
C ASP A 227 16.06 -12.38 33.37
N THR A 228 15.03 -12.09 32.59
CA THR A 228 13.86 -12.93 32.55
C THR A 228 13.56 -13.51 31.18
N ASN A 229 14.59 -13.78 30.42
CA ASN A 229 14.42 -14.33 29.09
C ASN A 229 14.98 -15.72 28.90
N ARG A 230 14.21 -16.55 28.21
CA ARG A 230 14.62 -17.86 27.84
C ARG A 230 15.57 -17.69 26.67
N PRO A 231 16.68 -18.51 26.63
CA PRO A 231 17.56 -18.32 25.47
C PRO A 231 16.90 -18.68 24.16
N VAL A 232 17.30 -18.04 23.08
CA VAL A 232 16.67 -18.34 21.76
C VAL A 232 16.91 -19.82 21.43
N GLN A 233 15.99 -20.38 20.69
CA GLN A 233 15.97 -21.76 20.32
C GLN A 233 16.11 -21.88 18.81
N PRO A 234 16.65 -23.01 18.30
CA PRO A 234 16.86 -23.11 16.88
C PRO A 234 15.55 -23.04 16.04
N LEU A 235 15.66 -22.52 14.82
CA LEU A 235 14.54 -22.46 13.92
C LEU A 235 14.24 -23.81 13.31
N ASN A 236 15.26 -24.58 13.07
CA ASN A 236 15.10 -25.90 12.49
C ASN A 236 14.48 -25.81 11.10
N ALA A 237 13.35 -26.43 10.86
CA ALA A 237 12.71 -26.37 9.55
C ALA A 237 11.97 -25.09 9.25
N ARG A 238 11.79 -24.22 10.32
CA ARG A 238 10.93 -23.08 10.16
C ARG A 238 11.52 -21.91 9.40
N MET A 239 10.61 -21.19 8.79
CA MET A 239 10.86 -19.83 8.26
C MET A 239 10.00 -18.83 9.05
N ILE A 240 10.41 -17.58 9.07
CA ILE A 240 9.58 -16.54 9.66
C ILE A 240 8.99 -15.78 8.47
N MET A 241 7.71 -15.52 8.53
CA MET A 241 7.03 -14.82 7.49
C MET A 241 6.88 -13.39 7.94
N GLU A 242 7.09 -12.48 7.02
CA GLU A 242 6.94 -11.03 7.25
C GLU A 242 5.85 -10.45 6.41
N LYS A 243 4.93 -9.73 7.06
CA LYS A 243 3.82 -9.07 6.32
C LYS A 243 4.15 -7.85 5.37
N GLY B 22 5.69 -53.19 15.07
CA GLY B 22 4.25 -53.51 14.92
C GLY B 22 3.31 -52.39 14.50
N TRP B 23 3.79 -51.16 14.18
CA TRP B 23 2.84 -50.10 13.71
C TRP B 23 2.29 -50.51 12.37
N SER B 24 1.04 -50.17 12.11
CA SER B 24 0.48 -50.42 10.78
C SER B 24 -0.41 -49.26 10.27
N TYR B 25 -0.80 -49.39 9.03
CA TYR B 25 -1.77 -48.47 8.41
C TYR B 25 -3.24 -48.77 8.73
N HIS B 26 -3.50 -49.92 9.36
CA HIS B 26 -4.88 -50.50 9.51
C HIS B 26 -5.06 -51.14 10.89
N GLY B 27 -6.29 -51.12 11.36
CA GLY B 27 -6.66 -51.81 12.58
C GLY B 27 -6.15 -51.26 13.90
N GLU B 28 -5.80 -52.19 14.78
CA GLU B 28 -5.60 -51.91 16.21
C GLU B 28 -4.23 -51.27 16.49
N HIS B 29 -3.28 -51.53 15.59
CA HIS B 29 -1.94 -50.89 15.59
C HIS B 29 -1.86 -49.74 14.53
N GLY B 30 -3.03 -49.28 14.09
CA GLY B 30 -3.18 -48.28 13.02
C GLY B 30 -2.93 -46.85 13.49
N PRO B 31 -3.09 -45.87 12.58
CA PRO B 31 -2.53 -44.50 12.80
C PRO B 31 -3.05 -43.81 14.02
N GLU B 32 -4.34 -43.99 14.32
CA GLU B 32 -4.92 -43.36 15.54
C GLU B 32 -4.32 -43.88 16.85
N HIS B 33 -3.62 -45.02 16.81
CA HIS B 33 -3.06 -45.68 18.03
C HIS B 33 -1.55 -45.67 18.09
N TRP B 34 -0.90 -45.15 17.04
CA TRP B 34 0.56 -45.15 16.97
C TRP B 34 1.21 -44.64 18.26
N GLY B 35 0.65 -43.56 18.80
CA GLY B 35 1.26 -42.83 19.93
C GLY B 35 1.24 -43.59 21.26
N ASP B 36 0.31 -44.53 21.34
CA ASP B 36 0.17 -45.49 22.46
C ASP B 36 1.03 -46.77 22.33
N LEU B 37 1.64 -47.02 21.18
CA LEU B 37 2.43 -48.25 20.96
C LEU B 37 3.74 -48.30 21.73
N LYS B 38 4.43 -47.18 21.83
CA LYS B 38 5.71 -47.11 22.57
C LYS B 38 5.96 -45.67 23.00
N ASP B 39 6.85 -45.53 23.97
CA ASP B 39 7.34 -44.24 24.45
C ASP B 39 8.02 -43.43 23.34
N GLU B 40 8.79 -44.10 22.48
CA GLU B 40 9.54 -43.41 21.42
C GLU B 40 8.62 -42.75 20.35
N TYR B 41 7.35 -43.14 20.35
CA TYR B 41 6.34 -42.63 19.39
C TYR B 41 5.48 -41.55 20.00
N ILE B 42 5.96 -40.93 21.07
CA ILE B 42 5.23 -39.87 21.76
C ILE B 42 4.80 -38.68 20.86
N MET B 43 5.65 -38.29 19.90
CA MET B 43 5.27 -37.18 18.94
C MET B 43 3.99 -37.46 18.17
N CYS B 44 3.76 -38.74 17.84
CA CYS B 44 2.58 -39.19 17.08
C CYS B 44 1.32 -38.81 17.89
N LYS B 45 1.48 -38.66 19.20
CA LYS B 45 0.40 -38.28 20.11
C LYS B 45 0.34 -36.82 20.56
N ILE B 46 1.47 -36.23 20.94
CA ILE B 46 1.45 -34.87 21.48
C ILE B 46 1.93 -33.77 20.47
N GLY B 47 2.49 -34.18 19.37
CA GLY B 47 3.02 -33.25 18.36
C GLY B 47 1.97 -32.32 17.81
N LYS B 48 2.32 -31.05 17.71
CA LYS B 48 1.47 -30.02 17.08
C LYS B 48 1.93 -29.56 15.70
N ASN B 49 2.99 -30.17 15.17
CA ASN B 49 3.57 -29.90 13.87
C ASN B 49 3.82 -31.16 13.05
N GLN B 50 2.75 -31.93 12.95
CA GLN B 50 2.76 -33.24 12.26
C GLN B 50 2.34 -33.18 10.84
N SER B 51 2.82 -34.17 10.09
CA SER B 51 2.55 -34.31 8.70
C SER B 51 1.82 -35.70 8.49
N PRO B 52 1.08 -35.89 7.40
CA PRO B 52 0.88 -34.88 6.37
C PRO B 52 -0.25 -33.95 6.80
N VAL B 53 -0.54 -32.97 5.94
CA VAL B 53 -1.57 -32.03 6.14
C VAL B 53 -2.42 -31.85 4.91
N ASP B 54 -3.59 -31.27 5.15
CA ASP B 54 -4.44 -30.80 4.05
C ASP B 54 -3.91 -29.38 3.74
N ILE B 55 -3.40 -29.19 2.53
CA ILE B 55 -2.85 -27.95 2.11
C ILE B 55 -4.04 -27.00 1.74
N ASN B 56 -4.50 -26.26 2.74
CA ASN B 56 -5.69 -25.45 2.61
C ASN B 56 -5.64 -24.11 3.32
N ARG B 57 -4.43 -23.68 3.97
CA ARG B 57 -4.20 -22.35 4.53
C ARG B 57 -2.88 -21.92 3.96
N ILE B 58 -2.98 -21.26 2.79
CA ILE B 58 -1.83 -21.00 1.97
C ILE B 58 -1.61 -19.50 1.85
N VAL B 59 -0.38 -19.10 1.86
CA VAL B 59 -0.01 -17.71 1.64
C VAL B 59 1.13 -17.61 0.62
N ASP B 60 1.01 -16.69 -0.33
CA ASP B 60 2.06 -16.42 -1.27
C ASP B 60 3.31 -15.90 -0.50
N ALA B 61 4.46 -16.39 -0.86
CA ALA B 61 5.66 -16.01 -0.22
C ALA B 61 6.79 -15.88 -1.23
N LYS B 62 7.77 -15.03 -0.95
CA LYS B 62 8.89 -14.86 -1.84
C LYS B 62 10.00 -15.84 -1.63
N LEU B 63 9.71 -17.11 -1.84
CA LEU B 63 10.69 -18.14 -1.53
C LEU B 63 11.67 -18.27 -2.67
N LYS B 64 12.86 -18.72 -2.36
CA LYS B 64 13.89 -18.97 -3.37
C LYS B 64 13.67 -20.32 -4.04
N PRO B 65 14.10 -20.47 -5.29
CA PRO B 65 14.05 -21.83 -5.89
C PRO B 65 14.89 -22.81 -5.15
N ILE B 66 14.47 -24.06 -5.11
CA ILE B 66 15.27 -25.13 -4.48
C ILE B 66 16.26 -25.63 -5.54
N LYS B 67 17.51 -25.65 -5.19
CA LYS B 67 18.55 -26.11 -6.07
C LYS B 67 18.55 -27.64 -5.98
N ILE B 68 18.35 -28.29 -7.10
CA ILE B 68 18.28 -29.77 -7.17
C ILE B 68 19.45 -30.33 -8.00
N GLU B 69 20.43 -30.89 -7.30
CA GLU B 69 21.69 -31.36 -7.89
C GLU B 69 21.74 -32.88 -7.78
N TYR B 70 20.94 -33.51 -8.60
CA TYR B 70 20.86 -34.94 -8.63
C TYR B 70 21.69 -35.48 -9.83
N ARG B 71 22.20 -36.69 -9.65
CA ARG B 71 22.86 -37.46 -10.72
C ARG B 71 22.14 -38.80 -10.70
N ALA B 72 22.35 -39.61 -11.74
CA ALA B 72 21.76 -40.98 -11.78
C ALA B 72 22.38 -41.80 -10.66
N GLY B 73 21.57 -42.25 -9.70
CA GLY B 73 22.07 -42.88 -8.49
C GLY B 73 21.18 -43.92 -7.78
N ALA B 74 20.01 -44.23 -8.34
CA ALA B 74 19.16 -45.23 -7.71
C ALA B 74 19.76 -46.62 -7.92
N THR B 75 19.89 -47.39 -6.84
CA THR B 75 20.59 -48.67 -6.91
C THR B 75 19.73 -49.88 -6.64
N LYS B 76 18.80 -49.78 -5.67
CA LYS B 76 18.03 -50.91 -5.21
C LYS B 76 16.58 -50.53 -4.92
N VAL B 77 15.71 -51.51 -4.95
CA VAL B 77 14.32 -51.37 -4.65
C VAL B 77 13.92 -52.36 -3.58
N LEU B 78 13.40 -51.87 -2.46
CA LEU B 78 12.99 -52.65 -1.36
C LEU B 78 11.47 -52.59 -1.10
N ASN B 79 10.86 -53.74 -0.76
CA ASN B 79 9.51 -53.78 -0.19
C ASN B 79 9.65 -54.01 1.24
N ASN B 80 9.31 -53.02 2.06
CA ASN B 80 9.47 -53.16 3.50
C ASN B 80 8.14 -53.43 4.15
N GLY B 81 7.13 -53.77 3.38
CA GLY B 81 5.81 -54.03 3.97
C GLY B 81 4.89 -52.80 4.09
N HIS B 82 5.49 -51.63 4.13
CA HIS B 82 4.78 -50.32 4.23
C HIS B 82 4.82 -49.49 2.97
N THR B 83 5.84 -49.70 2.17
CA THR B 83 6.07 -48.98 0.97
C THR B 83 7.06 -49.73 0.11
N ILE B 84 7.28 -49.21 -1.07
CA ILE B 84 8.34 -49.58 -1.97
C ILE B 84 9.35 -48.39 -1.86
N LYS B 85 10.58 -48.71 -1.45
CA LYS B 85 11.63 -47.77 -1.18
C LYS B 85 12.84 -47.99 -2.06
N VAL B 86 13.25 -46.96 -2.74
CA VAL B 86 14.37 -46.96 -3.71
C VAL B 86 15.56 -46.24 -3.09
N SER B 87 16.65 -46.97 -2.86
CA SER B 87 17.86 -46.40 -2.20
C SER B 87 18.66 -45.65 -3.21
N TYR B 88 19.41 -44.67 -2.73
CA TYR B 88 20.17 -43.84 -3.63
C TYR B 88 21.60 -43.85 -3.16
N GLU B 89 22.52 -43.85 -4.09
CA GLU B 89 23.90 -43.75 -3.66
C GLU B 89 24.26 -42.30 -3.37
N PRO B 90 25.26 -42.08 -2.53
CA PRO B 90 25.68 -40.74 -2.17
C PRO B 90 26.11 -39.87 -3.33
N GLY B 91 26.02 -38.56 -3.09
CA GLY B 91 26.45 -37.54 -4.06
C GLY B 91 25.39 -36.66 -4.69
N SER B 92 24.10 -36.97 -4.44
CA SER B 92 23.03 -36.18 -5.00
C SER B 92 22.41 -35.40 -3.83
N TYR B 93 22.07 -34.13 -4.08
CA TYR B 93 21.62 -33.26 -2.99
C TYR B 93 20.71 -32.12 -3.47
N ILE B 94 20.03 -31.55 -2.49
CA ILE B 94 19.29 -30.32 -2.69
C ILE B 94 19.87 -29.28 -1.75
N VAL B 95 19.59 -28.01 -2.07
CA VAL B 95 19.94 -26.90 -1.17
C VAL B 95 18.65 -26.21 -0.68
N VAL B 96 18.51 -26.12 0.63
CA VAL B 96 17.43 -25.42 1.27
C VAL B 96 18.02 -24.57 2.36
N ASP B 97 17.57 -23.32 2.45
CA ASP B 97 18.12 -22.36 3.51
C ASP B 97 19.65 -22.36 3.49
N GLY B 98 20.22 -22.49 2.32
CA GLY B 98 21.70 -22.48 2.17
C GLY B 98 22.40 -23.74 2.62
N ILE B 99 21.65 -24.76 3.00
CA ILE B 99 22.22 -25.97 3.61
C ILE B 99 22.06 -27.11 2.59
N LYS B 100 23.08 -27.97 2.51
CA LYS B 100 23.02 -29.17 1.60
C LYS B 100 22.37 -30.33 2.30
N PHE B 101 21.34 -30.87 1.67
CA PHE B 101 20.67 -32.08 2.21
C PHE B 101 20.85 -33.17 1.17
N GLU B 102 21.43 -34.26 1.59
CA GLU B 102 21.75 -35.36 0.65
C GLU B 102 20.58 -36.34 0.48
N LEU B 103 20.26 -36.62 -0.76
CA LEU B 103 19.20 -37.60 -1.11
C LEU B 103 19.63 -39.01 -0.67
N LYS B 104 18.84 -39.59 0.21
CA LYS B 104 19.06 -40.96 0.77
C LYS B 104 18.22 -42.02 0.06
N GLN B 105 16.97 -41.66 -0.22
CA GLN B 105 16.00 -42.63 -0.75
C GLN B 105 14.77 -41.92 -1.21
N PHE B 106 14.00 -42.60 -2.03
CA PHE B 106 12.64 -42.17 -2.34
C PHE B 106 11.66 -43.34 -2.22
N HIS B 107 10.42 -43.04 -1.92
CA HIS B 107 9.39 -44.09 -1.68
C HIS B 107 7.99 -43.49 -1.93
N PHE B 108 6.97 -44.32 -1.77
CA PHE B 108 5.66 -44.04 -2.34
C PHE B 108 4.54 -44.33 -1.39
N HIS B 109 3.42 -43.61 -1.61
CA HIS B 109 2.23 -43.83 -0.84
C HIS B 109 1.00 -43.78 -1.79
N ALA B 110 -0.08 -44.49 -1.41
CA ALA B 110 -1.32 -44.44 -2.22
C ALA B 110 -2.48 -44.67 -1.35
N PRO B 111 -3.51 -43.81 -1.38
CA PRO B 111 -3.52 -42.53 -2.03
C PRO B 111 -2.53 -41.51 -1.35
N SER B 112 -2.54 -40.29 -1.85
CA SER B 112 -1.57 -39.27 -1.42
C SER B 112 -1.71 -39.08 0.05
N GLU B 113 -0.62 -38.73 0.67
CA GLU B 113 -0.65 -38.39 2.06
C GLU B 113 -1.17 -36.98 2.23
N HIS B 114 -0.52 -36.04 1.56
CA HIS B 114 -1.01 -34.65 1.58
C HIS B 114 -2.25 -34.58 0.77
N LYS B 115 -3.14 -33.76 1.24
CA LYS B 115 -4.30 -33.33 0.38
C LYS B 115 -4.13 -31.88 -0.07
N LEU B 116 -4.83 -31.53 -1.14
CA LEU B 116 -4.76 -30.19 -1.71
C LEU B 116 -6.18 -29.66 -1.75
N LYS B 117 -6.44 -28.67 -0.93
CA LYS B 117 -7.79 -28.14 -0.74
C LYS B 117 -8.84 -29.21 -0.57
N GLY B 118 -8.58 -30.14 0.32
CA GLY B 118 -9.53 -31.15 0.67
C GLY B 118 -9.57 -32.34 -0.25
N GLN B 119 -8.73 -32.44 -1.24
CA GLN B 119 -8.80 -33.58 -2.16
C GLN B 119 -7.47 -34.34 -2.18
N HIS B 120 -7.56 -35.66 -2.34
CA HIS B 120 -6.37 -36.54 -2.53
C HIS B 120 -5.98 -36.60 -3.95
N TYR B 121 -4.72 -36.87 -4.18
CA TYR B 121 -4.27 -37.43 -5.46
C TYR B 121 -4.19 -38.94 -5.24
N PRO B 122 -4.15 -39.75 -6.32
CA PRO B 122 -4.16 -41.21 -6.09
C PRO B 122 -2.81 -41.74 -5.63
N PHE B 123 -1.76 -40.92 -5.75
CA PHE B 123 -0.43 -41.37 -5.48
C PHE B 123 0.51 -40.20 -5.16
N GLU B 124 1.52 -40.47 -4.31
CA GLU B 124 2.49 -39.45 -3.89
C GLU B 124 3.84 -40.09 -3.68
N ALA B 125 4.87 -39.47 -4.24
CA ALA B 125 6.24 -39.82 -3.99
C ALA B 125 6.95 -38.87 -3.00
N HIS B 126 7.81 -39.45 -2.18
CA HIS B 126 8.61 -38.73 -1.22
C HIS B 126 10.08 -38.98 -1.45
N PHE B 127 10.84 -37.91 -1.53
CA PHE B 127 12.27 -37.89 -1.74
C PHE B 127 12.87 -37.41 -0.46
N VAL B 128 13.60 -38.31 0.22
CA VAL B 128 14.03 -38.08 1.59
C VAL B 128 15.50 -37.71 1.60
N HIS B 129 15.80 -36.59 2.25
CA HIS B 129 17.13 -36.01 2.30
C HIS B 129 17.54 -35.71 3.71
N ALA B 130 18.85 -35.76 3.96
CA ALA B 130 19.40 -35.48 5.32
C ALA B 130 20.67 -34.67 5.21
N ASP B 131 20.78 -33.63 6.04
CA ASP B 131 22.00 -32.85 6.01
C ASP B 131 23.05 -33.57 6.86
N LYS B 132 24.22 -32.98 7.00
CA LYS B 132 25.35 -33.62 7.75
C LYS B 132 25.08 -33.83 9.20
N HIS B 133 24.21 -33.02 9.79
CA HIS B 133 23.74 -33.22 11.19
C HIS B 133 22.46 -34.06 11.35
N GLY B 134 21.96 -34.66 10.26
CA GLY B 134 20.75 -35.51 10.35
C GLY B 134 19.41 -34.75 10.28
N ASN B 135 19.41 -33.43 10.05
CA ASN B 135 18.19 -32.72 9.81
C ASN B 135 17.62 -33.19 8.48
N LEU B 136 16.31 -33.38 8.44
CA LEU B 136 15.65 -33.96 7.26
C LEU B 136 14.86 -32.99 6.42
N ALA B 137 14.92 -33.17 5.12
CA ALA B 137 14.11 -32.43 4.21
C ALA B 137 13.48 -33.44 3.27
N VAL B 138 12.16 -33.39 3.13
CA VAL B 138 11.44 -34.25 2.19
C VAL B 138 10.76 -33.45 1.08
N ILE B 139 10.96 -33.85 -0.16
CA ILE B 139 10.24 -33.37 -1.33
C ILE B 139 9.12 -34.32 -1.65
N GLY B 140 7.89 -33.80 -1.64
CA GLY B 140 6.72 -34.56 -2.00
C GLY B 140 6.29 -34.20 -3.40
N VAL B 141 5.90 -35.20 -4.18
CA VAL B 141 5.42 -35.05 -5.56
C VAL B 141 4.14 -35.83 -5.71
N PHE B 142 3.10 -35.11 -6.10
CA PHE B 142 1.84 -35.72 -6.36
C PHE B 142 1.87 -36.37 -7.77
N PHE B 143 1.11 -37.48 -7.91
CA PHE B 143 0.94 -38.14 -9.25
C PHE B 143 -0.57 -38.25 -9.44
N LYS B 144 -0.99 -37.94 -10.64
CA LYS B 144 -2.36 -38.12 -11.04
C LYS B 144 -2.43 -39.29 -12.04
N GLU B 145 -3.61 -39.85 -12.21
CA GLU B 145 -3.81 -40.92 -13.14
C GLU B 145 -3.68 -40.34 -14.54
N GLY B 146 -2.93 -40.98 -15.39
CA GLY B 146 -2.72 -40.50 -16.72
C GLY B 146 -1.90 -41.45 -17.54
N ARG B 147 -1.00 -40.90 -18.30
CA ARG B 147 -0.11 -41.65 -19.13
C ARG B 147 0.88 -42.40 -18.28
N GLU B 148 1.28 -43.56 -18.74
CA GLU B 148 2.22 -44.39 -18.03
C GLU B 148 3.56 -43.70 -17.82
N ASN B 149 4.11 -43.81 -16.62
CA ASN B 149 5.36 -43.16 -16.31
C ASN B 149 6.50 -44.06 -16.68
N PRO B 150 7.34 -43.51 -17.62
CA PRO B 150 8.45 -44.34 -18.03
C PRO B 150 9.48 -44.69 -16.98
N ILE B 151 9.77 -43.79 -16.07
CA ILE B 151 10.76 -44.06 -15.02
C ILE B 151 10.21 -45.02 -13.96
N LEU B 152 9.00 -44.79 -13.55
CA LEU B 152 8.34 -45.73 -12.69
C LEU B 152 8.23 -47.15 -13.32
N GLU B 153 8.07 -47.24 -14.64
CA GLU B 153 7.99 -48.59 -15.31
C GLU B 153 9.22 -49.41 -15.07
N LYS B 154 10.39 -48.75 -15.08
CA LYS B 154 11.62 -49.44 -14.75
C LYS B 154 11.68 -50.01 -13.36
N ILE B 155 11.09 -49.31 -12.38
CA ILE B 155 11.10 -49.79 -11.02
C ILE B 155 10.02 -50.83 -10.84
N TRP B 156 8.87 -50.55 -11.40
CA TRP B 156 7.67 -51.44 -11.24
C TRP B 156 7.95 -52.88 -11.81
N LYS B 157 8.67 -52.93 -12.92
CA LYS B 157 9.08 -54.18 -13.59
C LYS B 157 9.80 -55.17 -12.69
N VAL B 158 10.50 -54.65 -11.71
CA VAL B 158 11.27 -55.39 -10.78
C VAL B 158 10.79 -55.27 -9.32
N MET B 159 9.62 -54.71 -9.09
CA MET B 159 9.16 -54.49 -7.74
C MET B 159 8.98 -55.74 -6.93
N PRO B 160 9.66 -55.77 -5.72
CA PRO B 160 9.46 -56.97 -4.92
C PRO B 160 8.06 -57.08 -4.37
N GLU B 161 7.47 -58.26 -4.45
CA GLU B 161 6.12 -58.42 -3.98
C GLU B 161 5.89 -58.67 -2.53
N ASN B 162 6.93 -58.99 -1.77
CA ASN B 162 6.73 -59.23 -0.35
C ASN B 162 7.64 -58.45 0.55
N ALA B 163 7.19 -58.21 1.75
CA ALA B 163 7.94 -57.49 2.69
C ALA B 163 9.23 -58.18 2.94
N GLY B 164 10.28 -57.41 3.07
CA GLY B 164 11.62 -57.90 3.32
C GLY B 164 12.48 -58.25 2.13
N GLU B 165 11.94 -58.11 0.94
CA GLU B 165 12.66 -58.40 -0.28
C GLU B 165 13.17 -57.17 -0.97
N GLU B 166 14.43 -57.21 -1.38
CA GLU B 166 15.08 -56.12 -2.06
C GLU B 166 15.72 -56.59 -3.33
N VAL B 167 15.75 -55.77 -4.35
CA VAL B 167 16.33 -56.10 -5.63
C VAL B 167 17.15 -54.98 -6.18
N LYS B 168 18.25 -55.32 -6.82
CA LYS B 168 19.11 -54.35 -7.43
C LYS B 168 18.61 -53.97 -8.79
N LEU B 169 18.70 -52.70 -9.10
CA LEU B 169 18.27 -52.21 -10.39
C LEU B 169 19.32 -52.53 -11.41
N ALA B 170 18.90 -52.89 -12.61
CA ALA B 170 19.84 -53.19 -13.65
C ALA B 170 20.62 -51.94 -14.04
N HIS B 171 19.93 -50.83 -14.17
CA HIS B 171 20.58 -49.58 -14.53
C HIS B 171 20.22 -48.47 -13.56
N LYS B 172 21.17 -47.58 -13.30
CA LYS B 172 20.90 -46.48 -12.39
C LYS B 172 19.87 -45.52 -12.96
N ILE B 173 19.00 -45.07 -12.09
CA ILE B 173 17.93 -44.19 -12.44
C ILE B 173 18.20 -42.84 -11.82
N ASN B 174 17.82 -41.78 -12.50
CA ASN B 174 17.99 -40.43 -12.00
C ASN B 174 16.66 -39.98 -11.46
N ALA B 175 16.62 -39.73 -10.17
CA ALA B 175 15.38 -39.30 -9.50
C ALA B 175 14.82 -37.95 -10.05
N GLU B 176 15.68 -37.15 -10.64
CA GLU B 176 15.31 -35.87 -11.23
C GLU B 176 14.27 -36.03 -12.30
N ASP B 177 14.30 -37.17 -12.99
CA ASP B 177 13.28 -37.45 -13.98
C ASP B 177 11.90 -37.69 -13.43
N LEU B 178 11.78 -37.95 -12.15
CA LEU B 178 10.47 -38.04 -11.49
C LEU B 178 9.97 -36.69 -10.92
N LEU B 179 10.74 -35.62 -11.07
CA LEU B 179 10.32 -34.28 -10.53
C LEU B 179 9.78 -33.45 -11.66
N PRO B 180 8.78 -32.60 -11.38
CA PRO B 180 8.31 -31.73 -12.50
C PRO B 180 9.34 -30.74 -12.93
N LYS B 181 9.23 -30.28 -14.16
CA LYS B 181 10.13 -29.24 -14.71
C LYS B 181 9.78 -27.87 -14.13
N ASP B 182 8.49 -27.60 -13.98
CA ASP B 182 8.07 -26.44 -13.18
C ASP B 182 8.33 -26.74 -11.67
N ARG B 183 9.17 -25.93 -11.03
CA ARG B 183 9.59 -26.18 -9.69
C ARG B 183 9.02 -25.27 -8.59
N ASP B 184 7.88 -24.69 -8.85
CA ASP B 184 7.14 -24.02 -7.77
C ASP B 184 6.70 -25.06 -6.70
N TYR B 185 6.66 -24.63 -5.45
CA TYR B 185 6.41 -25.53 -4.32
C TYR B 185 5.70 -24.88 -3.15
N TYR B 186 5.09 -25.73 -2.32
CA TYR B 186 4.56 -25.41 -1.01
C TYR B 186 5.59 -25.79 0.02
N ARG B 187 5.74 -24.97 1.05
CA ARG B 187 6.71 -25.25 2.13
C ARG B 187 6.08 -25.13 3.46
N TYR B 188 6.37 -26.08 4.36
CA TYR B 188 5.99 -25.95 5.74
C TYR B 188 6.89 -26.81 6.62
N SER B 189 6.81 -26.55 7.90
CA SER B 189 7.55 -27.26 8.95
C SER B 189 6.69 -28.38 9.50
N GLY B 190 7.16 -29.60 9.33
CA GLY B 190 6.38 -30.75 9.72
C GLY B 190 7.16 -31.91 10.33
N SER B 191 6.75 -33.11 9.96
CA SER B 191 7.20 -34.37 10.63
C SER B 191 7.36 -35.49 9.65
N LEU B 192 8.01 -36.57 10.13
CA LEU B 192 7.96 -37.84 9.39
C LEU B 192 6.54 -38.36 9.51
N THR B 193 6.08 -39.06 8.47
CA THR B 193 4.67 -39.54 8.44
C THR B 193 4.49 -40.98 8.89
N THR B 194 5.57 -41.56 9.35
CA THR B 194 5.53 -42.87 10.03
C THR B 194 6.27 -42.78 11.33
N PRO B 195 5.89 -43.62 12.33
CA PRO B 195 6.55 -43.57 13.66
C PRO B 195 8.04 -43.68 13.56
N PRO B 196 8.82 -42.89 14.28
CA PRO B 196 8.40 -42.10 15.42
C PRO B 196 7.80 -40.68 15.11
N CYS B 197 7.54 -40.35 13.83
CA CYS B 197 6.88 -39.12 13.48
C CYS B 197 7.63 -37.85 14.02
N SER B 198 8.92 -37.92 13.93
CA SER B 198 9.86 -36.90 14.42
C SER B 198 9.55 -35.56 13.69
N GLU B 199 9.59 -34.49 14.46
CA GLU B 199 9.36 -33.15 13.97
C GLU B 199 10.68 -32.46 13.54
N GLY B 200 10.62 -31.21 13.13
CA GLY B 200 11.80 -30.53 12.63
C GLY B 200 12.10 -30.93 11.20
N VAL B 201 11.09 -31.42 10.47
CA VAL B 201 11.27 -31.78 9.07
C VAL B 201 10.84 -30.68 8.12
N ARG B 202 11.70 -30.36 7.17
CA ARG B 202 11.34 -29.40 6.10
C ARG B 202 10.55 -30.13 5.03
N TRP B 203 9.31 -29.70 4.82
CA TRP B 203 8.50 -30.26 3.69
C TRP B 203 8.46 -29.29 2.54
N ILE B 204 8.80 -29.79 1.37
CA ILE B 204 8.75 -29.13 0.10
C ILE B 204 7.80 -29.95 -0.75
N VAL B 205 6.61 -29.48 -1.00
CA VAL B 205 5.62 -30.22 -1.82
C VAL B 205 5.48 -29.49 -3.14
N MET B 206 5.83 -30.18 -4.22
CA MET B 206 5.77 -29.60 -5.52
C MET B 206 4.32 -29.28 -5.94
N GLU B 207 4.17 -28.07 -6.51
CA GLU B 207 2.84 -27.60 -6.95
C GLU B 207 2.35 -28.41 -8.19
N GLU B 208 3.28 -28.75 -9.08
CA GLU B 208 2.94 -29.47 -10.29
C GLU B 208 2.96 -30.97 -10.07
N GLU B 209 1.87 -31.62 -10.46
CA GLU B 209 1.67 -33.06 -10.40
C GLU B 209 2.34 -33.75 -11.58
N MET B 210 2.82 -34.97 -11.32
CA MET B 210 3.39 -35.84 -12.36
C MET B 210 2.26 -36.85 -12.68
N GLU B 211 2.53 -37.78 -13.58
CA GLU B 211 1.52 -38.67 -14.08
C GLU B 211 2.02 -40.10 -14.11
N MET B 212 1.10 -41.03 -13.87
CA MET B 212 1.31 -42.46 -13.97
C MET B 212 0.00 -43.12 -14.45
N SER B 213 0.08 -44.31 -15.02
CA SER B 213 -1.09 -45.05 -15.51
C SER B 213 -1.95 -45.69 -14.44
N LYS B 214 -3.19 -46.00 -14.76
CA LYS B 214 -4.08 -46.64 -13.81
C LYS B 214 -3.48 -47.98 -13.44
N GLU B 215 -2.90 -48.64 -14.41
CA GLU B 215 -2.32 -49.93 -14.18
C GLU B 215 -1.19 -49.87 -13.17
N GLN B 216 -0.34 -48.86 -13.28
CA GLN B 216 0.76 -48.68 -12.36
C GLN B 216 0.25 -48.43 -10.96
N ILE B 217 -0.78 -47.62 -10.83
CA ILE B 217 -1.35 -47.37 -9.51
C ILE B 217 -1.96 -48.64 -8.93
N GLU B 218 -2.63 -49.40 -9.78
CA GLU B 218 -3.27 -50.63 -9.35
C GLU B 218 -2.24 -51.63 -8.87
N LYS B 219 -1.15 -51.76 -9.59
CA LYS B 219 -0.14 -52.68 -9.20
C LYS B 219 0.46 -52.36 -7.85
N PHE B 220 0.78 -51.09 -7.61
CA PHE B 220 1.34 -50.71 -6.34
C PHE B 220 0.35 -51.01 -5.26
N ARG B 221 -0.90 -50.69 -5.48
CA ARG B 221 -1.91 -50.95 -4.48
C ARG B 221 -2.08 -52.42 -4.20
N LYS B 222 -2.05 -53.24 -5.22
CA LYS B 222 -2.22 -54.67 -5.03
C LYS B 222 -1.10 -55.22 -4.19
N ILE B 223 0.13 -54.83 -4.50
CA ILE B 223 1.25 -55.29 -3.74
C ILE B 223 1.23 -54.86 -2.29
N MET B 224 0.89 -53.61 -2.04
CA MET B 224 0.81 -53.09 -0.69
C MET B 224 -0.31 -53.72 0.09
N GLY B 225 -1.38 -54.05 -0.60
CA GLY B 225 -2.51 -54.67 0.03
C GLY B 225 -3.53 -53.77 0.67
N GLY B 226 -3.37 -52.47 0.49
CA GLY B 226 -4.29 -51.51 1.04
C GLY B 226 -3.75 -50.10 0.99
N ASP B 227 -4.44 -49.16 1.58
CA ASP B 227 -4.00 -47.79 1.59
C ASP B 227 -2.72 -47.66 2.39
N THR B 228 -1.81 -46.81 1.95
CA THR B 228 -0.56 -46.59 2.64
C THR B 228 -0.33 -45.17 3.10
N ASN B 229 -1.40 -44.49 3.47
CA ASN B 229 -1.30 -43.12 3.88
C ASN B 229 -1.71 -42.81 5.30
N ARG B 230 -0.92 -42.02 5.98
CA ARG B 230 -1.35 -41.53 7.28
C ARG B 230 -2.46 -40.50 7.10
N PRO B 231 -3.46 -40.50 7.97
CA PRO B 231 -4.48 -39.46 7.84
C PRO B 231 -3.86 -38.04 8.08
N VAL B 232 -4.44 -37.05 7.41
CA VAL B 232 -3.95 -35.67 7.55
C VAL B 232 -4.11 -35.22 8.99
N GLN B 233 -3.20 -34.38 9.41
CA GLN B 233 -3.08 -33.92 10.77
C GLN B 233 -3.36 -32.43 10.78
N PRO B 234 -3.74 -31.90 11.93
CA PRO B 234 -4.14 -30.49 11.94
C PRO B 234 -2.93 -29.57 11.68
N LEU B 235 -3.22 -28.39 11.14
CA LEU B 235 -2.19 -27.40 10.90
C LEU B 235 -1.82 -26.66 12.17
N ASN B 236 -2.79 -26.46 13.03
CA ASN B 236 -2.57 -25.77 14.27
C ASN B 236 -2.09 -24.35 14.03
N ALA B 237 -0.94 -23.95 14.52
CA ALA B 237 -0.44 -22.60 14.31
C ALA B 237 0.16 -22.33 12.94
N ARG B 238 0.34 -23.42 12.09
CA ARG B 238 1.07 -23.29 10.86
C ARG B 238 0.33 -22.70 9.68
N MET B 239 1.11 -22.07 8.83
CA MET B 239 0.68 -21.69 7.47
C MET B 239 1.50 -22.44 6.46
N ILE B 240 0.97 -22.65 5.28
CA ILE B 240 1.77 -23.25 4.23
C ILE B 240 2.19 -22.06 3.33
N MET B 241 3.45 -21.97 3.00
CA MET B 241 3.93 -20.93 2.13
C MET B 241 3.97 -21.47 0.71
N GLU B 242 3.56 -20.66 -0.24
CA GLU B 242 3.66 -21.01 -1.66
C GLU B 242 4.61 -20.12 -2.42
N LYS B 243 5.52 -20.74 -3.16
CA LYS B 243 6.48 -19.97 -3.98
C LYS B 243 5.91 -19.15 -5.20
N GLY C 22 -34.30 27.75 7.86
CA GLY C 22 -33.71 28.46 6.70
C GLY C 22 -32.32 29.08 6.86
N TRP C 23 -31.60 28.89 7.98
CA TRP C 23 -30.22 29.46 8.09
C TRP C 23 -29.30 28.72 7.15
N SER C 24 -28.31 29.41 6.62
CA SER C 24 -27.37 28.76 5.74
C SER C 24 -25.98 29.31 5.89
N TYR C 25 -25.05 28.63 5.24
CA TYR C 25 -23.66 29.09 5.18
C TYR C 25 -23.35 30.13 4.12
N HIS C 26 -24.32 30.41 3.24
CA HIS C 26 -24.12 31.23 2.00
C HIS C 26 -25.32 32.18 1.79
N GLY C 27 -25.03 33.31 1.16
CA GLY C 27 -26.07 34.20 0.66
C GLY C 27 -26.84 34.98 1.70
N GLU C 28 -28.13 35.12 1.44
CA GLU C 28 -28.99 36.10 2.12
C GLU C 28 -29.43 35.61 3.51
N HIS C 29 -29.46 34.30 3.68
CA HIS C 29 -29.70 33.63 4.96
C HIS C 29 -28.36 33.12 5.61
N GLY C 30 -27.25 33.66 5.11
CA GLY C 30 -25.89 33.33 5.53
C GLY C 30 -25.45 33.94 6.88
N PRO C 31 -24.21 33.67 7.30
CA PRO C 31 -23.79 33.87 8.72
C PRO C 31 -23.90 35.30 9.22
N GLU C 32 -23.59 36.28 8.37
CA GLU C 32 -23.77 37.70 8.76
C GLU C 32 -25.25 38.12 9.05
N HIS C 33 -26.22 37.29 8.67
CA HIS C 33 -27.67 37.61 8.79
C HIS C 33 -28.41 36.74 9.72
N TRP C 34 -27.74 35.71 10.24
CA TRP C 34 -28.39 34.72 11.12
C TRP C 34 -29.23 35.35 12.23
N GLY C 35 -28.67 36.41 12.82
CA GLY C 35 -29.32 37.06 13.97
C GLY C 35 -30.65 37.76 13.68
N ASP C 36 -30.84 38.13 12.43
CA ASP C 36 -32.05 38.77 11.91
C ASP C 36 -33.12 37.76 11.48
N LEU C 37 -32.77 36.47 11.38
CA LEU C 37 -33.71 35.45 10.91
C LEU C 37 -34.85 35.13 11.87
N LYS C 38 -34.58 35.09 13.16
CA LYS C 38 -35.62 34.84 14.19
C LYS C 38 -35.19 35.39 15.51
N ASP C 39 -36.17 35.58 16.40
CA ASP C 39 -35.94 36.08 17.75
C ASP C 39 -35.04 35.13 18.55
N GLU C 40 -35.21 33.82 18.35
CA GLU C 40 -34.45 32.79 19.06
C GLU C 40 -32.94 32.80 18.69
N TYR C 41 -32.58 33.43 17.59
CA TYR C 41 -31.19 33.58 17.14
C TYR C 41 -30.50 34.90 17.59
N ILE C 42 -31.09 35.58 18.56
CA ILE C 42 -30.57 36.88 19.02
C ILE C 42 -29.08 36.87 19.41
N MET C 43 -28.59 35.77 20.00
CA MET C 43 -27.14 35.70 20.39
C MET C 43 -26.21 35.83 19.23
N CYS C 44 -26.63 35.31 18.08
CA CYS C 44 -25.81 35.38 16.84
C CYS C 44 -25.53 36.85 16.52
N LYS C 45 -26.41 37.72 16.93
CA LYS C 45 -26.24 39.13 16.66
C LYS C 45 -25.63 39.92 17.79
N ILE C 46 -26.12 39.72 18.98
CA ILE C 46 -25.65 40.46 20.10
C ILE C 46 -24.61 39.82 21.01
N GLY C 47 -24.31 38.56 20.83
CA GLY C 47 -23.35 37.89 21.69
C GLY C 47 -21.95 38.44 21.65
N LYS C 48 -21.34 38.50 22.81
CA LYS C 48 -19.97 38.94 22.93
C LYS C 48 -19.00 37.78 23.21
N ASN C 49 -19.50 36.57 23.29
CA ASN C 49 -18.66 35.41 23.55
C ASN C 49 -19.00 34.30 22.59
N GLN C 50 -18.83 34.60 21.31
CA GLN C 50 -19.16 33.70 20.22
C GLN C 50 -17.99 32.90 19.70
N SER C 51 -18.32 31.80 19.07
CA SER C 51 -17.38 30.87 18.47
C SER C 51 -17.80 30.71 17.01
N PRO C 52 -16.87 30.38 16.03
CA PRO C 52 -15.48 30.18 16.46
C PRO C 52 -14.69 31.44 16.58
N VAL C 53 -13.42 31.28 16.86
CA VAL C 53 -12.51 32.39 17.00
C VAL C 53 -11.19 32.07 16.39
N ASP C 54 -10.40 33.10 16.20
CA ASP C 54 -9.09 32.96 15.68
C ASP C 54 -8.32 32.88 16.95
N ILE C 55 -7.57 31.81 17.13
CA ILE C 55 -6.83 31.62 18.33
C ILE C 55 -5.55 32.39 18.24
N ASN C 56 -5.65 33.66 18.59
CA ASN C 56 -4.52 34.55 18.54
C ASN C 56 -4.11 35.33 19.76
N ARG C 57 -4.81 35.16 20.86
CA ARG C 57 -4.48 35.82 22.13
C ARG C 57 -4.47 34.71 23.16
N ILE C 58 -3.31 34.16 23.34
CA ILE C 58 -3.11 33.01 24.16
C ILE C 58 -2.26 33.26 25.36
N VAL C 59 -2.64 32.62 26.44
CA VAL C 59 -1.92 32.70 27.69
C VAL C 59 -1.69 31.29 28.23
N ASP C 60 -0.50 31.05 28.77
CA ASP C 60 -0.18 29.76 29.32
C ASP C 60 -0.91 29.59 30.66
N ALA C 61 -1.58 28.47 30.85
CA ALA C 61 -2.31 28.22 32.08
C ALA C 61 -2.13 26.84 32.64
N LYS C 62 -2.22 26.71 33.95
CA LYS C 62 -2.05 25.43 34.58
C LYS C 62 -3.31 24.58 34.59
N LEU C 63 -3.79 24.23 33.41
CA LEU C 63 -4.99 23.43 33.28
C LEU C 63 -4.75 21.95 33.52
N LYS C 64 -5.77 21.24 33.98
CA LYS C 64 -5.67 19.82 34.20
C LYS C 64 -5.96 19.08 32.92
N PRO C 65 -5.41 17.82 32.82
CA PRO C 65 -5.76 17.10 31.60
C PRO C 65 -7.24 16.80 31.58
N ILE C 66 -7.83 16.72 30.40
CA ILE C 66 -9.22 16.40 30.31
C ILE C 66 -9.28 14.89 30.31
N LYS C 67 -10.11 14.32 31.17
CA LYS C 67 -10.24 12.90 31.21
C LYS C 67 -11.24 12.53 30.14
N ILE C 68 -10.82 11.69 29.23
CA ILE C 68 -11.66 11.24 28.15
C ILE C 68 -11.93 9.79 28.28
N GLU C 69 -13.18 9.47 28.51
CA GLU C 69 -13.59 8.12 28.72
C GLU C 69 -14.58 7.69 27.67
N TYR C 70 -14.07 7.39 26.50
CA TYR C 70 -14.90 6.95 25.41
C TYR C 70 -14.71 5.46 25.22
N ARG C 71 -15.72 4.84 24.66
CA ARG C 71 -15.68 3.44 24.34
C ARG C 71 -16.33 3.42 22.97
N ALA C 72 -16.27 2.32 22.22
CA ALA C 72 -16.80 2.22 20.87
C ALA C 72 -18.31 2.39 20.94
N GLY C 73 -18.84 3.43 20.29
CA GLY C 73 -20.28 3.75 20.38
C GLY C 73 -20.92 4.51 19.21
N ALA C 74 -20.21 4.76 18.11
CA ALA C 74 -20.83 5.41 16.95
C ALA C 74 -21.81 4.44 16.30
N THR C 75 -22.92 5.01 16.13
CA THR C 75 -23.94 4.17 15.52
C THR C 75 -24.44 4.52 14.14
N LYS C 76 -24.87 5.76 13.95
CA LYS C 76 -25.47 6.18 12.71
C LYS C 76 -24.83 7.36 12.09
N VAL C 77 -25.02 7.51 10.79
CA VAL C 77 -24.49 8.62 10.07
C VAL C 77 -25.61 9.32 9.36
N LEU C 78 -25.69 10.62 9.56
CA LEU C 78 -26.73 11.43 9.00
C LEU C 78 -26.17 12.59 8.23
N ASN C 79 -26.82 12.91 7.12
CA ASN C 79 -26.45 14.04 6.32
C ASN C 79 -27.61 14.96 6.49
N ASN C 80 -27.42 16.08 7.17
CA ASN C 80 -28.51 17.02 7.38
C ASN C 80 -28.45 18.21 6.46
N GLY C 81 -27.50 18.19 5.58
CA GLY C 81 -27.32 19.25 4.63
C GLY C 81 -26.37 20.32 5.05
N HIS C 82 -25.99 20.35 6.32
CA HIS C 82 -25.04 21.34 6.82
C HIS C 82 -23.76 20.65 7.18
N THR C 83 -23.89 19.38 7.54
CA THR C 83 -22.74 18.59 7.96
C THR C 83 -23.09 17.11 7.78
N ILE C 84 -22.08 16.29 8.02
CA ILE C 84 -22.24 14.84 8.25
C ILE C 84 -22.07 14.66 9.77
N LYS C 85 -23.08 14.08 10.38
CA LYS C 85 -23.15 13.94 11.79
C LYS C 85 -23.22 12.48 12.15
N VAL C 86 -22.32 12.07 13.01
CA VAL C 86 -22.28 10.71 13.57
C VAL C 86 -22.83 10.67 15.01
N SER C 87 -23.92 9.94 15.20
CA SER C 87 -24.56 9.82 16.53
C SER C 87 -23.82 8.81 17.37
N TYR C 88 -23.89 9.00 18.67
CA TYR C 88 -23.13 8.15 19.59
C TYR C 88 -24.08 7.62 20.62
N GLU C 89 -23.93 6.36 20.96
CA GLU C 89 -24.82 5.82 21.97
C GLU C 89 -24.32 6.29 23.34
N PRO C 90 -25.22 6.41 24.31
CA PRO C 90 -24.83 6.75 25.67
C PRO C 90 -23.70 5.91 26.31
N GLY C 91 -23.02 6.53 27.28
CA GLY C 91 -22.01 5.86 28.12
C GLY C 91 -20.59 6.34 27.93
N SER C 92 -20.34 7.21 26.95
CA SER C 92 -19.02 7.78 26.74
C SER C 92 -19.04 9.24 27.19
N TYR C 93 -17.98 9.67 27.85
CA TYR C 93 -17.97 11.00 28.46
C TYR C 93 -16.60 11.59 28.62
N ILE C 94 -16.58 12.89 28.88
CA ILE C 94 -15.38 13.61 29.28
C ILE C 94 -15.65 14.28 30.61
N VAL C 95 -14.57 14.66 31.29
CA VAL C 95 -14.67 15.36 32.59
C VAL C 95 -13.94 16.70 32.50
N VAL C 96 -14.71 17.76 32.75
CA VAL C 96 -14.21 19.11 32.71
C VAL C 96 -14.73 19.79 33.95
N ASP C 97 -13.85 20.50 34.66
CA ASP C 97 -14.20 21.16 35.93
C ASP C 97 -14.89 20.21 36.90
N GLY C 98 -14.47 18.97 36.90
CA GLY C 98 -15.09 17.96 37.77
C GLY C 98 -16.47 17.50 37.37
N ILE C 99 -16.96 17.88 36.19
CA ILE C 99 -18.33 17.58 35.77
C ILE C 99 -18.26 16.61 34.62
N LYS C 100 -19.18 15.66 34.60
CA LYS C 100 -19.24 14.69 33.49
C LYS C 100 -20.07 15.26 32.32
N PHE C 101 -19.50 15.26 31.12
CA PHE C 101 -20.24 15.69 29.92
C PHE C 101 -20.30 14.50 28.96
N GLU C 102 -21.51 14.02 28.66
CA GLU C 102 -21.69 12.84 27.86
C GLU C 102 -21.62 13.14 26.34
N LEU C 103 -20.85 12.34 25.62
CA LEU C 103 -20.66 12.48 24.18
C LEU C 103 -21.97 12.11 23.48
N LYS C 104 -22.53 13.06 22.72
CA LYS C 104 -23.81 12.88 21.98
C LYS C 104 -23.60 12.58 20.51
N GLN C 105 -22.63 13.28 19.93
CA GLN C 105 -22.39 13.17 18.51
C GLN C 105 -21.13 13.85 18.14
N PHE C 106 -20.64 13.51 16.95
CA PHE C 106 -19.58 14.29 16.35
C PHE C 106 -19.87 14.59 14.89
N HIS C 107 -19.31 15.67 14.38
CA HIS C 107 -19.61 16.13 13.05
C HIS C 107 -18.44 16.96 12.55
N PHE C 108 -18.57 17.43 11.31
CA PHE C 108 -17.43 18.01 10.60
C PHE C 108 -17.73 19.36 9.92
N HIS C 109 -16.66 20.12 9.70
CA HIS C 109 -16.70 21.34 8.95
C HIS C 109 -15.49 21.45 8.03
N ALA C 110 -15.66 22.12 6.91
CA ALA C 110 -14.54 22.36 6.00
C ALA C 110 -14.72 23.69 5.28
N PRO C 111 -13.69 24.55 5.23
CA PRO C 111 -12.51 24.44 6.02
C PRO C 111 -12.79 24.57 7.55
N SER C 112 -11.72 24.62 8.33
CA SER C 112 -11.83 24.70 9.81
C SER C 112 -12.64 25.91 10.25
N GLU C 113 -13.40 25.74 11.33
CA GLU C 113 -14.12 26.90 11.94
C GLU C 113 -13.17 27.79 12.72
N HIS C 114 -12.43 27.20 13.65
CA HIS C 114 -11.35 27.93 14.32
C HIS C 114 -10.20 28.15 13.40
N LYS C 115 -9.55 29.26 13.64
CA LYS C 115 -8.25 29.50 13.06
C LYS C 115 -7.18 29.48 14.11
N LEU C 116 -5.95 29.27 13.68
CA LEU C 116 -4.82 29.28 14.59
C LEU C 116 -3.80 30.30 14.09
N LYS C 117 -3.58 31.33 14.88
CA LYS C 117 -2.78 32.49 14.46
C LYS C 117 -3.05 32.93 13.01
N GLY C 118 -4.31 33.10 12.68
CA GLY C 118 -4.69 33.66 11.40
C GLY C 118 -4.79 32.66 10.26
N GLN C 119 -4.56 31.37 10.50
CA GLN C 119 -4.57 30.37 9.42
C GLN C 119 -5.61 29.28 9.66
N HIS C 120 -6.32 28.92 8.60
CA HIS C 120 -7.29 27.81 8.62
C HIS C 120 -6.55 26.48 8.47
N TYR C 121 -7.16 25.42 8.97
CA TYR C 121 -6.85 24.07 8.51
C TYR C 121 -7.93 23.74 7.51
N PRO C 122 -7.70 22.74 6.64
CA PRO C 122 -8.73 22.36 5.67
C PRO C 122 -9.94 21.64 6.22
N PHE C 123 -9.85 21.18 7.47
CA PHE C 123 -10.94 20.41 8.05
C PHE C 123 -10.88 20.44 9.58
N GLU C 124 -12.06 20.30 10.19
CA GLU C 124 -12.21 20.35 11.64
C GLU C 124 -13.35 19.44 12.04
N ALA C 125 -13.08 18.64 13.08
CA ALA C 125 -14.13 17.82 13.71
C ALA C 125 -14.54 18.36 15.09
N HIS C 126 -15.82 18.18 15.40
CA HIS C 126 -16.38 18.61 16.66
C HIS C 126 -17.02 17.49 17.32
N PHE C 127 -16.68 17.31 18.58
CA PHE C 127 -17.25 16.29 19.42
C PHE C 127 -18.07 17.00 20.48
N VAL C 128 -19.36 16.71 20.46
CA VAL C 128 -20.32 17.49 21.21
C VAL C 128 -20.78 16.71 22.38
N HIS C 129 -20.67 17.34 23.56
CA HIS C 129 -21.02 16.72 24.83
C HIS C 129 -21.99 17.58 25.63
N ALA C 130 -22.80 16.93 26.44
CA ALA C 130 -23.72 17.62 27.32
C ALA C 130 -23.69 17.01 28.69
N ASP C 131 -23.69 17.84 29.72
CA ASP C 131 -23.85 17.36 31.08
C ASP C 131 -25.32 17.08 31.39
N LYS C 132 -25.61 16.62 32.60
CA LYS C 132 -27.00 16.27 33.00
C LYS C 132 -27.98 17.45 32.96
N HIS C 133 -27.48 18.67 33.13
CA HIS C 133 -28.32 19.88 33.02
C HIS C 133 -28.37 20.48 31.63
N GLY C 134 -27.79 19.82 30.63
CA GLY C 134 -27.72 20.41 29.27
C GLY C 134 -26.64 21.44 29.01
N ASN C 135 -25.74 21.72 29.95
CA ASN C 135 -24.52 22.51 29.64
C ASN C 135 -23.63 21.74 28.66
N LEU C 136 -23.12 22.45 27.67
CA LEU C 136 -22.33 21.86 26.64
C LEU C 136 -20.86 22.07 26.64
N ALA C 137 -20.14 21.08 26.17
CA ALA C 137 -18.71 21.16 26.04
C ALA C 137 -18.40 20.57 24.70
N VAL C 138 -17.56 21.22 23.93
CA VAL C 138 -17.22 20.73 22.63
C VAL C 138 -15.72 20.63 22.46
N ILE C 139 -15.27 19.51 21.88
CA ILE C 139 -13.88 19.29 21.59
C ILE C 139 -13.70 19.45 20.11
N GLY C 140 -12.72 20.21 19.72
CA GLY C 140 -12.44 20.41 18.34
C GLY C 140 -11.10 19.88 17.95
N VAL C 141 -11.04 19.23 16.81
CA VAL C 141 -9.79 18.70 16.33
C VAL C 141 -9.49 19.14 14.91
N PHE C 142 -8.30 19.70 14.73
CA PHE C 142 -7.83 20.14 13.44
C PHE C 142 -7.30 18.96 12.60
N PHE C 143 -7.70 18.86 11.35
CA PHE C 143 -7.22 17.81 10.46
C PHE C 143 -6.45 18.45 9.32
N LYS C 144 -5.33 17.87 8.93
CA LYS C 144 -4.54 18.38 7.82
C LYS C 144 -4.41 17.32 6.72
N GLU C 145 -4.00 17.73 5.54
CA GLU C 145 -3.80 16.80 4.44
C GLU C 145 -2.62 15.90 4.76
N GLY C 146 -2.76 14.63 4.43
CA GLY C 146 -1.75 13.64 4.73
C GLY C 146 -2.30 12.27 4.40
N ARG C 147 -1.82 11.26 5.11
CA ARG C 147 -2.24 9.91 4.88
C ARG C 147 -3.71 9.80 5.08
N GLU C 148 -4.36 8.90 4.37
CA GLU C 148 -5.79 8.71 4.46
C GLU C 148 -6.11 8.40 5.89
N ASN C 149 -7.27 8.80 6.36
CA ASN C 149 -7.63 8.50 7.74
C ASN C 149 -8.45 7.25 7.80
N PRO C 150 -7.87 6.27 8.58
CA PRO C 150 -8.61 5.02 8.64
C PRO C 150 -9.97 5.06 9.25
N ILE C 151 -10.19 5.77 10.34
CA ILE C 151 -11.52 5.81 10.90
C ILE C 151 -12.48 6.56 10.01
N LEU C 152 -12.02 7.67 9.48
CA LEU C 152 -12.88 8.45 8.57
C LEU C 152 -13.25 7.66 7.31
N GLU C 153 -12.34 6.79 6.84
CA GLU C 153 -12.66 5.93 5.68
C GLU C 153 -13.88 5.07 5.92
N LYS C 154 -14.02 4.54 7.12
CA LYS C 154 -15.20 3.75 7.46
C LYS C 154 -16.48 4.55 7.38
N ILE C 155 -16.43 5.81 7.76
CA ILE C 155 -17.65 6.66 7.74
C ILE C 155 -17.92 7.19 6.31
N TRP C 156 -16.83 7.59 5.65
CA TRP C 156 -16.89 8.12 4.29
C TRP C 156 -17.44 7.12 3.24
N LYS C 157 -17.07 5.85 3.40
CA LYS C 157 -17.61 4.73 2.60
C LYS C 157 -19.11 4.66 2.52
N VAL C 158 -19.78 5.12 3.58
CA VAL C 158 -21.22 4.95 3.79
C VAL C 158 -21.94 6.32 3.85
N MET C 159 -21.19 7.37 3.56
CA MET C 159 -21.63 8.76 3.78
C MET C 159 -22.88 9.08 2.97
N PRO C 160 -24.04 9.35 3.60
CA PRO C 160 -25.21 9.71 2.78
C PRO C 160 -24.99 10.99 1.96
N GLU C 161 -25.45 10.94 0.72
CA GLU C 161 -25.12 11.96 -0.29
C GLU C 161 -26.14 13.08 -0.28
N ASN C 162 -27.32 12.86 0.28
CA ASN C 162 -28.35 13.93 0.33
C ASN C 162 -28.87 14.23 1.72
N ALA C 163 -29.31 15.48 1.86
CA ALA C 163 -29.85 15.97 3.09
C ALA C 163 -31.02 15.12 3.50
N GLY C 164 -31.11 14.80 4.79
CA GLY C 164 -32.22 14.01 5.35
C GLY C 164 -31.98 12.51 5.40
N GLU C 165 -30.91 12.03 4.77
CA GLU C 165 -30.59 10.60 4.75
C GLU C 165 -29.65 10.19 5.88
N GLU C 166 -29.96 9.04 6.48
CA GLU C 166 -29.21 8.51 7.59
C GLU C 166 -28.93 7.04 7.34
N VAL C 167 -27.75 6.57 7.74
CA VAL C 167 -27.34 5.18 7.54
C VAL C 167 -26.77 4.65 8.85
N LYS C 168 -27.14 3.40 9.15
CA LYS C 168 -26.57 2.68 10.29
C LYS C 168 -25.17 2.21 9.96
N LEU C 169 -24.26 2.30 10.92
CA LEU C 169 -22.89 1.83 10.71
C LEU C 169 -22.85 0.34 10.91
N ALA C 170 -22.07 -0.32 10.07
CA ALA C 170 -21.93 -1.78 10.15
C ALA C 170 -21.27 -2.14 11.48
N HIS C 171 -20.14 -1.49 11.74
CA HIS C 171 -19.37 -1.70 12.98
C HIS C 171 -19.24 -0.41 13.81
N LYS C 172 -19.32 -0.53 15.13
CA LYS C 172 -19.25 0.62 16.03
C LYS C 172 -17.84 1.19 16.03
N ILE C 173 -17.77 2.48 15.79
CA ILE C 173 -16.50 3.20 15.75
C ILE C 173 -16.26 3.83 17.11
N ASN C 174 -15.00 3.92 17.49
CA ASN C 174 -14.62 4.57 18.73
C ASN C 174 -14.08 5.93 18.38
N ALA C 175 -14.77 6.94 18.87
CA ALA C 175 -14.35 8.33 18.58
C ALA C 175 -12.97 8.68 19.09
N GLU C 176 -12.51 7.97 20.13
CA GLU C 176 -11.18 8.23 20.71
C GLU C 176 -10.08 8.04 19.70
N ASP C 177 -10.32 7.16 18.72
CA ASP C 177 -9.37 7.00 17.61
C ASP C 177 -9.23 8.21 16.69
N LEU C 178 -10.19 9.13 16.72
CA LEU C 178 -10.05 10.40 15.99
C LEU C 178 -9.37 11.52 16.78
N LEU C 179 -8.95 11.26 18.02
CA LEU C 179 -8.32 12.28 18.84
C LEU C 179 -6.82 12.08 18.86
N PRO C 180 -6.04 13.17 18.96
CA PRO C 180 -4.60 12.93 19.05
C PRO C 180 -4.19 12.29 20.36
N LYS C 181 -3.03 11.63 20.34
CA LYS C 181 -2.44 11.02 21.57
C LYS C 181 -1.96 12.10 22.50
N ASP C 182 -1.34 13.13 21.95
CA ASP C 182 -0.92 14.27 22.76
C ASP C 182 -2.21 15.09 23.04
N ARG C 183 -2.52 15.31 24.31
CA ARG C 183 -3.80 15.92 24.65
C ARG C 183 -3.73 17.30 25.23
N ASP C 184 -2.69 18.03 24.89
CA ASP C 184 -2.63 19.44 25.21
C ASP C 184 -3.75 20.13 24.43
N TYR C 185 -4.29 21.19 25.00
CA TYR C 185 -5.46 21.86 24.43
C TYR C 185 -5.52 23.33 24.76
N TYR C 186 -6.28 24.04 23.93
CA TYR C 186 -6.68 25.42 24.15
C TYR C 186 -8.09 25.38 24.76
N ARG C 187 -8.34 26.25 25.71
CA ARG C 187 -9.66 26.34 26.29
C ARG C 187 -10.16 27.79 26.32
N TYR C 188 -11.44 27.94 26.01
CA TYR C 188 -12.11 29.24 26.14
C TYR C 188 -13.60 29.02 26.31
N SER C 189 -14.24 30.09 26.75
CA SER C 189 -15.70 30.16 26.94
C SER C 189 -16.37 30.76 25.68
N GLY C 190 -17.24 30.00 25.06
CA GLY C 190 -17.81 30.40 23.75
C GLY C 190 -19.23 29.99 23.51
N SER C 191 -19.50 29.61 22.24
CA SER C 191 -20.87 29.33 21.79
C SER C 191 -20.98 28.16 20.84
N LEU C 192 -22.22 27.76 20.59
CA LEU C 192 -22.49 26.93 19.40
C LEU C 192 -22.18 27.75 18.16
N THR C 193 -21.67 27.08 17.12
CA THR C 193 -21.29 27.77 15.87
C THR C 193 -22.43 27.82 14.81
N THR C 194 -23.59 27.26 15.16
CA THR C 194 -24.76 27.34 14.29
C THR C 194 -25.94 27.80 15.10
N PRO C 195 -26.90 28.49 14.45
CA PRO C 195 -28.00 29.09 15.23
C PRO C 195 -28.66 28.03 16.09
N PRO C 196 -29.07 28.33 17.32
CA PRO C 196 -29.16 29.67 17.91
C PRO C 196 -27.86 30.29 18.50
N CYS C 197 -26.73 29.66 18.27
CA CYS C 197 -25.45 30.18 18.73
C CYS C 197 -25.41 30.49 20.27
N SER C 198 -26.03 29.60 21.03
CA SER C 198 -26.15 29.66 22.45
C SER C 198 -24.74 29.72 23.11
N GLU C 199 -24.62 30.59 24.10
CA GLU C 199 -23.39 30.82 24.83
C GLU C 199 -23.31 29.92 26.07
N GLY C 200 -22.26 30.06 26.87
CA GLY C 200 -22.07 29.16 28.00
C GLY C 200 -21.45 27.81 27.59
N VAL C 201 -20.78 27.76 26.43
CA VAL C 201 -20.26 26.53 25.90
C VAL C 201 -18.76 26.46 26.21
N ARG C 202 -18.34 25.32 26.76
CA ARG C 202 -16.91 25.10 27.00
C ARG C 202 -16.26 24.59 25.78
N TRP C 203 -15.28 25.29 25.30
CA TRP C 203 -14.52 24.83 24.10
C TRP C 203 -13.16 24.32 24.53
N ILE C 204 -12.87 23.12 24.02
CA ILE C 204 -11.60 22.46 24.20
C ILE C 204 -11.05 22.20 22.82
N VAL C 205 -10.09 22.98 22.38
CA VAL C 205 -9.55 22.77 21.01
C VAL C 205 -8.16 22.09 21.13
N MET C 206 -8.02 20.90 20.56
CA MET C 206 -6.74 20.15 20.67
C MET C 206 -5.61 20.85 19.94
N GLU C 207 -4.48 20.95 20.62
CA GLU C 207 -3.29 21.58 20.04
C GLU C 207 -2.75 20.78 18.82
N GLU C 208 -2.78 19.45 18.92
CA GLU C 208 -2.21 18.59 17.90
C GLU C 208 -3.25 18.23 16.83
N GLU C 209 -2.86 18.45 15.59
CA GLU C 209 -3.72 18.14 14.43
C GLU C 209 -3.70 16.67 14.10
N MET C 210 -4.80 16.18 13.52
CA MET C 210 -4.86 14.84 12.96
C MET C 210 -4.68 14.97 11.44
N GLU C 211 -4.75 13.86 10.72
CA GLU C 211 -4.53 13.82 9.28
C GLU C 211 -5.60 13.07 8.52
N MET C 212 -5.84 13.54 7.31
CA MET C 212 -6.79 12.95 6.38
C MET C 212 -6.32 13.15 4.94
N SER C 213 -6.88 12.37 4.01
CA SER C 213 -6.50 12.49 2.61
C SER C 213 -7.18 13.63 1.88
N LYS C 214 -6.49 14.14 0.88
CA LYS C 214 -7.03 15.23 0.11
C LYS C 214 -8.30 14.73 -0.52
N GLU C 215 -8.32 13.49 -0.91
CA GLU C 215 -9.53 12.93 -1.50
C GLU C 215 -10.69 12.90 -0.52
N GLN C 216 -10.43 12.52 0.73
CA GLN C 216 -11.50 12.49 1.71
C GLN C 216 -12.06 13.89 1.90
N ILE C 217 -11.18 14.88 1.94
CA ILE C 217 -11.64 16.25 2.10
C ILE C 217 -12.52 16.65 0.93
N GLU C 218 -12.07 16.30 -0.26
CA GLU C 218 -12.81 16.66 -1.44
C GLU C 218 -14.14 16.00 -1.46
N LYS C 219 -14.19 14.76 -1.06
CA LYS C 219 -15.45 14.05 -1.07
C LYS C 219 -16.42 14.74 -0.16
N PHE C 220 -15.94 15.17 1.00
CA PHE C 220 -16.81 15.84 1.94
C PHE C 220 -17.33 17.15 1.38
N ARG C 221 -16.44 17.92 0.79
CA ARG C 221 -16.83 19.19 0.25
C ARG C 221 -17.84 19.02 -0.87
N LYS C 222 -17.64 18.04 -1.74
CA LYS C 222 -18.56 17.84 -2.83
C LYS C 222 -19.97 17.48 -2.35
N ILE C 223 -20.08 16.60 -1.39
CA ILE C 223 -21.39 16.22 -0.88
C ILE C 223 -22.06 17.41 -0.22
N MET C 224 -21.27 18.20 0.50
CA MET C 224 -21.73 19.40 1.20
C MET C 224 -22.16 20.53 0.25
N GLY C 225 -21.43 20.67 -0.84
CA GLY C 225 -21.71 21.68 -1.84
C GLY C 225 -20.99 22.99 -1.66
N GLY C 226 -20.09 23.05 -0.70
CA GLY C 226 -19.36 24.26 -0.47
C GLY C 226 -18.87 24.37 0.95
N ASP C 227 -18.35 25.53 1.32
CA ASP C 227 -17.83 25.76 2.65
C ASP C 227 -18.87 25.62 3.72
N THR C 228 -18.49 24.99 4.82
CA THR C 228 -19.41 24.78 5.93
C THR C 228 -19.00 25.41 7.25
N ASN C 229 -18.18 26.45 7.20
CA ASN C 229 -17.72 27.13 8.40
C ASN C 229 -18.24 28.52 8.71
N ARG C 230 -18.66 28.76 9.95
CA ARG C 230 -19.01 30.11 10.38
C ARG C 230 -17.76 30.97 10.43
N PRO C 231 -17.85 32.23 9.97
CA PRO C 231 -16.67 33.07 10.09
C PRO C 231 -16.25 33.23 11.59
N VAL C 232 -14.97 33.47 11.78
CA VAL C 232 -14.50 33.73 13.13
C VAL C 232 -15.11 34.98 13.71
N GLN C 233 -15.29 34.96 15.01
CA GLN C 233 -15.94 36.01 15.76
C GLN C 233 -14.93 36.68 16.67
N PRO C 234 -15.17 37.94 17.02
CA PRO C 234 -14.21 38.68 17.86
C PRO C 234 -14.07 38.04 19.28
N LEU C 235 -12.89 38.10 19.79
CA LEU C 235 -12.62 37.59 21.12
C LEU C 235 -13.18 38.49 22.19
N ASN C 236 -13.19 39.77 21.94
CA ASN C 236 -13.70 40.74 22.87
C ASN C 236 -12.91 40.71 24.17
N ALA C 237 -13.54 40.46 25.29
CA ALA C 237 -12.83 40.41 26.57
C ALA C 237 -12.04 39.14 26.84
N ARG C 238 -12.31 38.08 26.07
CA ARG C 238 -11.71 36.80 26.31
C ARG C 238 -10.24 36.63 26.02
N MET C 239 -9.68 35.65 26.73
CA MET C 239 -8.34 35.08 26.43
C MET C 239 -8.49 33.61 26.17
N ILE C 240 -7.59 33.05 25.40
CA ILE C 240 -7.61 31.65 25.20
C ILE C 240 -6.51 31.11 26.13
N MET C 241 -6.85 30.08 26.88
CA MET C 241 -5.90 29.48 27.78
C MET C 241 -5.27 28.27 27.08
N GLU C 242 -3.98 28.13 27.22
CA GLU C 242 -3.29 26.97 26.71
C GLU C 242 -2.70 26.10 27.81
N LYS C 243 -2.99 24.80 27.75
CA LYS C 243 -2.42 23.87 28.74
C LYS C 243 -0.86 23.70 28.71
N GLY D 22 -3.76 17.59 -23.23
CA GLY D 22 -3.97 17.24 -21.81
C GLY D 22 -3.41 18.15 -20.73
N TRP D 23 -2.86 19.35 -21.05
CA TRP D 23 -2.31 20.21 -19.97
C TRP D 23 -3.47 20.76 -19.17
N SER D 24 -3.28 20.96 -17.87
CA SER D 24 -4.35 21.56 -17.09
C SER D 24 -3.82 22.53 -16.05
N TYR D 25 -4.75 23.23 -15.42
CA TYR D 25 -4.46 24.11 -14.30
C TYR D 25 -4.31 23.41 -12.94
N HIS D 26 -4.64 22.11 -12.89
CA HIS D 26 -4.80 21.35 -11.62
C HIS D 26 -4.22 19.94 -11.77
N GLY D 27 -3.77 19.41 -10.65
CA GLY D 27 -3.39 17.99 -10.57
C GLY D 27 -2.13 17.60 -11.32
N GLU D 28 -2.19 16.41 -11.90
CA GLU D 28 -1.00 15.67 -12.33
C GLU D 28 -0.48 16.20 -13.68
N HIS D 29 -1.39 16.79 -14.45
CA HIS D 29 -1.07 17.47 -15.71
C HIS D 29 -1.02 19.03 -15.52
N GLY D 30 -0.88 19.45 -14.25
CA GLY D 30 -0.92 20.85 -13.82
C GLY D 30 0.40 21.61 -14.09
N PRO D 31 0.45 22.91 -13.72
CA PRO D 31 1.50 23.82 -14.18
C PRO D 31 2.91 23.36 -13.85
N GLU D 32 3.13 22.81 -12.66
CA GLU D 32 4.47 22.31 -12.28
C GLU D 32 4.98 21.15 -13.19
N HIS D 33 4.11 20.55 -13.99
CA HIS D 33 4.42 19.32 -14.79
C HIS D 33 4.32 19.53 -16.27
N TRP D 34 3.88 20.73 -16.67
CA TRP D 34 3.68 21.05 -18.09
C TRP D 34 4.85 20.69 -18.96
N GLY D 35 6.02 20.98 -18.44
CA GLY D 35 7.28 20.75 -19.19
C GLY D 35 7.64 19.30 -19.49
N ASP D 36 7.14 18.39 -18.64
CA ASP D 36 7.30 16.95 -18.78
C ASP D 36 6.26 16.30 -19.72
N LEU D 37 5.19 17.04 -20.10
CA LEU D 37 4.11 16.48 -20.90
C LEU D 37 4.48 16.16 -22.33
N LYS D 38 5.29 17.00 -22.96
CA LYS D 38 5.76 16.78 -24.37
C LYS D 38 7.04 17.54 -24.60
N ASP D 39 7.76 17.12 -25.64
CA ASP D 39 9.00 17.79 -26.07
C ASP D 39 8.77 19.25 -26.46
N GLU D 40 7.62 19.53 -27.10
CA GLU D 40 7.28 20.88 -27.56
C GLU D 40 7.04 21.87 -26.41
N TYR D 41 6.85 21.36 -25.19
CA TYR D 41 6.64 22.18 -24.00
C TYR D 41 7.94 22.40 -23.18
N ILE D 42 9.08 22.12 -23.79
CA ILE D 42 10.37 22.25 -23.09
C ILE D 42 10.57 23.63 -22.36
N MET D 43 10.10 24.71 -22.96
CA MET D 43 10.32 26.08 -22.37
C MET D 43 9.66 26.22 -21.01
N CYS D 44 8.51 25.53 -20.83
CA CYS D 44 7.77 25.54 -19.54
C CYS D 44 8.72 25.00 -18.42
N LYS D 45 9.72 24.22 -18.80
CA LYS D 45 10.70 23.63 -17.88
C LYS D 45 12.06 24.36 -17.79
N ILE D 46 12.65 24.71 -18.92
CA ILE D 46 14.02 25.28 -18.93
C ILE D 46 14.06 26.81 -19.11
N GLY D 47 12.93 27.41 -19.45
CA GLY D 47 12.85 28.84 -19.73
C GLY D 47 13.21 29.68 -18.55
N LYS D 48 13.96 30.74 -18.78
CA LYS D 48 14.35 31.70 -17.74
C LYS D 48 13.67 33.07 -17.89
N ASN D 49 12.80 33.18 -18.88
CA ASN D 49 12.04 34.40 -19.19
C ASN D 49 10.59 34.12 -19.37
N GLN D 50 10.05 33.46 -18.36
CA GLN D 50 8.66 32.98 -18.36
C GLN D 50 7.73 33.99 -17.70
N SER D 51 6.47 33.86 -18.07
CA SER D 51 5.37 34.67 -17.56
C SER D 51 4.30 33.73 -16.95
N PRO D 52 3.49 34.19 -16.01
CA PRO D 52 3.48 35.55 -15.53
C PRO D 52 4.53 35.72 -14.41
N VAL D 53 4.60 36.95 -13.88
CA VAL D 53 5.53 37.28 -12.87
C VAL D 53 4.87 38.14 -11.81
N ASP D 54 5.65 38.26 -10.83
CA ASP D 54 5.21 39.10 -9.76
C ASP D 54 5.96 40.35 -10.11
N ILE D 55 5.23 41.43 -10.29
CA ILE D 55 5.84 42.68 -10.67
C ILE D 55 6.38 43.34 -9.45
N ASN D 56 7.58 42.94 -9.07
CA ASN D 56 8.24 43.47 -7.91
C ASN D 56 9.61 44.05 -8.01
N ARG D 57 10.18 44.11 -9.20
CA ARG D 57 11.50 44.71 -9.44
C ARG D 57 11.28 45.63 -10.61
N ILE D 58 10.97 46.93 -10.20
CA ILE D 58 10.49 47.88 -11.17
C ILE D 58 11.45 49.06 -11.28
N VAL D 59 11.61 49.57 -12.50
CA VAL D 59 12.43 50.74 -12.74
C VAL D 59 11.71 51.69 -13.62
N ASP D 60 11.79 52.99 -13.28
CA ASP D 60 11.24 54.00 -14.17
C ASP D 60 12.00 53.95 -15.48
N ALA D 61 11.27 54.02 -16.59
CA ALA D 61 11.86 54.07 -17.90
C ALA D 61 11.13 55.03 -18.80
N LYS D 62 11.82 55.65 -19.75
CA LYS D 62 11.21 56.57 -20.68
C LYS D 62 10.57 55.83 -21.85
N LEU D 63 9.51 55.11 -21.59
CA LEU D 63 8.82 54.37 -22.63
C LEU D 63 7.83 55.21 -23.42
N LYS D 64 7.58 54.86 -24.67
CA LYS D 64 6.63 55.54 -25.52
C LYS D 64 5.24 55.04 -25.26
N PRO D 65 4.19 55.90 -25.54
CA PRO D 65 2.86 55.33 -25.35
C PRO D 65 2.62 54.24 -26.38
N ILE D 66 1.88 53.20 -26.04
CA ILE D 66 1.58 52.16 -26.99
C ILE D 66 0.44 52.72 -27.80
N LYS D 67 0.55 52.69 -29.11
CA LYS D 67 -0.46 53.22 -29.96
C LYS D 67 -1.51 52.14 -30.14
N ILE D 68 -2.74 52.43 -29.81
CA ILE D 68 -3.78 51.43 -29.93
C ILE D 68 -4.79 51.85 -30.96
N GLU D 69 -4.87 51.10 -32.04
CA GLU D 69 -5.81 51.39 -33.10
C GLU D 69 -6.79 50.23 -33.25
N TYR D 70 -7.86 50.29 -32.49
CA TYR D 70 -8.86 49.26 -32.51
C TYR D 70 -10.18 49.81 -32.99
N ARG D 71 -10.96 48.95 -33.61
CA ARG D 71 -12.28 49.31 -34.09
C ARG D 71 -13.16 48.17 -33.60
N ALA D 72 -14.47 48.36 -33.58
CA ALA D 72 -15.33 47.30 -33.08
C ALA D 72 -15.12 46.14 -33.99
N GLY D 73 -14.71 45.01 -33.42
CA GLY D 73 -14.47 43.83 -34.19
C GLY D 73 -14.63 42.45 -33.58
N ALA D 74 -15.17 42.34 -32.38
CA ALA D 74 -15.35 41.05 -31.77
C ALA D 74 -16.43 40.28 -32.51
N THR D 75 -16.17 39.04 -32.85
CA THR D 75 -17.18 38.28 -33.57
C THR D 75 -17.75 37.02 -32.92
N LYS D 76 -17.02 36.40 -32.01
CA LYS D 76 -17.45 35.15 -31.38
C LYS D 76 -16.87 34.95 -30.02
N VAL D 77 -17.54 34.12 -29.24
CA VAL D 77 -17.14 33.82 -27.88
C VAL D 77 -17.07 32.32 -27.75
N LEU D 78 -15.90 31.83 -27.38
CA LEU D 78 -15.63 30.41 -27.24
C LEU D 78 -15.27 30.05 -25.79
N ASN D 79 -15.81 28.93 -25.32
CA ASN D 79 -15.35 28.29 -24.09
C ASN D 79 -14.51 27.12 -24.54
N ASN D 80 -13.21 27.20 -24.29
CA ASN D 80 -12.30 26.12 -24.68
C ASN D 80 -11.89 25.23 -23.48
N GLY D 81 -12.56 25.37 -22.36
CA GLY D 81 -12.26 24.57 -21.19
C GLY D 81 -11.24 25.19 -20.28
N HIS D 82 -10.40 26.08 -20.81
CA HIS D 82 -9.33 26.79 -20.05
C HIS D 82 -9.62 28.26 -19.80
N THR D 83 -10.45 28.84 -20.66
CA THR D 83 -10.80 30.22 -20.60
C THR D 83 -12.04 30.45 -21.46
N ILE D 84 -12.52 31.69 -21.41
CA ILE D 84 -13.47 32.23 -22.35
C ILE D 84 -12.67 33.13 -23.28
N LYS D 85 -12.75 32.84 -24.57
CA LYS D 85 -11.94 33.51 -25.57
C LYS D 85 -12.82 34.18 -26.61
N VAL D 86 -12.60 35.46 -26.81
CA VAL D 86 -13.33 36.27 -27.77
C VAL D 86 -12.47 36.55 -28.98
N SER D 87 -12.89 36.05 -30.13
CA SER D 87 -12.16 36.25 -31.39
C SER D 87 -12.41 37.62 -31.95
N TYR D 88 -11.45 38.11 -32.69
CA TYR D 88 -11.52 39.47 -33.23
C TYR D 88 -11.29 39.39 -34.72
N GLU D 89 -12.03 40.17 -35.47
CA GLU D 89 -11.81 40.17 -36.91
C GLU D 89 -10.61 41.07 -37.23
N PRO D 90 -9.94 40.81 -38.36
CA PRO D 90 -8.75 41.57 -38.73
C PRO D 90 -8.98 43.06 -38.88
N GLY D 91 -7.89 43.82 -38.74
CA GLY D 91 -7.90 45.27 -38.92
C GLY D 91 -7.65 46.13 -37.68
N SER D 92 -7.56 45.52 -36.50
CA SER D 92 -7.29 46.26 -35.28
C SER D 92 -5.87 45.91 -34.83
N TYR D 93 -5.13 46.90 -34.37
CA TYR D 93 -3.70 46.67 -34.07
C TYR D 93 -3.14 47.63 -33.03
N ILE D 94 -1.98 47.26 -32.52
CA ILE D 94 -1.20 48.14 -31.66
C ILE D 94 0.16 48.29 -32.30
N VAL D 95 0.87 49.33 -31.86
CA VAL D 95 2.23 49.61 -32.32
C VAL D 95 3.16 49.56 -31.14
N VAL D 96 4.15 48.65 -31.23
CA VAL D 96 5.19 48.54 -30.22
C VAL D 96 6.51 48.46 -30.94
N ASP D 97 7.50 49.22 -30.48
CA ASP D 97 8.84 49.27 -31.11
C ASP D 97 8.72 49.53 -32.64
N GLY D 98 7.75 50.36 -33.01
CA GLY D 98 7.59 50.73 -34.39
C GLY D 98 7.02 49.61 -35.25
N ILE D 99 6.58 48.50 -34.63
CA ILE D 99 6.05 47.36 -35.36
C ILE D 99 4.53 47.22 -35.09
N LYS D 100 3.77 46.85 -36.13
CA LYS D 100 2.33 46.64 -36.01
C LYS D 100 2.01 45.24 -35.55
N PHE D 101 1.28 45.11 -34.46
CA PHE D 101 0.87 43.77 -33.98
C PHE D 101 -0.66 43.76 -34.05
N GLU D 102 -1.20 42.85 -34.84
CA GLU D 102 -2.64 42.75 -35.06
C GLU D 102 -3.36 41.97 -33.93
N LEU D 103 -4.44 42.56 -33.41
CA LEU D 103 -5.24 41.92 -32.37
C LEU D 103 -5.94 40.71 -32.97
N LYS D 104 -5.71 39.55 -32.36
CA LYS D 104 -6.32 38.28 -32.77
C LYS D 104 -7.50 37.86 -31.89
N GLN D 105 -7.35 38.07 -30.58
CA GLN D 105 -8.32 37.60 -29.61
C GLN D 105 -8.04 38.20 -28.26
N PHE D 106 -9.04 38.13 -27.40
CA PHE D 106 -8.84 38.38 -25.97
C PHE D 106 -9.52 37.34 -25.11
N HIS D 107 -8.98 37.12 -23.93
CA HIS D 107 -9.47 36.05 -23.06
C HIS D 107 -9.19 36.42 -21.62
N PHE D 108 -9.56 35.55 -20.70
CA PHE D 108 -9.56 35.87 -19.25
C PHE D 108 -8.98 34.81 -18.33
N HIS D 109 -8.53 35.25 -17.16
CA HIS D 109 -8.02 34.40 -16.12
C HIS D 109 -8.49 34.88 -14.75
N ALA D 110 -8.65 33.95 -13.83
CA ALA D 110 -9.07 34.30 -12.45
C ALA D 110 -8.50 33.31 -11.48
N PRO D 111 -7.84 33.73 -10.42
CA PRO D 111 -7.42 35.11 -10.19
C PRO D 111 -6.36 35.56 -11.22
N SER D 112 -5.85 36.77 -11.04
CA SER D 112 -4.89 37.36 -11.98
C SER D 112 -3.68 36.47 -12.11
N GLU D 113 -3.12 36.46 -13.30
CA GLU D 113 -1.87 35.75 -13.53
C GLU D 113 -0.73 36.55 -12.93
N HIS D 114 -0.62 37.78 -13.35
CA HIS D 114 0.42 38.65 -12.77
C HIS D 114 0.02 39.04 -11.37
N LYS D 115 1.04 39.18 -10.54
CA LYS D 115 0.84 39.84 -9.27
C LYS D 115 1.51 41.23 -9.28
N LEU D 116 1.09 42.07 -8.36
CA LEU D 116 1.65 43.41 -8.19
C LEU D 116 2.12 43.55 -6.76
N LYS D 117 3.42 43.70 -6.59
CA LYS D 117 4.08 43.69 -5.28
C LYS D 117 3.56 42.60 -4.33
N GLY D 118 3.50 41.38 -4.83
CA GLY D 118 3.07 40.26 -4.02
C GLY D 118 1.58 40.04 -3.91
N GLN D 119 0.75 40.84 -4.53
CA GLN D 119 -0.70 40.68 -4.39
C GLN D 119 -1.39 40.39 -5.71
N HIS D 120 -2.39 39.51 -5.69
CA HIS D 120 -3.23 39.23 -6.86
C HIS D 120 -4.30 40.25 -7.00
N TYR D 121 -4.82 40.41 -8.20
CA TYR D 121 -6.15 40.93 -8.43
C TYR D 121 -7.06 39.71 -8.65
N PRO D 122 -8.39 39.89 -8.54
CA PRO D 122 -9.27 38.70 -8.71
C PRO D 122 -9.45 38.27 -10.14
N PHE D 123 -9.06 39.12 -11.08
CA PHE D 123 -9.31 38.85 -12.49
C PHE D 123 -8.30 39.58 -13.38
N GLU D 124 -8.02 39.01 -14.56
CA GLU D 124 -7.06 39.59 -15.52
C GLU D 124 -7.52 39.24 -16.95
N ALA D 125 -7.58 40.26 -17.80
CA ALA D 125 -7.78 40.07 -19.23
C ALA D 125 -6.46 40.17 -20.05
N HIS D 126 -6.36 39.35 -21.08
CA HIS D 126 -5.24 39.33 -22.00
C HIS D 126 -5.71 39.59 -23.40
N PHE D 127 -5.09 40.59 -24.04
CA PHE D 127 -5.35 40.96 -25.42
C PHE D 127 -4.13 40.55 -26.27
N VAL D 128 -4.34 39.60 -27.15
CA VAL D 128 -3.25 38.87 -27.78
C VAL D 128 -3.11 39.36 -29.20
N HIS D 129 -1.89 39.77 -29.54
CA HIS D 129 -1.59 40.35 -30.83
C HIS D 129 -0.42 39.62 -31.47
N ALA D 130 -0.38 39.65 -32.79
CA ALA D 130 0.72 39.04 -33.54
C ALA D 130 1.11 39.92 -34.68
N ASP D 131 2.41 40.09 -34.88
CA ASP D 131 2.89 40.86 -36.03
C ASP D 131 2.86 39.95 -37.28
N LYS D 132 3.26 40.48 -38.43
CA LYS D 132 3.27 39.70 -39.70
C LYS D 132 4.17 38.48 -39.69
N HIS D 133 5.22 38.48 -38.87
CA HIS D 133 6.09 37.30 -38.71
C HIS D 133 5.69 36.36 -37.61
N GLY D 134 4.55 36.61 -36.93
CA GLY D 134 4.16 35.77 -35.78
C GLY D 134 4.73 36.11 -34.42
N ASN D 135 5.51 37.19 -34.31
CA ASN D 135 5.96 37.68 -32.97
C ASN D 135 4.74 38.18 -32.22
N LEU D 136 4.67 37.83 -30.94
CA LEU D 136 3.50 38.12 -30.12
C LEU D 136 3.68 39.25 -29.12
N ALA D 137 2.61 40.00 -28.93
CA ALA D 137 2.58 41.04 -27.90
C ALA D 137 1.22 40.87 -27.20
N VAL D 138 1.26 40.83 -25.88
CA VAL D 138 0.06 40.72 -25.10
C VAL D 138 -0.08 41.91 -24.17
N ILE D 139 -1.25 42.51 -24.19
CA ILE D 139 -1.65 43.52 -23.20
C ILE D 139 -2.45 42.81 -22.11
N GLY D 140 -2.03 43.02 -20.89
CA GLY D 140 -2.67 42.53 -19.72
C GLY D 140 -3.35 43.68 -19.00
N VAL D 141 -4.61 43.44 -18.58
CA VAL D 141 -5.41 44.40 -17.83
C VAL D 141 -5.97 43.73 -16.58
N PHE D 142 -5.59 44.28 -15.43
CA PHE D 142 -6.11 43.85 -14.16
C PHE D 142 -7.55 44.36 -13.97
N PHE D 143 -8.37 43.55 -13.31
CA PHE D 143 -9.76 43.96 -12.92
C PHE D 143 -9.91 43.73 -11.44
N LYS D 144 -10.44 44.74 -10.77
CA LYS D 144 -10.79 44.60 -9.35
C LYS D 144 -12.32 44.45 -9.22
N GLU D 145 -12.74 43.98 -8.04
CA GLU D 145 -14.16 43.93 -7.63
C GLU D 145 -14.73 45.32 -7.51
N GLY D 146 -15.81 45.61 -8.20
CA GLY D 146 -16.41 46.93 -8.12
C GLY D 146 -17.75 46.97 -8.81
N ARG D 147 -17.98 48.05 -9.51
CA ARG D 147 -19.12 48.20 -10.38
C ARG D 147 -19.15 47.17 -11.53
N GLU D 148 -20.34 46.69 -11.85
CA GLU D 148 -20.57 45.86 -13.03
C GLU D 148 -19.94 46.46 -14.25
N ASN D 149 -19.21 45.65 -14.98
CA ASN D 149 -18.63 46.08 -16.25
C ASN D 149 -19.64 45.91 -17.37
N PRO D 150 -20.01 47.01 -18.06
CA PRO D 150 -21.03 46.88 -19.09
C PRO D 150 -20.63 46.13 -20.34
N ILE D 151 -19.36 46.20 -20.72
CA ILE D 151 -18.89 45.48 -21.93
C ILE D 151 -18.83 43.97 -21.62
N LEU D 152 -18.27 43.62 -20.47
CA LEU D 152 -18.24 42.24 -20.04
C LEU D 152 -19.65 41.67 -19.89
N GLU D 153 -20.63 42.49 -19.48
CA GLU D 153 -22.03 42.01 -19.41
C GLU D 153 -22.52 41.48 -20.74
N LYS D 154 -22.19 42.16 -21.83
CA LYS D 154 -22.59 41.71 -23.16
C LYS D 154 -22.02 40.33 -23.51
N ILE D 155 -20.82 40.06 -23.08
CA ILE D 155 -20.19 38.78 -23.37
C ILE D 155 -20.72 37.70 -22.40
N TRP D 156 -20.81 38.07 -21.13
CA TRP D 156 -21.20 37.16 -20.06
C TRP D 156 -22.63 36.61 -20.28
N LYS D 157 -23.52 37.47 -20.79
CA LYS D 157 -24.90 37.10 -21.17
C LYS D 157 -25.00 35.89 -22.07
N VAL D 158 -23.98 35.69 -22.89
CA VAL D 158 -23.97 34.74 -24.00
C VAL D 158 -22.85 33.68 -23.78
N MET D 159 -22.24 33.70 -22.62
CA MET D 159 -21.04 32.92 -22.33
C MET D 159 -21.32 31.43 -22.43
N PRO D 160 -20.67 30.70 -23.36
CA PRO D 160 -20.93 29.27 -23.40
C PRO D 160 -20.45 28.55 -22.13
N GLU D 161 -21.27 27.60 -21.67
CA GLU D 161 -21.12 27.00 -20.34
C GLU D 161 -20.26 25.75 -20.39
N ASN D 162 -20.08 25.17 -21.57
CA ASN D 162 -19.21 23.97 -21.70
C ASN D 162 -18.08 24.11 -22.71
N ALA D 163 -17.03 23.35 -22.44
CA ALA D 163 -15.87 23.31 -23.28
C ALA D 163 -16.28 22.89 -24.70
N GLY D 164 -15.74 23.58 -25.68
CA GLY D 164 -16.00 23.25 -27.09
C GLY D 164 -17.11 24.05 -27.72
N GLU D 165 -17.87 24.78 -26.93
CA GLU D 165 -18.99 25.58 -27.44
C GLU D 165 -18.58 27.02 -27.77
N GLU D 166 -19.08 27.49 -28.91
CA GLU D 166 -18.80 28.81 -29.41
C GLU D 166 -20.09 29.49 -29.86
N VAL D 167 -20.19 30.80 -29.62
CA VAL D 167 -21.40 31.57 -29.92
C VAL D 167 -20.99 32.83 -30.65
N LYS D 168 -21.75 33.17 -31.69
CA LYS D 168 -21.61 34.42 -32.41
C LYS D 168 -22.22 35.56 -31.61
N LEU D 169 -21.55 36.70 -31.60
CA LEU D 169 -22.03 37.85 -30.84
C LEU D 169 -23.06 38.55 -31.68
N ALA D 170 -24.12 39.02 -31.01
CA ALA D 170 -25.19 39.76 -31.69
C ALA D 170 -24.62 41.05 -32.27
N HIS D 171 -23.95 41.82 -31.43
CA HIS D 171 -23.32 43.08 -31.83
C HIS D 171 -21.79 43.06 -31.61
N LYS D 172 -21.05 43.68 -32.54
CA LYS D 172 -19.59 43.72 -32.44
C LYS D 172 -19.15 44.65 -31.30
N ILE D 173 -18.29 44.10 -30.46
CA ILE D 173 -17.78 44.80 -29.30
C ILE D 173 -16.44 45.39 -29.69
N ASN D 174 -16.13 46.54 -29.11
CA ASN D 174 -14.82 47.17 -29.29
C ASN D 174 -13.99 46.90 -28.06
N ALA D 175 -12.90 46.16 -28.24
CA ALA D 175 -12.03 45.83 -27.14
C ALA D 175 -11.43 47.05 -26.43
N GLU D 176 -11.33 48.18 -27.14
CA GLU D 176 -10.76 49.42 -26.55
C GLU D 176 -11.54 49.88 -25.33
N ASP D 177 -12.83 49.56 -25.31
CA ASP D 177 -13.65 49.86 -24.15
C ASP D 177 -13.29 49.08 -22.88
N LEU D 178 -12.57 47.96 -23.03
CA LEU D 178 -12.06 47.23 -21.87
C LEU D 178 -10.71 47.71 -21.39
N LEU D 179 -10.13 48.72 -22.04
CA LEU D 179 -8.81 49.21 -21.62
C LEU D 179 -8.97 50.46 -20.81
N PRO D 180 -8.10 50.68 -19.81
CA PRO D 180 -8.20 51.97 -19.11
C PRO D 180 -7.90 53.17 -20.01
N LYS D 181 -8.42 54.34 -19.62
CA LYS D 181 -8.14 55.62 -20.30
C LYS D 181 -6.69 56.07 -20.01
N ASP D 182 -6.24 55.86 -18.80
CA ASP D 182 -4.85 56.13 -18.44
C ASP D 182 -4.06 54.94 -18.99
N ARG D 183 -3.09 55.21 -19.85
CA ARG D 183 -2.36 54.14 -20.51
C ARG D 183 -0.92 53.91 -20.10
N ASP D 184 -0.58 54.29 -18.90
CA ASP D 184 0.71 53.96 -18.33
C ASP D 184 0.76 52.45 -18.18
N TYR D 185 1.95 51.90 -18.35
CA TYR D 185 2.12 50.43 -18.39
C TYR D 185 3.45 49.97 -17.88
N TYR D 186 3.46 48.69 -17.48
CA TYR D 186 4.65 47.95 -17.15
C TYR D 186 5.03 47.17 -18.40
N ARG D 187 6.33 47.05 -18.66
CA ARG D 187 6.77 46.26 -19.82
C ARG D 187 7.88 45.33 -19.41
N TYR D 188 7.82 44.12 -19.94
CA TYR D 188 8.90 43.19 -19.81
C TYR D 188 8.83 42.13 -20.95
N SER D 189 9.96 41.44 -21.09
CA SER D 189 10.13 40.36 -22.07
C SER D 189 9.77 39.02 -21.35
N GLY D 190 8.78 38.36 -21.89
CA GLY D 190 8.32 37.12 -21.25
C GLY D 190 7.84 36.02 -22.21
N SER D 191 6.76 35.34 -21.80
CA SER D 191 6.30 34.13 -22.48
C SER D 191 4.80 34.04 -22.54
N LEU D 192 4.33 33.15 -23.38
CA LEU D 192 2.92 32.70 -23.26
C LEU D 192 2.77 32.00 -21.91
N THR D 193 1.60 32.18 -21.29
CA THR D 193 1.33 31.59 -19.97
C THR D 193 0.63 30.22 -20.01
N THR D 194 0.38 29.71 -21.21
CA THR D 194 -0.04 28.31 -21.38
C THR D 194 0.90 27.58 -22.35
N PRO D 195 1.03 26.22 -22.25
CA PRO D 195 1.95 25.49 -23.10
C PRO D 195 1.67 25.81 -24.56
N PRO D 196 2.67 25.98 -25.40
CA PRO D 196 4.08 25.66 -25.13
C PRO D 196 4.93 26.72 -24.36
N CYS D 197 4.29 27.76 -23.84
CA CYS D 197 4.98 28.80 -23.05
C CYS D 197 6.20 29.41 -23.80
N SER D 198 5.97 29.68 -25.08
CA SER D 198 6.95 30.25 -25.99
C SER D 198 7.43 31.61 -25.50
N GLU D 199 8.74 31.81 -25.57
CA GLU D 199 9.38 33.07 -25.15
C GLU D 199 9.43 34.09 -26.29
N GLY D 200 10.02 35.25 -26.05
CA GLY D 200 10.02 36.28 -27.10
C GLY D 200 8.75 37.10 -27.13
N VAL D 201 7.98 37.09 -26.05
CA VAL D 201 6.69 37.73 -26.02
C VAL D 201 6.87 39.08 -25.35
N ARG D 202 6.39 40.10 -26.01
CA ARG D 202 6.32 41.41 -25.41
C ARG D 202 5.11 41.50 -24.51
N TRP D 203 5.36 41.75 -23.23
CA TRP D 203 4.22 41.98 -22.28
C TRP D 203 4.08 43.46 -21.97
N ILE D 204 2.87 43.93 -22.08
CA ILE D 204 2.46 45.24 -21.74
C ILE D 204 1.37 45.07 -20.68
N VAL D 205 1.67 45.37 -19.42
CA VAL D 205 0.66 45.24 -18.36
C VAL D 205 0.22 46.63 -17.94
N MET D 206 -1.06 46.94 -18.13
CA MET D 206 -1.59 48.27 -17.78
C MET D 206 -1.58 48.55 -16.27
N GLU D 207 -1.08 49.75 -15.94
CA GLU D 207 -0.91 50.15 -14.52
C GLU D 207 -2.30 50.31 -13.86
N GLU D 208 -3.24 50.84 -14.60
CA GLU D 208 -4.54 51.15 -14.10
C GLU D 208 -5.46 49.93 -14.26
N GLU D 209 -6.09 49.56 -13.15
CA GLU D 209 -7.06 48.46 -13.10
C GLU D 209 -8.42 48.89 -13.62
N MET D 210 -9.16 47.95 -14.16
CA MET D 210 -10.54 48.15 -14.58
C MET D 210 -11.39 47.51 -13.49
N GLU D 211 -12.70 47.53 -13.66
CA GLU D 211 -13.63 47.04 -12.65
C GLU D 211 -14.66 46.12 -13.21
N MET D 212 -15.04 45.14 -12.39
CA MET D 212 -16.21 44.29 -12.69
C MET D 212 -16.89 43.88 -11.37
N SER D 213 -18.14 43.41 -11.46
CA SER D 213 -18.90 43.01 -10.26
C SER D 213 -18.46 41.67 -9.69
N LYS D 214 -18.66 41.54 -8.39
CA LYS D 214 -18.27 40.35 -7.66
C LYS D 214 -19.00 39.19 -8.28
N GLU D 215 -20.19 39.47 -8.77
CA GLU D 215 -20.98 38.46 -9.40
C GLU D 215 -20.31 37.95 -10.65
N GLN D 216 -19.76 38.88 -11.41
CA GLN D 216 -19.14 38.53 -12.66
C GLN D 216 -17.96 37.62 -12.47
N ILE D 217 -17.16 37.91 -11.48
CA ILE D 217 -16.01 37.10 -11.20
C ILE D 217 -16.51 35.71 -10.82
N GLU D 218 -17.55 35.70 -10.01
CA GLU D 218 -18.13 34.44 -9.58
C GLU D 218 -18.73 33.65 -10.70
N LYS D 219 -19.40 34.33 -11.63
CA LYS D 219 -19.97 33.60 -12.72
C LYS D 219 -18.87 32.93 -13.54
N PHE D 220 -17.82 33.68 -13.84
CA PHE D 220 -16.73 33.17 -14.65
C PHE D 220 -16.06 32.02 -13.96
N ARG D 221 -15.83 32.18 -12.68
CA ARG D 221 -15.19 31.15 -11.93
C ARG D 221 -15.97 29.87 -11.94
N LYS D 222 -17.28 29.97 -11.80
CA LYS D 222 -18.09 28.76 -11.77
C LYS D 222 -18.02 28.00 -13.04
N ILE D 223 -18.09 28.71 -14.14
CA ILE D 223 -18.02 28.06 -15.42
C ILE D 223 -16.69 27.39 -15.65
N MET D 224 -15.61 28.04 -15.26
CA MET D 224 -14.31 27.44 -15.43
C MET D 224 -14.16 26.23 -14.53
N GLY D 225 -14.68 26.35 -13.33
CA GLY D 225 -14.60 25.26 -12.40
C GLY D 225 -13.42 25.30 -11.49
N GLY D 226 -12.64 26.37 -11.55
CA GLY D 226 -11.48 26.47 -10.69
C GLY D 226 -10.58 27.62 -11.03
N ASP D 227 -9.43 27.71 -10.37
CA ASP D 227 -8.47 28.76 -10.64
C ASP D 227 -7.97 28.53 -12.05
N THR D 228 -7.75 29.60 -12.80
CA THR D 228 -7.27 29.54 -14.17
C THR D 228 -5.96 30.32 -14.39
N ASN D 229 -5.09 30.33 -13.41
CA ASN D 229 -3.84 31.05 -13.49
C ASN D 229 -2.61 30.19 -13.34
N ARG D 230 -1.59 30.48 -14.12
CA ARG D 230 -0.36 29.77 -14.00
C ARG D 230 0.35 30.45 -12.87
N PRO D 231 1.01 29.71 -11.99
CA PRO D 231 1.76 30.37 -10.92
C PRO D 231 2.85 31.33 -11.48
N VAL D 232 3.12 32.39 -10.72
CA VAL D 232 4.16 33.34 -11.10
C VAL D 232 5.52 32.65 -11.17
N GLN D 233 6.34 33.14 -12.10
CA GLN D 233 7.63 32.55 -12.44
C GLN D 233 8.68 33.51 -12.04
N PRO D 234 9.87 33.00 -11.72
CA PRO D 234 10.94 33.89 -11.29
C PRO D 234 11.33 34.96 -12.37
N LEU D 235 11.76 36.07 -12.04
CA LEU D 235 12.21 37.12 -12.93
C LEU D 235 13.59 36.84 -13.48
N ASN D 236 14.42 36.21 -12.67
CA ASN D 236 15.76 35.88 -13.07
C ASN D 236 16.56 37.14 -13.39
N ALA D 237 17.08 37.28 -14.60
CA ALA D 237 17.85 38.47 -14.95
C ALA D 237 17.03 39.70 -15.27
N ARG D 238 15.66 39.57 -15.29
CA ARG D 238 14.85 40.64 -15.76
C ARG D 238 14.55 41.73 -14.77
N MET D 239 14.24 42.87 -15.35
CA MET D 239 13.61 44.00 -14.64
C MET D 239 12.30 44.28 -15.31
N ILE D 240 11.39 44.90 -14.59
CA ILE D 240 10.15 45.35 -15.21
C ILE D 240 10.31 46.88 -15.39
N MET D 241 9.94 47.39 -16.55
CA MET D 241 10.06 48.78 -16.81
C MET D 241 8.70 49.38 -16.61
N GLU D 242 8.68 50.54 -15.96
CA GLU D 242 7.49 51.31 -15.83
C GLU D 242 7.51 52.61 -16.58
N LYS D 243 6.48 52.83 -17.38
CA LYS D 243 6.36 54.07 -18.14
C LYS D 243 6.16 55.38 -17.29
N GLY E 22 -33.55 -9.12 -22.41
CA GLY E 22 -34.21 -9.84 -21.29
C GLY E 22 -33.54 -11.08 -20.72
N TRP E 23 -32.33 -11.47 -21.16
CA TRP E 23 -31.67 -12.65 -20.57
C TRP E 23 -31.33 -12.33 -19.11
N SER E 24 -31.40 -13.30 -18.23
CA SER E 24 -30.91 -13.07 -16.85
C SER E 24 -30.13 -14.26 -16.28
N TYR E 25 -29.57 -14.03 -15.10
CA TYR E 25 -28.92 -15.11 -14.32
C TYR E 25 -29.86 -15.99 -13.50
N HIS E 26 -31.14 -15.60 -13.45
CA HIS E 26 -32.15 -16.18 -12.51
C HIS E 26 -33.52 -16.34 -13.19
N GLY E 27 -34.26 -17.33 -12.71
CA GLY E 27 -35.65 -17.50 -13.11
C GLY E 27 -35.93 -17.97 -14.52
N GLU E 28 -36.97 -17.39 -15.10
CA GLU E 28 -37.60 -17.90 -16.32
C GLU E 28 -36.84 -17.51 -17.59
N HIS E 29 -36.11 -16.40 -17.50
CA HIS E 29 -35.18 -15.95 -18.54
C HIS E 29 -33.69 -16.29 -18.18
N GLY E 30 -33.53 -17.24 -17.25
CA GLY E 30 -32.23 -17.68 -16.72
C GLY E 30 -31.44 -18.59 -17.66
N PRO E 31 -30.25 -19.02 -17.21
CA PRO E 31 -29.28 -19.69 -18.12
C PRO E 31 -29.78 -20.92 -18.85
N GLU E 32 -30.54 -21.77 -18.17
CA GLU E 32 -31.12 -22.97 -18.82
C GLU E 32 -32.14 -22.66 -19.95
N HIS E 33 -32.59 -21.41 -20.06
CA HIS E 33 -33.58 -20.98 -21.07
C HIS E 33 -33.06 -20.00 -22.10
N TRP E 34 -31.81 -19.58 -21.96
CA TRP E 34 -31.21 -18.58 -22.86
C TRP E 34 -31.41 -18.88 -24.35
N GLY E 35 -31.20 -20.15 -24.69
CA GLY E 35 -31.25 -20.61 -26.09
C GLY E 35 -32.61 -20.54 -26.75
N ASP E 36 -33.65 -20.56 -25.91
CA ASP E 36 -35.06 -20.39 -26.33
C ASP E 36 -35.53 -18.93 -26.41
N LEU E 37 -34.74 -17.98 -25.93
CA LEU E 37 -35.13 -16.56 -25.93
C LEU E 37 -35.16 -15.91 -27.29
N LYS E 38 -34.21 -16.22 -28.15
CA LYS E 38 -34.16 -15.67 -29.53
C LYS E 38 -33.37 -16.59 -30.41
N ASP E 39 -33.59 -16.41 -31.72
CA ASP E 39 -32.86 -17.14 -32.76
C ASP E 39 -31.34 -16.87 -32.71
N GLU E 40 -30.96 -15.62 -32.42
CA GLU E 40 -29.53 -15.23 -32.33
C GLU E 40 -28.75 -15.93 -31.18
N TYR E 41 -29.48 -16.51 -30.22
CA TYR E 41 -28.91 -17.22 -29.04
C TYR E 41 -28.88 -18.75 -29.24
N ILE E 42 -28.96 -19.19 -30.50
CA ILE E 42 -28.95 -20.59 -30.82
C ILE E 42 -27.73 -21.39 -30.27
N MET E 43 -26.54 -20.79 -30.26
CA MET E 43 -25.34 -21.47 -29.68
C MET E 43 -25.48 -21.86 -28.19
N CYS E 44 -26.20 -21.04 -27.43
CA CYS E 44 -26.48 -21.29 -26.02
C CYS E 44 -27.22 -22.66 -25.88
N LYS E 45 -27.92 -23.07 -26.92
CA LYS E 45 -28.66 -24.34 -26.98
C LYS E 45 -27.99 -25.51 -27.71
N ILE E 46 -27.40 -25.27 -28.87
CA ILE E 46 -26.80 -26.39 -29.66
C ILE E 46 -25.26 -26.49 -29.58
N GLY E 47 -24.62 -25.47 -29.03
CA GLY E 47 -23.16 -25.40 -28.99
C GLY E 47 -22.57 -26.58 -28.23
N LYS E 48 -21.49 -27.14 -28.76
CA LYS E 48 -20.72 -28.18 -28.08
C LYS E 48 -19.35 -27.72 -27.55
N ASN E 49 -19.04 -26.45 -27.72
CA ASN E 49 -17.79 -25.82 -27.24
C ASN E 49 -18.02 -24.58 -26.39
N GLN E 50 -18.93 -24.74 -25.43
CA GLN E 50 -19.40 -23.64 -24.58
C GLN E 50 -18.55 -23.45 -23.33
N SER E 51 -18.65 -22.25 -22.78
CA SER E 51 -17.93 -21.84 -21.57
C SER E 51 -18.97 -21.29 -20.59
N PRO E 52 -18.66 -21.22 -19.30
CA PRO E 52 -17.43 -21.77 -18.69
C PRO E 52 -17.49 -23.27 -18.58
N VAL E 53 -16.42 -23.83 -18.09
CA VAL E 53 -16.31 -25.26 -17.85
C VAL E 53 -15.73 -25.55 -16.44
N ASP E 54 -15.91 -26.78 -16.02
CA ASP E 54 -15.20 -27.31 -14.88
C ASP E 54 -13.84 -27.81 -15.42
N ILE E 55 -12.79 -27.15 -14.99
CA ILE E 55 -11.45 -27.50 -15.41
C ILE E 55 -11.04 -28.80 -14.68
N ASN E 56 -11.38 -29.93 -15.29
CA ASN E 56 -11.14 -31.24 -14.70
C ASN E 56 -10.62 -32.33 -15.65
N ARG E 57 -10.27 -31.98 -16.96
CA ARG E 57 -9.63 -32.90 -17.91
C ARG E 57 -8.49 -32.12 -18.49
N ILE E 58 -7.35 -32.27 -17.83
CA ILE E 58 -6.25 -31.43 -18.08
C ILE E 58 -5.08 -32.24 -18.60
N VAL E 59 -4.34 -31.65 -19.51
CA VAL E 59 -3.12 -32.25 -20.01
C VAL E 59 -2.04 -31.24 -20.04
N ASP E 60 -0.82 -31.66 -19.63
CA ASP E 60 0.35 -30.81 -19.74
C ASP E 60 0.63 -30.58 -21.23
N ALA E 61 0.97 -29.34 -21.58
CA ALA E 61 1.28 -28.99 -22.92
C ALA E 61 2.34 -27.97 -22.93
N LYS E 62 3.15 -28.00 -23.95
CA LYS E 62 4.25 -27.06 -24.08
C LYS E 62 3.78 -25.78 -24.73
N LEU E 63 2.96 -25.03 -24.00
CA LEU E 63 2.43 -23.77 -24.52
C LEU E 63 3.45 -22.64 -24.31
N LYS E 64 3.40 -21.64 -25.17
CA LYS E 64 4.30 -20.47 -25.05
C LYS E 64 3.77 -19.52 -24.07
N PRO E 65 4.63 -18.69 -23.49
CA PRO E 65 4.09 -17.67 -22.62
C PRO E 65 3.21 -16.68 -23.41
N ILE E 66 2.20 -16.13 -22.76
CA ILE E 66 1.36 -15.10 -23.37
C ILE E 66 2.03 -13.74 -23.11
N LYS E 67 2.30 -13.02 -24.18
CA LYS E 67 2.90 -11.70 -24.09
C LYS E 67 1.80 -10.70 -23.70
N ILE E 68 2.01 -9.99 -22.61
CA ILE E 68 1.03 -9.10 -22.08
C ILE E 68 1.60 -7.71 -22.09
N GLU E 69 1.15 -6.89 -23.02
CA GLU E 69 1.63 -5.53 -23.14
C GLU E 69 0.52 -4.58 -22.83
N TYR E 70 0.43 -4.20 -21.56
CA TYR E 70 -0.63 -3.35 -21.11
C TYR E 70 -0.06 -2.02 -20.68
N ARG E 71 -0.86 -0.97 -20.71
CA ARG E 71 -0.47 0.36 -20.31
C ARG E 71 -1.59 0.68 -19.39
N ALA E 72 -1.46 1.69 -18.56
CA ALA E 72 -2.55 2.03 -17.68
C ALA E 72 -3.58 2.67 -18.61
N GLY E 73 -4.76 2.09 -18.69
CA GLY E 73 -5.80 2.60 -19.54
C GLY E 73 -7.25 2.44 -19.17
N ALA E 74 -7.57 2.15 -17.92
CA ALA E 74 -8.97 2.00 -17.57
C ALA E 74 -9.52 3.36 -17.37
N THR E 75 -10.57 3.67 -18.09
CA THR E 75 -11.16 4.98 -17.98
C THR E 75 -12.45 5.09 -17.23
N LYS E 76 -13.37 4.18 -17.45
CA LYS E 76 -14.65 4.26 -16.79
C LYS E 76 -15.19 2.96 -16.29
N VAL E 77 -16.10 3.05 -15.35
CA VAL E 77 -16.71 1.92 -14.71
C VAL E 77 -18.19 2.01 -14.95
N LEU E 78 -18.80 0.93 -15.37
CA LEU E 78 -20.20 0.92 -15.64
C LEU E 78 -20.89 -0.22 -14.96
N ASN E 79 -22.12 -0.04 -14.54
CA ASN E 79 -22.87 -1.10 -13.94
C ASN E 79 -23.95 -1.34 -14.95
N ASN E 80 -23.92 -2.48 -15.60
CA ASN E 80 -24.90 -2.80 -16.62
C ASN E 80 -26.01 -3.69 -16.17
N GLY E 81 -26.04 -3.96 -14.89
CA GLY E 81 -27.05 -4.79 -14.29
C GLY E 81 -26.68 -6.24 -14.24
N HIS E 82 -25.65 -6.63 -14.96
CA HIS E 82 -25.20 -8.01 -14.97
C HIS E 82 -23.80 -8.15 -14.37
N THR E 83 -23.05 -7.08 -14.41
CA THR E 83 -21.70 -7.03 -13.96
C THR E 83 -21.31 -5.57 -13.75
N ILE E 84 -20.10 -5.39 -13.24
CA ILE E 84 -19.39 -4.14 -13.22
C ILE E 84 -18.31 -4.29 -14.28
N LYS E 85 -18.33 -3.37 -15.23
CA LYS E 85 -17.47 -3.41 -16.38
C LYS E 85 -16.63 -2.19 -16.47
N VAL E 86 -15.33 -2.40 -16.59
CA VAL E 86 -14.35 -1.35 -16.71
C VAL E 86 -13.85 -1.26 -18.14
N SER E 87 -14.09 -0.11 -18.78
CA SER E 87 -13.65 0.10 -20.18
C SER E 87 -12.21 0.46 -20.20
N TYR E 88 -11.58 0.13 -21.29
CA TYR E 88 -10.15 0.36 -21.43
C TYR E 88 -9.91 1.14 -22.70
N GLU E 89 -9.00 2.08 -22.66
CA GLU E 89 -8.72 2.83 -23.87
C GLU E 89 -7.79 2.00 -24.73
N PRO E 90 -7.86 2.20 -26.04
CA PRO E 90 -6.97 1.49 -26.96
C PRO E 90 -5.47 1.59 -26.69
N GLY E 91 -4.74 0.61 -27.20
CA GLY E 91 -3.28 0.59 -27.10
C GLY E 91 -2.68 -0.48 -26.20
N SER E 92 -3.52 -1.26 -25.49
CA SER E 92 -3.03 -2.38 -24.67
C SER E 92 -3.44 -3.70 -25.32
N TYR E 93 -2.55 -4.68 -25.31
CA TYR E 93 -2.81 -5.92 -26.01
C TYR E 93 -2.10 -7.12 -25.42
N ILE E 94 -2.58 -8.29 -25.85
CA ILE E 94 -1.87 -9.55 -25.66
C ILE E 94 -1.56 -10.16 -26.99
N VAL E 95 -0.62 -11.12 -26.99
CA VAL E 95 -0.28 -11.93 -28.16
C VAL E 95 -0.50 -13.40 -27.91
N VAL E 96 -1.37 -13.97 -28.73
CA VAL E 96 -1.71 -15.39 -28.65
C VAL E 96 -1.66 -15.94 -30.06
N ASP E 97 -1.01 -17.10 -30.25
CA ASP E 97 -0.79 -17.66 -31.60
C ASP E 97 -0.21 -16.63 -32.60
N GLY E 98 0.67 -15.76 -32.12
CA GLY E 98 1.28 -14.74 -32.95
C GLY E 98 0.36 -13.61 -33.37
N ILE E 99 -0.85 -13.54 -32.84
CA ILE E 99 -1.86 -12.55 -33.23
C ILE E 99 -2.09 -11.60 -32.09
N LYS E 100 -2.25 -10.33 -32.42
CA LYS E 100 -2.39 -9.29 -31.43
C LYS E 100 -3.88 -9.12 -31.09
N PHE E 101 -4.25 -9.24 -29.80
CA PHE E 101 -5.64 -9.04 -29.39
C PHE E 101 -5.68 -7.88 -28.46
N GLU E 102 -6.45 -6.87 -28.81
CA GLU E 102 -6.47 -5.64 -28.03
C GLU E 102 -7.44 -5.75 -26.86
N LEU E 103 -6.98 -5.31 -25.69
CA LEU E 103 -7.83 -5.25 -24.54
C LEU E 103 -8.93 -4.18 -24.70
N LYS E 104 -10.17 -4.57 -24.55
CA LYS E 104 -11.35 -3.69 -24.64
C LYS E 104 -11.96 -3.33 -23.30
N GLN E 105 -12.05 -4.31 -22.43
CA GLN E 105 -12.70 -4.14 -21.16
C GLN E 105 -12.38 -5.31 -20.21
N PHE E 106 -12.60 -5.07 -18.91
CA PHE E 106 -12.63 -6.13 -17.96
C PHE E 106 -13.83 -6.03 -17.06
N HIS E 107 -14.29 -7.16 -16.58
CA HIS E 107 -15.46 -7.22 -15.76
C HIS E 107 -15.39 -8.41 -14.82
N PHE E 108 -16.46 -8.61 -14.02
CA PHE E 108 -16.42 -9.57 -12.90
C PHE E 108 -17.62 -10.45 -12.77
N HIS E 109 -17.42 -11.59 -12.16
CA HIS E 109 -18.46 -12.51 -11.82
C HIS E 109 -18.27 -13.05 -10.41
N ALA E 110 -19.38 -13.43 -9.77
CA ALA E 110 -19.31 -14.02 -8.40
C ALA E 110 -20.48 -14.94 -8.21
N PRO E 111 -20.25 -16.19 -7.81
CA PRO E 111 -18.94 -16.79 -7.66
C PRO E 111 -18.27 -17.00 -9.06
N SER E 112 -17.13 -17.66 -9.06
CA SER E 112 -16.38 -17.88 -10.30
C SER E 112 -17.27 -18.59 -11.32
N GLU E 113 -17.03 -18.27 -12.58
CA GLU E 113 -17.70 -19.01 -13.71
C GLU E 113 -17.04 -20.37 -13.94
N HIS E 114 -15.73 -20.36 -14.17
CA HIS E 114 -14.99 -21.59 -14.23
C HIS E 114 -14.91 -22.23 -12.81
N LYS E 115 -14.93 -23.54 -12.82
CA LYS E 115 -14.53 -24.32 -11.67
C LYS E 115 -13.21 -25.03 -11.89
N LEU E 116 -12.55 -25.37 -10.79
CA LEU E 116 -11.23 -26.01 -10.84
C LEU E 116 -11.37 -27.29 -10.02
N LYS E 117 -11.31 -28.41 -10.73
CA LYS E 117 -11.57 -29.75 -10.15
C LYS E 117 -12.77 -29.79 -9.28
N GLY E 118 -13.86 -29.26 -9.79
CA GLY E 118 -15.14 -29.34 -9.10
C GLY E 118 -15.40 -28.25 -8.07
N GLN E 119 -14.50 -27.30 -7.87
CA GLN E 119 -14.68 -26.28 -6.85
C GLN E 119 -14.68 -24.87 -7.43
N HIS E 120 -15.55 -24.02 -6.91
CA HIS E 120 -15.62 -22.59 -7.29
C HIS E 120 -14.61 -21.82 -6.53
N TYR E 121 -14.16 -20.72 -7.08
CA TYR E 121 -13.57 -19.62 -6.28
C TYR E 121 -14.73 -18.64 -6.03
N PRO E 122 -14.60 -17.76 -5.02
CA PRO E 122 -15.70 -16.80 -4.76
C PRO E 122 -15.83 -15.65 -5.79
N PHE E 123 -14.80 -15.46 -6.62
CA PHE E 123 -14.80 -14.37 -7.57
C PHE E 123 -13.88 -14.70 -8.77
N GLU E 124 -14.23 -14.12 -9.91
CA GLU E 124 -13.47 -14.29 -11.20
C GLU E 124 -13.56 -13.01 -12.03
N ALA E 125 -12.40 -12.54 -12.49
CA ALA E 125 -12.30 -11.46 -13.40
C ALA E 125 -12.07 -11.96 -14.84
N HIS E 126 -12.67 -11.28 -15.80
CA HIS E 126 -12.48 -11.53 -17.26
C HIS E 126 -11.93 -10.31 -17.95
N PHE E 127 -10.82 -10.48 -18.62
CA PHE E 127 -10.17 -9.46 -19.42
C PHE E 127 -10.42 -9.82 -20.91
N VAL E 128 -11.26 -8.99 -21.54
CA VAL E 128 -11.82 -9.29 -22.91
C VAL E 128 -11.01 -8.56 -23.96
N HIS E 129 -10.47 -9.32 -24.90
CA HIS E 129 -9.62 -8.80 -25.96
C HIS E 129 -10.23 -9.21 -27.34
N ALA E 130 -9.97 -8.39 -28.33
CA ALA E 130 -10.41 -8.68 -29.71
C ALA E 130 -9.30 -8.35 -30.66
N ASP E 131 -9.04 -9.25 -31.60
CA ASP E 131 -8.08 -8.93 -32.68
C ASP E 131 -8.74 -7.98 -33.73
N LYS E 132 -7.98 -7.58 -34.74
CA LYS E 132 -8.46 -6.67 -35.80
C LYS E 132 -9.66 -7.23 -36.61
N HIS E 133 -9.80 -8.54 -36.72
CA HIS E 133 -10.99 -9.16 -37.30
C HIS E 133 -12.16 -9.48 -36.37
N GLY E 134 -12.08 -9.05 -35.11
CA GLY E 134 -13.13 -9.39 -34.13
C GLY E 134 -13.04 -10.78 -33.45
N ASN E 135 -12.00 -11.57 -33.70
CA ASN E 135 -11.78 -12.83 -32.92
C ASN E 135 -11.43 -12.48 -31.49
N LEU E 136 -12.06 -13.19 -30.57
CA LEU E 136 -11.99 -12.83 -29.15
C LEU E 136 -11.02 -13.75 -28.35
N ALA E 137 -10.32 -13.15 -27.39
CA ALA E 137 -9.54 -13.88 -26.43
C ALA E 137 -9.82 -13.33 -25.07
N VAL E 138 -10.19 -14.21 -24.14
CA VAL E 138 -10.50 -13.78 -22.77
C VAL E 138 -9.50 -14.39 -21.80
N ILE E 139 -8.88 -13.54 -20.98
CA ILE E 139 -8.09 -13.96 -19.83
C ILE E 139 -9.02 -13.98 -18.62
N GLY E 140 -9.07 -15.14 -17.95
CA GLY E 140 -9.81 -15.31 -16.71
C GLY E 140 -8.82 -15.40 -15.52
N VAL E 141 -9.14 -14.69 -14.44
CA VAL E 141 -8.34 -14.63 -13.19
C VAL E 141 -9.23 -14.90 -11.99
N PHE E 142 -8.95 -15.99 -11.32
CA PHE E 142 -9.59 -16.38 -10.10
C PHE E 142 -9.10 -15.49 -8.92
N PHE E 143 -10.04 -15.16 -8.04
CA PHE E 143 -9.73 -14.42 -6.80
C PHE E 143 -10.26 -15.25 -5.65
N LYS E 144 -9.40 -15.41 -4.65
CA LYS E 144 -9.83 -16.01 -3.38
C LYS E 144 -9.96 -14.91 -2.28
N GLU E 145 -10.67 -15.28 -1.21
CA GLU E 145 -10.82 -14.44 0.03
C GLU E 145 -9.49 -14.28 0.72
N GLY E 146 -9.08 -13.05 0.93
CA GLY E 146 -7.80 -12.80 1.55
C GLY E 146 -7.64 -11.35 1.91
N ARG E 147 -6.45 -10.86 1.69
CA ARG E 147 -6.14 -9.48 1.85
C ARG E 147 -6.88 -8.58 0.85
N GLU E 148 -7.27 -7.40 1.32
CA GLU E 148 -7.90 -6.39 0.48
C GLU E 148 -7.05 -6.12 -0.75
N ASN E 149 -7.70 -6.13 -1.91
CA ASN E 149 -7.01 -5.81 -3.17
C ASN E 149 -6.97 -4.30 -3.38
N PRO E 150 -5.76 -3.72 -3.44
CA PRO E 150 -5.68 -2.25 -3.58
C PRO E 150 -6.14 -1.68 -4.91
N ILE E 151 -6.02 -2.42 -6.00
CA ILE E 151 -6.49 -1.94 -7.31
C ILE E 151 -8.01 -2.00 -7.37
N LEU E 152 -8.57 -3.09 -6.90
CA LEU E 152 -10.03 -3.20 -6.84
C LEU E 152 -10.62 -2.13 -5.93
N GLU E 153 -9.91 -1.75 -4.86
CA GLU E 153 -10.42 -0.70 -3.94
C GLU E 153 -10.67 0.60 -4.66
N LYS E 154 -9.78 0.95 -5.58
CA LYS E 154 -9.99 2.15 -6.41
C LYS E 154 -11.27 2.09 -7.24
N ILE E 155 -11.63 0.92 -7.74
CA ILE E 155 -12.83 0.80 -8.58
C ILE E 155 -14.05 0.71 -7.71
N TRP E 156 -13.92 -0.08 -6.65
CA TRP E 156 -15.04 -0.35 -5.70
C TRP E 156 -15.54 0.96 -5.03
N LYS E 157 -14.60 1.84 -4.71
CA LYS E 157 -14.90 3.19 -4.14
C LYS E 157 -15.93 3.99 -4.93
N VAL E 158 -15.97 3.77 -6.23
CA VAL E 158 -16.70 4.58 -7.20
C VAL E 158 -17.77 3.74 -7.92
N MET E 159 -17.97 2.52 -7.44
CA MET E 159 -18.75 1.53 -8.14
C MET E 159 -20.19 1.99 -8.27
N PRO E 160 -20.69 2.20 -9.50
CA PRO E 160 -22.12 2.55 -9.59
C PRO E 160 -23.04 1.47 -9.06
N GLU E 161 -24.07 1.92 -8.35
CA GLU E 161 -24.95 1.04 -7.56
C GLU E 161 -26.16 0.57 -8.37
N ASN E 162 -26.49 1.26 -9.45
CA ASN E 162 -27.65 0.85 -10.29
C ASN E 162 -27.34 0.66 -11.74
N ALA E 163 -28.14 -0.21 -12.35
CA ALA E 163 -27.97 -0.58 -13.74
C ALA E 163 -28.08 0.68 -14.57
N GLY E 164 -27.21 0.82 -15.54
CA GLY E 164 -27.24 1.94 -16.48
C GLY E 164 -26.36 3.10 -16.11
N GLU E 165 -25.80 3.08 -14.90
CA GLU E 165 -24.91 4.15 -14.44
C GLU E 165 -23.45 3.87 -14.70
N GLU E 166 -22.77 4.91 -15.12
CA GLU E 166 -21.37 4.85 -15.48
C GLU E 166 -20.63 6.02 -14.85
N VAL E 167 -19.39 5.78 -14.44
CA VAL E 167 -18.56 6.80 -13.77
C VAL E 167 -17.17 6.78 -14.34
N LYS E 168 -16.64 7.97 -14.56
CA LYS E 168 -15.29 8.14 -15.03
C LYS E 168 -14.34 7.95 -13.87
N LEU E 169 -13.22 7.29 -14.13
CA LEU E 169 -12.24 7.06 -13.08
C LEU E 169 -11.41 8.31 -12.92
N ALA E 170 -11.07 8.62 -11.67
CA ALA E 170 -10.21 9.77 -11.37
C ALA E 170 -8.83 9.54 -11.98
N HIS E 171 -8.22 8.41 -11.65
CA HIS E 171 -6.89 8.03 -12.17
C HIS E 171 -6.94 6.72 -12.98
N LYS E 172 -6.15 6.67 -14.06
CA LYS E 172 -6.14 5.50 -14.95
C LYS E 172 -5.47 4.34 -14.24
N ILE E 173 -6.16 3.21 -14.27
CA ILE E 173 -5.69 1.98 -13.63
C ILE E 173 -5.02 1.13 -14.70
N ASN E 174 -3.97 0.41 -14.30
CA ASN E 174 -3.31 -0.53 -15.18
C ASN E 174 -3.80 -1.94 -14.87
N ALA E 175 -4.47 -2.56 -15.82
CA ALA E 175 -5.06 -3.89 -15.62
C ALA E 175 -4.01 -4.95 -15.28
N GLU E 176 -2.77 -4.72 -15.71
CA GLU E 176 -1.69 -5.66 -15.46
C GLU E 176 -1.49 -5.89 -13.95
N ASP E 177 -1.79 -4.89 -13.15
CA ASP E 177 -1.76 -5.03 -11.69
C ASP E 177 -2.80 -6.00 -11.10
N LEU E 178 -3.83 -6.32 -11.85
CA LEU E 178 -4.78 -7.36 -11.44
C LEU E 178 -4.41 -8.76 -11.89
N LEU E 179 -3.28 -8.92 -12.58
CA LEU E 179 -2.91 -10.21 -13.09
C LEU E 179 -1.80 -10.79 -12.23
N PRO E 180 -1.75 -12.13 -12.09
CA PRO E 180 -0.64 -12.63 -11.24
C PRO E 180 0.68 -12.43 -11.91
N LYS E 181 1.73 -12.42 -11.10
CA LYS E 181 3.09 -12.40 -11.63
C LYS E 181 3.52 -13.71 -12.26
N ASP E 182 3.09 -14.81 -11.66
CA ASP E 182 3.30 -16.14 -12.27
C ASP E 182 2.22 -16.27 -13.38
N ARG E 183 2.64 -16.47 -14.61
CA ARG E 183 1.77 -16.40 -15.77
C ARG E 183 1.47 -17.73 -16.43
N ASP E 184 1.60 -18.79 -15.69
CA ASP E 184 1.15 -20.11 -16.19
C ASP E 184 -0.38 -20.06 -16.35
N TYR E 185 -0.89 -20.83 -17.29
CA TYR E 185 -2.28 -20.75 -17.63
C TYR E 185 -2.83 -22.05 -18.20
N TYR E 186 -4.13 -22.18 -18.07
CA TYR E 186 -4.94 -23.18 -18.73
C TYR E 186 -5.49 -22.55 -20.04
N ARG E 187 -5.59 -23.35 -21.08
CA ARG E 187 -6.11 -22.87 -22.35
C ARG E 187 -7.07 -23.87 -22.93
N TYR E 188 -8.17 -23.33 -23.46
CA TYR E 188 -9.11 -24.13 -24.19
C TYR E 188 -9.88 -23.25 -25.19
N SER E 189 -10.55 -23.94 -26.12
CA SER E 189 -11.40 -23.32 -27.12
C SER E 189 -12.86 -23.32 -26.63
N GLY E 190 -13.42 -22.13 -26.49
CA GLY E 190 -14.77 -22.02 -25.90
C GLY E 190 -15.68 -20.93 -26.46
N SER E 191 -16.41 -20.27 -25.56
CA SER E 191 -17.44 -19.32 -25.92
C SER E 191 -17.49 -18.12 -25.02
N LEU E 192 -18.22 -17.13 -25.46
CA LEU E 192 -18.70 -16.10 -24.52
C LEU E 192 -19.65 -16.74 -23.52
N THR E 193 -19.64 -16.24 -22.29
CA THR E 193 -20.49 -16.80 -21.22
C THR E 193 -21.85 -16.10 -21.01
N THR E 194 -22.12 -15.09 -21.79
CA THR E 194 -23.47 -14.49 -21.85
C THR E 194 -23.97 -14.51 -23.29
N PRO E 195 -25.31 -14.49 -23.48
CA PRO E 195 -25.88 -14.57 -24.85
C PRO E 195 -25.33 -13.47 -25.74
N PRO E 196 -25.02 -13.70 -27.01
CA PRO E 196 -25.29 -14.93 -27.77
C PRO E 196 -24.36 -16.15 -27.59
N CYS E 197 -23.41 -16.11 -26.65
CA CYS E 197 -22.58 -17.29 -26.33
C CYS E 197 -21.84 -17.83 -27.56
N SER E 198 -21.32 -16.89 -28.33
CA SER E 198 -20.59 -17.13 -29.56
C SER E 198 -19.35 -17.98 -29.28
N GLU E 199 -19.07 -18.92 -30.19
CA GLU E 199 -17.93 -19.81 -30.10
C GLU E 199 -16.73 -19.26 -30.86
N GLY E 200 -15.63 -20.00 -30.91
CA GLY E 200 -14.42 -19.47 -31.47
C GLY E 200 -13.64 -18.58 -30.51
N VAL E 201 -13.90 -18.68 -29.22
CA VAL E 201 -13.22 -17.82 -28.23
C VAL E 201 -12.02 -18.52 -27.61
N ARG E 202 -10.87 -17.84 -27.60
CA ARG E 202 -9.70 -18.35 -26.93
C ARG E 202 -9.80 -18.01 -25.44
N TRP E 203 -9.84 -19.05 -24.61
CA TRP E 203 -9.81 -18.87 -23.12
C TRP E 203 -8.44 -19.18 -22.56
N ILE E 204 -7.92 -18.19 -21.84
CA ILE E 204 -6.68 -18.25 -21.14
C ILE E 204 -7.04 -18.07 -19.64
N VAL E 205 -7.04 -19.15 -18.86
CA VAL E 205 -7.40 -19.04 -17.42
C VAL E 205 -6.08 -19.15 -16.60
N MET E 206 -5.74 -18.10 -15.88
CA MET E 206 -4.50 -18.08 -15.09
C MET E 206 -4.53 -19.09 -13.92
N GLU E 207 -3.48 -19.86 -13.85
CA GLU E 207 -3.32 -20.90 -12.81
C GLU E 207 -3.26 -20.32 -11.38
N GLU E 208 -2.55 -19.19 -11.23
CA GLU E 208 -2.39 -18.50 -9.95
C GLU E 208 -3.56 -17.55 -9.67
N GLU E 209 -4.17 -17.73 -8.52
CA GLU E 209 -5.26 -16.90 -8.04
C GLU E 209 -4.74 -15.58 -7.46
N MET E 210 -5.58 -14.56 -7.52
CA MET E 210 -5.28 -13.28 -6.88
C MET E 210 -6.14 -13.26 -5.61
N GLU E 211 -6.09 -12.18 -4.87
CA GLU E 211 -6.81 -12.05 -3.61
C GLU E 211 -7.62 -10.81 -3.44
N MET E 212 -8.67 -10.92 -2.66
CA MET E 212 -9.51 -9.80 -2.34
C MET E 212 -10.16 -10.01 -0.98
N SER E 213 -10.58 -8.93 -0.34
CA SER E 213 -11.22 -9.02 0.95
C SER E 213 -12.65 -9.51 0.90
N LYS E 214 -13.10 -10.03 2.03
CA LYS E 214 -14.43 -10.55 2.19
C LYS E 214 -15.42 -9.46 1.93
N GLU E 215 -15.06 -8.29 2.42
CA GLU E 215 -15.86 -7.10 2.28
C GLU E 215 -15.99 -6.71 0.82
N GLN E 216 -14.90 -6.80 0.08
CA GLN E 216 -14.92 -6.48 -1.34
C GLN E 216 -15.85 -7.44 -2.03
N ILE E 217 -15.81 -8.71 -1.67
CA ILE E 217 -16.69 -9.67 -2.27
C ILE E 217 -18.14 -9.40 -1.93
N GLU E 218 -18.39 -9.06 -0.68
CA GLU E 218 -19.75 -8.79 -0.25
C GLU E 218 -20.37 -7.59 -0.95
N LYS E 219 -19.60 -6.55 -1.14
CA LYS E 219 -20.12 -5.38 -1.79
C LYS E 219 -20.52 -5.66 -3.21
N PHE E 220 -19.68 -6.38 -3.93
CA PHE E 220 -20.00 -6.67 -5.30
C PHE E 220 -21.25 -7.49 -5.35
N ARG E 221 -21.34 -8.47 -4.48
CA ARG E 221 -22.50 -9.33 -4.46
C ARG E 221 -23.76 -8.57 -4.13
N LYS E 222 -23.66 -7.67 -3.17
CA LYS E 222 -24.84 -6.90 -2.78
C LYS E 222 -25.32 -6.02 -3.89
N ILE E 223 -24.42 -5.33 -4.56
CA ILE E 223 -24.81 -4.46 -5.64
C ILE E 223 -25.43 -5.26 -6.77
N MET E 224 -24.84 -6.39 -7.11
CA MET E 224 -25.34 -7.26 -8.15
C MET E 224 -26.67 -7.83 -7.76
N GLY E 225 -26.82 -8.13 -6.48
CA GLY E 225 -28.07 -8.69 -5.99
C GLY E 225 -28.19 -10.18 -6.05
N GLY E 226 -27.12 -10.85 -6.39
CA GLY E 226 -27.13 -12.29 -6.46
C GLY E 226 -25.98 -12.83 -7.25
N ASP E 227 -26.03 -14.12 -7.51
CA ASP E 227 -25.00 -14.80 -8.29
C ASP E 227 -24.96 -14.27 -9.74
N THR E 228 -23.75 -14.07 -10.26
CA THR E 228 -23.58 -13.65 -11.65
C THR E 228 -22.75 -14.63 -12.53
N ASN E 229 -22.93 -15.93 -12.31
CA ASN E 229 -22.18 -16.96 -13.05
C ASN E 229 -23.07 -17.84 -13.88
N ARG E 230 -22.68 -18.06 -15.11
CA ARG E 230 -23.36 -19.11 -15.93
C ARG E 230 -22.93 -20.47 -15.41
N PRO E 231 -23.86 -21.42 -15.33
CA PRO E 231 -23.44 -22.76 -14.92
C PRO E 231 -22.39 -23.34 -15.88
N VAL E 232 -21.52 -24.19 -15.36
CA VAL E 232 -20.52 -24.84 -16.19
C VAL E 232 -21.17 -25.72 -17.23
N GLN E 233 -20.49 -25.83 -18.36
CA GLN E 233 -20.99 -26.52 -19.55
C GLN E 233 -20.12 -27.73 -19.81
N PRO E 234 -20.67 -28.79 -20.41
CA PRO E 234 -19.89 -29.95 -20.70
C PRO E 234 -18.64 -29.68 -21.62
N LEU E 235 -17.57 -30.38 -21.34
CA LEU E 235 -16.36 -30.28 -22.14
C LEU E 235 -16.53 -30.94 -23.49
N ASN E 236 -17.29 -32.01 -23.53
CA ASN E 236 -17.53 -32.73 -24.75
C ASN E 236 -16.23 -33.29 -25.32
N ALA E 237 -15.86 -32.94 -26.53
CA ALA E 237 -14.62 -33.44 -27.11
C ALA E 237 -13.35 -32.78 -26.62
N ARG E 238 -13.49 -31.68 -25.87
CA ARG E 238 -12.34 -30.87 -25.51
C ARG E 238 -11.46 -31.41 -24.38
N MET E 239 -10.23 -30.94 -24.44
CA MET E 239 -9.27 -31.07 -23.32
C MET E 239 -8.83 -29.71 -22.92
N ILE E 240 -8.44 -29.54 -21.69
CA ILE E 240 -7.86 -28.28 -21.31
C ILE E 240 -6.38 -28.49 -21.32
N MET E 241 -5.65 -27.53 -21.84
CA MET E 241 -4.22 -27.63 -21.86
C MET E 241 -3.64 -26.77 -20.77
N GLU E 242 -2.61 -27.30 -20.10
CA GLU E 242 -1.94 -26.54 -19.05
C GLU E 242 -0.50 -26.26 -19.39
N LYS E 243 -0.09 -25.01 -19.28
CA LYS E 243 1.27 -24.61 -19.55
C LYS E 243 2.34 -25.19 -18.57
N GLY F 22 41.18 10.79 -10.18
CA GLY F 22 41.97 9.74 -9.49
C GLY F 22 41.48 9.24 -8.13
N TRP F 23 40.29 9.65 -7.63
CA TRP F 23 39.80 9.10 -6.34
C TRP F 23 39.47 7.61 -6.52
N SER F 24 39.71 6.80 -5.51
CA SER F 24 39.30 5.39 -5.60
C SER F 24 38.70 4.86 -4.28
N TYR F 25 38.17 3.65 -4.36
CA TYR F 25 37.68 2.91 -3.17
C TYR F 25 38.78 2.20 -2.37
N HIS F 26 40.00 2.16 -2.91
CA HIS F 26 41.11 1.32 -2.39
C HIS F 26 42.46 2.07 -2.44
N GLY F 27 43.36 1.69 -1.53
CA GLY F 27 44.73 2.15 -1.57
C GLY F 27 44.96 3.62 -1.23
N GLU F 28 45.92 4.21 -1.95
CA GLU F 28 46.53 5.49 -1.59
C GLU F 28 45.65 6.70 -1.97
N HIS F 29 44.81 6.51 -2.98
CA HIS F 29 43.77 7.46 -3.39
C HIS F 29 42.36 7.05 -2.84
N GLY F 30 42.37 6.17 -1.83
CA GLY F 30 41.16 5.63 -1.20
C GLY F 30 40.44 6.58 -0.23
N PRO F 31 39.30 6.13 0.34
CA PRO F 31 38.37 7.03 1.06
C PRO F 31 38.97 7.86 2.18
N GLU F 32 39.86 7.28 2.98
CA GLU F 32 40.56 8.04 4.06
C GLU F 32 41.46 9.19 3.55
N HIS F 33 41.78 9.23 2.26
CA HIS F 33 42.67 10.27 1.64
C HIS F 33 41.96 11.22 0.67
N TRP F 34 40.67 10.98 0.41
CA TRP F 34 39.93 11.78 -0.57
C TRP F 34 40.08 13.31 -0.39
N GLY F 35 40.00 13.73 0.87
CA GLY F 35 40.02 15.15 1.22
C GLY F 35 41.34 15.86 0.94
N ASP F 36 42.42 15.07 0.89
CA ASP F 36 43.77 15.52 0.52
C ASP F 36 44.07 15.52 -0.99
N LEU F 37 43.21 14.94 -1.81
CA LEU F 37 43.43 14.86 -3.25
C LEU F 37 43.29 16.18 -4.01
N LYS F 38 42.34 17.02 -3.62
CA LYS F 38 42.15 18.34 -4.24
C LYS F 38 41.44 19.27 -3.29
N ASP F 39 41.55 20.56 -3.58
CA ASP F 39 40.84 21.62 -2.84
C ASP F 39 39.32 21.45 -2.92
N GLU F 40 38.81 21.06 -4.08
CA GLU F 40 37.35 20.89 -4.30
C GLU F 40 36.73 19.77 -3.43
N TYR F 41 37.57 18.89 -2.88
CA TYR F 41 37.17 17.76 -2.06
C TYR F 41 37.27 18.07 -0.55
N ILE F 42 37.31 19.35 -0.21
CA ILE F 42 37.49 19.77 1.18
C ILE F 42 36.40 19.21 2.16
N MET F 43 35.15 19.10 1.70
CA MET F 43 34.06 18.50 2.55
C MET F 43 34.35 17.07 3.02
N CYS F 44 35.02 16.27 2.17
CA CYS F 44 35.39 14.89 2.50
C CYS F 44 36.28 14.90 3.76
N LYS F 45 36.96 16.02 4.01
CA LYS F 45 37.86 16.20 5.17
C LYS F 45 37.29 16.98 6.36
N ILE F 46 36.60 18.08 6.12
CA ILE F 46 36.10 18.93 7.25
C ILE F 46 34.59 18.79 7.55
N GLY F 47 33.86 18.14 6.66
CA GLY F 47 32.40 18.02 6.77
C GLY F 47 32.02 17.27 8.05
N LYS F 48 31.00 17.78 8.70
CA LYS F 48 30.41 17.14 9.88
C LYS F 48 29.00 16.53 9.63
N ASN F 49 28.54 16.63 8.39
CA ASN F 49 27.27 16.06 7.95
C ASN F 49 27.42 15.15 6.71
N GLN F 50 28.36 14.24 6.84
CA GLN F 50 28.72 13.32 5.75
C GLN F 50 27.86 12.02 5.76
N SER F 51 27.81 11.40 4.59
CA SER F 51 27.18 10.14 4.33
C SER F 51 28.21 9.16 3.75
N PRO F 52 27.99 7.85 3.89
CA PRO F 52 26.84 7.25 4.57
C PRO F 52 27.10 7.18 6.05
N VAL F 53 26.08 6.68 6.78
CA VAL F 53 26.16 6.56 8.21
C VAL F 53 25.67 5.21 8.65
N ASP F 54 26.02 4.91 9.86
CA ASP F 54 25.44 3.74 10.53
C ASP F 54 24.13 4.25 11.17
N ILE F 55 23.02 3.76 10.69
CA ILE F 55 21.69 4.14 11.17
C ILE F 55 21.45 3.49 12.56
N ASN F 56 21.87 4.20 13.60
CA ASN F 56 21.86 3.66 14.95
C ASN F 56 21.45 4.66 16.04
N ARG F 57 21.05 5.95 15.67
CA ARG F 57 20.49 6.93 16.61
C ARG F 57 19.23 7.41 15.93
N ILE F 58 18.08 6.64 16.19
CA ILE F 58 16.87 6.79 15.48
C ILE F 58 15.75 7.27 16.39
N VAL F 59 14.91 8.16 15.86
CA VAL F 59 13.76 8.64 16.60
C VAL F 59 12.55 8.56 15.71
N ASP F 60 11.41 8.11 16.26
CA ASP F 60 10.17 8.15 15.58
C ASP F 60 9.80 9.59 15.32
N ALA F 61 9.32 9.85 14.12
CA ALA F 61 8.92 11.19 13.76
C ALA F 61 7.73 11.15 12.87
N LYS F 62 6.90 12.16 12.98
CA LYS F 62 5.66 12.20 12.17
C LYS F 62 5.96 12.75 10.77
N LEU F 63 6.75 12.03 10.00
CA LEU F 63 7.13 12.44 8.67
C LEU F 63 6.04 12.21 7.66
N LYS F 64 5.99 13.02 6.63
CA LYS F 64 5.00 12.85 5.60
C LYS F 64 5.38 11.75 4.65
N PRO F 65 4.34 11.17 3.98
CA PRO F 65 4.72 10.16 3.00
C PRO F 65 5.43 10.84 1.86
N ILE F 66 6.29 10.14 1.17
CA ILE F 66 7.01 10.72 0.07
C ILE F 66 6.32 10.34 -1.23
N LYS F 67 5.80 11.32 -1.94
CA LYS F 67 5.12 11.06 -3.17
C LYS F 67 6.11 10.63 -4.22
N ILE F 68 5.84 9.53 -4.87
CA ILE F 68 6.75 9.03 -5.88
C ILE F 68 6.00 8.86 -7.17
N GLU F 69 6.42 9.61 -8.17
CA GLU F 69 5.81 9.59 -9.49
C GLU F 69 6.82 9.28 -10.55
N TYR F 70 7.06 7.98 -10.73
CA TYR F 70 7.98 7.47 -11.70
C TYR F 70 7.20 6.98 -12.91
N ARG F 71 7.87 6.99 -14.05
CA ARG F 71 7.38 6.59 -15.33
C ARG F 71 8.48 5.69 -15.73
N ALA F 72 8.24 4.79 -16.67
CA ALA F 72 9.32 3.91 -17.09
C ALA F 72 10.24 4.80 -17.86
N GLY F 73 11.48 4.90 -17.43
CA GLY F 73 12.42 5.77 -18.11
C GLY F 73 13.87 5.43 -18.20
N ALA F 74 14.26 4.24 -17.77
CA ALA F 74 15.66 3.89 -17.84
C ALA F 74 16.00 3.77 -19.29
N THR F 75 17.09 4.41 -19.71
CA THR F 75 17.49 4.38 -21.11
C THR F 75 18.81 3.70 -21.35
N LYS F 76 19.79 3.93 -20.50
CA LYS F 76 21.15 3.46 -20.73
C LYS F 76 21.80 2.98 -19.48
N VAL F 77 22.80 2.13 -19.65
CA VAL F 77 23.55 1.55 -18.56
C VAL F 77 25.03 1.77 -18.80
N LEU F 78 25.68 2.42 -17.86
CA LEU F 78 27.07 2.78 -17.97
C LEU F 78 27.87 2.13 -16.86
N ASN F 79 29.06 1.64 -17.22
CA ASN F 79 30.06 1.23 -16.25
C ASN F 79 31.08 2.35 -16.25
N ASN F 80 31.17 3.06 -15.13
CA ASN F 80 32.12 4.16 -15.03
C ASN F 80 33.35 3.82 -14.22
N GLY F 81 33.55 2.54 -13.95
CA GLY F 81 34.67 2.13 -13.16
C GLY F 81 34.42 2.09 -11.65
N HIS F 82 33.45 2.87 -11.17
CA HIS F 82 33.09 2.95 -9.73
C HIS F 82 31.76 2.30 -9.39
N THR F 83 30.89 2.22 -10.39
CA THR F 83 29.54 1.70 -10.25
C THR F 83 28.99 1.40 -11.63
N ILE F 84 27.80 0.83 -11.62
CA ILE F 84 26.98 0.67 -12.78
C ILE F 84 25.85 1.67 -12.57
N LYS F 85 25.70 2.56 -13.54
CA LYS F 85 24.82 3.66 -13.47
C LYS F 85 23.82 3.65 -14.59
N VAL F 86 22.55 3.77 -14.22
CA VAL F 86 21.46 3.74 -15.15
C VAL F 86 20.88 5.12 -15.26
N SER F 87 20.94 5.71 -16.45
CA SER F 87 20.39 7.02 -16.71
C SER F 87 18.92 6.94 -16.91
N TYR F 88 18.28 8.05 -16.60
CA TYR F 88 16.83 8.11 -16.66
C TYR F 88 16.45 9.30 -17.48
N GLU F 89 15.42 9.16 -18.29
CA GLU F 89 14.98 10.28 -19.04
C GLU F 89 14.11 11.17 -18.16
N PRO F 90 14.08 12.48 -18.47
CA PRO F 90 13.23 13.41 -17.70
C PRO F 90 11.75 13.06 -17.61
N GLY F 91 11.11 13.63 -16.58
CA GLY F 91 9.68 13.46 -16.35
C GLY F 91 9.27 12.61 -15.13
N SER F 92 10.22 11.97 -14.44
CA SER F 92 9.91 11.20 -13.24
C SER F 92 10.46 11.96 -12.03
N TYR F 93 9.70 11.98 -10.94
CA TYR F 93 10.10 12.77 -9.78
C TYR F 93 9.58 12.24 -8.45
N ILE F 94 10.14 12.79 -7.38
CA ILE F 94 9.58 12.64 -6.04
C ILE F 94 9.27 14.02 -5.46
N VAL F 95 8.45 14.05 -4.42
CA VAL F 95 8.13 15.26 -3.66
C VAL F 95 8.60 15.12 -2.22
N VAL F 96 9.50 16.02 -1.81
CA VAL F 96 10.00 16.07 -0.44
C VAL F 96 9.94 17.53 0.01
N ASP F 97 9.45 17.78 1.21
CA ASP F 97 9.26 19.15 1.73
C ASP F 97 8.49 20.05 0.72
N GLY F 98 7.53 19.47 0.02
CA GLY F 98 6.76 20.22 -0.97
C GLY F 98 7.53 20.61 -2.22
N ILE F 99 8.74 20.10 -2.40
CA ILE F 99 9.60 20.46 -3.53
C ILE F 99 9.74 19.23 -4.45
N LYS F 100 9.72 19.46 -5.75
CA LYS F 100 9.78 18.40 -6.75
C LYS F 100 11.25 18.12 -7.08
N PHE F 101 11.72 16.88 -6.87
CA PHE F 101 13.08 16.51 -7.20
C PHE F 101 13.02 15.48 -8.33
N GLU F 102 13.65 15.78 -9.46
CA GLU F 102 13.57 14.93 -10.65
C GLU F 102 14.58 13.83 -10.63
N LEU F 103 14.13 12.62 -10.94
CA LEU F 103 15.05 11.45 -10.98
C LEU F 103 15.99 11.56 -12.20
N LYS F 104 17.29 11.56 -11.95
CA LYS F 104 18.34 11.67 -12.97
C LYS F 104 18.98 10.35 -13.31
N GLN F 105 19.21 9.54 -12.29
CA GLN F 105 19.89 8.27 -12.47
C GLN F 105 19.77 7.40 -11.22
N PHE F 106 20.05 6.09 -11.39
CA PHE F 106 20.27 5.21 -10.26
C PHE F 106 21.49 4.36 -10.46
N HIS F 107 22.12 3.98 -9.35
CA HIS F 107 23.33 3.22 -9.40
C HIS F 107 23.45 2.35 -8.14
N PHE F 108 24.54 1.61 -8.04
CA PHE F 108 24.69 0.55 -7.04
C PHE F 108 26.02 0.52 -6.31
N HIS F 109 25.97 -0.01 -5.10
CA HIS F 109 27.13 -0.24 -4.28
C HIS F 109 27.07 -1.60 -3.62
N ALA F 110 28.24 -2.18 -3.34
CA ALA F 110 28.31 -3.47 -2.66
C ALA F 110 29.58 -3.58 -1.89
N PRO F 111 29.53 -3.94 -0.60
CA PRO F 111 28.32 -4.04 0.18
C PRO F 111 27.65 -2.65 0.40
N SER F 112 26.60 -2.63 1.22
CA SER F 112 25.81 -1.43 1.39
C SER F 112 26.70 -0.30 1.94
N GLU F 113 26.36 0.91 1.60
CA GLU F 113 27.03 2.08 2.16
C GLU F 113 26.53 2.41 3.55
N HIS F 114 25.22 2.59 3.67
CA HIS F 114 24.60 2.64 5.00
C HIS F 114 24.68 1.31 5.71
N LYS F 115 24.86 1.39 7.01
CA LYS F 115 24.62 0.29 7.89
C LYS F 115 23.35 0.50 8.73
N LEU F 116 22.80 -0.60 9.22
CA LEU F 116 21.56 -0.57 10.04
C LEU F 116 21.86 -1.27 11.35
N LYS F 117 21.90 -0.48 12.42
CA LYS F 117 22.38 -0.94 13.76
C LYS F 117 23.67 -1.73 13.73
N GLY F 118 24.68 -1.20 13.05
CA GLY F 118 25.95 -1.85 13.00
C GLY F 118 26.12 -2.93 11.96
N GLN F 119 25.12 -3.22 11.14
CA GLN F 119 25.25 -4.29 10.17
C GLN F 119 25.08 -3.82 8.76
N HIS F 120 25.85 -4.39 7.83
CA HIS F 120 25.71 -4.13 6.38
C HIS F 120 24.66 -4.98 5.79
N TYR F 121 24.08 -4.53 4.70
CA TYR F 121 23.42 -5.42 3.73
C TYR F 121 24.47 -5.69 2.64
N PRO F 122 24.26 -6.72 1.82
CA PRO F 122 25.26 -7.02 0.76
C PRO F 122 25.19 -6.08 -0.43
N PHE F 123 24.12 -5.31 -0.53
CA PHE F 123 23.95 -4.43 -1.68
C PHE F 123 23.05 -3.25 -1.32
N GLU F 124 23.24 -2.13 -2.04
CA GLU F 124 22.43 -0.90 -1.88
C GLU F 124 22.30 -0.18 -3.19
N ALA F 125 21.08 0.20 -3.51
CA ALA F 125 20.80 1.03 -4.66
C ALA F 125 20.52 2.49 -4.24
N HIS F 126 20.97 3.41 -5.07
CA HIS F 126 20.74 4.85 -4.88
C HIS F 126 20.05 5.43 -6.07
N PHE F 127 18.94 6.11 -5.80
CA PHE F 127 18.14 6.81 -6.78
C PHE F 127 18.34 8.32 -6.55
N VAL F 128 19.00 8.95 -7.53
CA VAL F 128 19.55 10.31 -7.39
C VAL F 128 18.67 11.28 -8.08
N HIS F 129 18.17 12.24 -7.30
CA HIS F 129 17.19 13.24 -7.76
C HIS F 129 17.78 14.66 -7.55
N ALA F 130 17.32 15.59 -8.38
CA ALA F 130 17.73 17.00 -8.24
C ALA F 130 16.55 17.86 -8.47
N ASP F 131 16.40 18.88 -7.62
CA ASP F 131 15.33 19.90 -7.89
C ASP F 131 15.83 20.91 -8.99
N LYS F 132 14.97 21.83 -9.37
CA LYS F 132 15.27 22.84 -10.40
C LYS F 132 16.49 23.73 -10.05
N HIS F 133 16.80 23.93 -8.76
CA HIS F 133 18.01 24.63 -8.33
C HIS F 133 19.23 23.76 -8.10
N GLY F 134 19.18 22.48 -8.46
CA GLY F 134 20.30 21.56 -8.20
C GLY F 134 20.40 20.95 -6.79
N ASN F 135 19.49 21.25 -5.89
CA ASN F 135 19.47 20.56 -4.55
C ASN F 135 19.14 19.06 -4.76
N LEU F 136 19.92 18.21 -4.11
CA LEU F 136 19.89 16.78 -4.34
C LEU F 136 19.12 16.00 -3.24
N ALA F 137 18.39 15.01 -3.69
CA ALA F 137 17.70 14.06 -2.77
C ALA F 137 18.00 12.67 -3.28
N VAL F 138 18.52 11.83 -2.41
CA VAL F 138 18.80 10.46 -2.78
C VAL F 138 17.92 9.48 -1.97
N ILE F 139 17.25 8.59 -2.69
CA ILE F 139 16.57 7.42 -2.08
C ILE F 139 17.53 6.24 -2.08
N GLY F 140 17.77 5.69 -0.89
CA GLY F 140 18.60 4.49 -0.72
C GLY F 140 17.67 3.28 -0.46
N VAL F 141 17.96 2.18 -1.13
CA VAL F 141 17.25 0.92 -0.99
C VAL F 141 18.23 -0.22 -0.75
N PHE F 142 18.10 -0.85 0.40
CA PHE F 142 18.87 -2.02 0.77
C PHE F 142 18.36 -3.25 0.01
N PHE F 143 19.27 -4.13 -0.36
CA PHE F 143 18.91 -5.41 -0.99
C PHE F 143 19.59 -6.48 -0.17
N LYS F 144 18.80 -7.50 0.15
CA LYS F 144 19.38 -8.71 0.79
C LYS F 144 19.49 -9.84 -0.25
N GLU F 145 20.28 -10.85 0.11
CA GLU F 145 20.37 -12.14 -0.63
C GLU F 145 19.05 -12.90 -0.60
N GLY F 146 18.51 -13.25 -1.76
CA GLY F 146 17.24 -13.95 -1.80
C GLY F 146 16.93 -14.42 -3.20
N ARG F 147 15.67 -14.32 -3.56
CA ARG F 147 15.17 -14.58 -4.89
C ARG F 147 15.76 -13.59 -5.91
N GLU F 148 16.03 -14.12 -7.11
CA GLU F 148 16.51 -13.34 -8.22
C GLU F 148 15.59 -12.16 -8.48
N ASN F 149 16.17 -10.98 -8.61
CA ASN F 149 15.36 -9.79 -8.92
C ASN F 149 15.14 -9.69 -10.42
N PRO F 150 13.87 -9.64 -10.85
CA PRO F 150 13.64 -9.66 -12.31
C PRO F 150 13.96 -8.37 -13.03
N ILE F 151 13.83 -7.22 -12.34
CA ILE F 151 14.19 -5.93 -12.97
C ILE F 151 15.71 -5.81 -13.09
N LEU F 152 16.42 -6.17 -12.02
CA LEU F 152 17.88 -6.17 -12.10
C LEU F 152 18.37 -7.11 -13.17
N GLU F 153 17.67 -8.23 -13.40
CA GLU F 153 18.11 -9.20 -14.45
C GLU F 153 18.19 -8.56 -15.80
N LYS F 154 17.22 -7.72 -16.11
CA LYS F 154 17.23 -6.99 -17.37
C LYS F 154 18.45 -6.09 -17.54
N ILE F 155 18.91 -5.48 -16.46
CA ILE F 155 20.08 -4.59 -16.53
C ILE F 155 21.36 -5.41 -16.54
N TRP F 156 21.38 -6.42 -15.67
CA TRP F 156 22.57 -7.28 -15.48
C TRP F 156 22.95 -8.03 -16.80
N LYS F 157 21.93 -8.44 -17.55
CA LYS F 157 22.09 -9.10 -18.86
C LYS F 157 22.98 -8.33 -19.83
N VAL F 158 22.97 -7.02 -19.71
CA VAL F 158 23.54 -6.06 -20.67
C VAL F 158 24.66 -5.24 -20.02
N MET F 159 25.02 -5.62 -18.81
CA MET F 159 25.91 -4.83 -17.97
C MET F 159 27.28 -4.68 -18.61
N PRO F 160 27.71 -3.45 -18.97
CA PRO F 160 29.06 -3.33 -19.51
C PRO F 160 30.15 -3.72 -18.53
N GLU F 161 31.14 -4.44 -19.04
CA GLU F 161 32.15 -5.13 -18.23
C GLU F 161 33.36 -4.26 -17.95
N ASN F 162 33.57 -3.22 -18.74
CA ASN F 162 34.73 -2.28 -18.52
C ASN F 162 34.34 -0.82 -18.36
N ALA F 163 35.19 -0.12 -17.63
CA ALA F 163 35.03 1.30 -17.38
C ALA F 163 34.93 2.03 -18.69
N GLY F 164 34.00 2.97 -18.78
CA GLY F 164 33.85 3.81 -19.95
C GLY F 164 32.84 3.33 -20.95
N GLU F 165 32.35 2.10 -20.79
CA GLU F 165 31.38 1.52 -21.73
C GLU F 165 29.95 1.74 -21.30
N GLU F 166 29.11 2.07 -22.27
CA GLU F 166 27.72 2.37 -22.05
C GLU F 166 26.87 1.65 -23.09
N VAL F 167 25.70 1.18 -22.68
CA VAL F 167 24.81 0.41 -23.53
C VAL F 167 23.40 0.93 -23.39
N LYS F 168 22.72 1.04 -24.51
CA LYS F 168 21.33 1.42 -24.54
C LYS F 168 20.49 0.23 -24.14
N LEU F 169 19.44 0.49 -23.37
CA LEU F 169 18.55 -0.58 -22.94
C LEU F 169 17.56 -0.88 -24.06
N ALA F 170 17.27 -2.17 -24.26
CA ALA F 170 16.32 -2.59 -25.28
C ALA F 170 14.94 -2.03 -24.95
N HIS F 171 14.50 -2.27 -23.71
CA HIS F 171 13.21 -1.77 -23.22
C HIS F 171 13.38 -0.83 -22.00
N LYS F 172 12.55 0.20 -21.92
CA LYS F 172 12.59 1.13 -20.80
C LYS F 172 12.08 0.47 -19.50
N ILE F 173 12.90 0.58 -18.47
CA ILE F 173 12.62 0.01 -17.18
C ILE F 173 12.01 1.10 -16.32
N ASN F 174 11.08 0.71 -15.44
CA ASN F 174 10.48 1.65 -14.47
C ASN F 174 11.15 1.46 -13.12
N ALA F 175 11.85 2.49 -12.66
CA ALA F 175 12.59 2.39 -11.40
C ALA F 175 11.67 2.09 -10.21
N GLU F 176 10.39 2.43 -10.31
CA GLU F 176 9.45 2.22 -9.22
C GLU F 176 9.34 0.74 -8.88
N ASP F 177 9.58 -0.10 -9.87
CA ASP F 177 9.64 -1.56 -9.61
C ASP F 177 10.81 -2.04 -8.75
N LEU F 178 11.81 -1.20 -8.59
CA LEU F 178 12.92 -1.52 -7.75
C LEU F 178 12.72 -0.96 -6.34
N LEU F 179 11.58 -0.35 -6.10
CA LEU F 179 11.28 0.22 -4.82
C LEU F 179 10.28 -0.64 -4.05
N PRO F 180 10.49 -0.71 -2.68
CA PRO F 180 9.52 -1.52 -1.95
C PRO F 180 8.11 -0.96 -1.94
N LYS F 181 7.12 -1.82 -1.82
CA LYS F 181 5.73 -1.41 -1.73
C LYS F 181 5.44 -0.68 -0.45
N ASP F 182 6.06 -1.11 0.62
CA ASP F 182 5.92 -0.49 1.90
C ASP F 182 6.89 0.66 1.83
N ARG F 183 6.42 1.84 2.14
CA ARG F 183 7.26 3.02 2.02
C ARG F 183 7.74 3.81 3.20
N ASP F 184 7.79 3.19 4.37
CA ASP F 184 8.28 3.87 5.53
C ASP F 184 9.75 4.10 5.22
N TYR F 185 10.31 5.14 5.78
CA TYR F 185 11.69 5.48 5.51
C TYR F 185 12.37 6.13 6.66
N TYR F 186 13.69 6.21 6.56
CA TYR F 186 14.55 6.86 7.50
C TYR F 186 14.97 8.13 6.76
N ARG F 187 15.13 9.23 7.45
CA ARG F 187 15.54 10.46 6.82
C ARG F 187 16.58 11.18 7.63
N TYR F 188 17.55 11.73 6.93
CA TYR F 188 18.59 12.50 7.55
C TYR F 188 19.23 13.44 6.56
N SER F 189 19.98 14.40 7.06
CA SER F 189 20.66 15.37 6.23
C SER F 189 22.09 14.92 6.08
N GLY F 190 22.54 14.75 4.85
CA GLY F 190 23.87 14.26 4.59
C GLY F 190 24.58 14.78 3.37
N SER F 191 25.31 13.90 2.71
CA SER F 191 26.11 14.25 1.57
C SER F 191 26.20 13.19 0.51
N LEU F 192 26.84 13.55 -0.58
CA LEU F 192 27.09 12.62 -1.64
C LEU F 192 28.16 11.72 -1.10
N THR F 193 28.18 10.48 -1.55
CA THR F 193 29.16 9.53 -1.06
C THR F 193 30.45 9.42 -1.85
N THR F 194 30.59 10.16 -2.92
CA THR F 194 31.81 10.17 -3.74
C THR F 194 32.26 11.61 -3.83
N PRO F 195 33.56 11.85 -3.97
CA PRO F 195 34.05 13.25 -4.04
C PRO F 195 33.31 14.01 -5.12
N PRO F 196 32.92 15.26 -4.90
CA PRO F 196 33.37 16.13 -3.80
C PRO F 196 32.61 16.00 -2.43
N CYS F 197 31.72 15.03 -2.29
CA CYS F 197 31.01 14.76 -1.00
C CYS F 197 30.29 15.97 -0.48
N SER F 198 29.64 16.64 -1.41
CA SER F 198 28.86 17.85 -1.17
C SER F 198 27.72 17.59 -0.17
N GLU F 199 27.51 18.55 0.73
CA GLU F 199 26.51 18.45 1.80
C GLU F 199 25.24 19.11 1.34
N GLY F 200 24.26 19.17 2.22
CA GLY F 200 22.96 19.65 1.77
C GLY F 200 22.12 18.63 1.06
N VAL F 201 22.45 17.35 1.21
CA VAL F 201 21.72 16.29 0.52
C VAL F 201 20.63 15.66 1.42
N ARG F 202 19.41 15.57 0.90
CA ARG F 202 18.32 14.90 1.63
C ARG F 202 18.44 13.37 1.36
N TRP F 203 18.67 12.61 2.44
CA TRP F 203 18.71 11.12 2.35
C TRP F 203 17.41 10.50 2.86
N ILE F 204 16.83 9.71 2.01
CA ILE F 204 15.61 8.98 2.25
C ILE F 204 16.00 7.48 2.12
N VAL F 205 16.16 6.76 3.23
CA VAL F 205 16.60 5.35 3.16
C VAL F 205 15.36 4.50 3.49
N MET F 206 14.92 3.69 2.56
CA MET F 206 13.75 2.86 2.75
C MET F 206 13.94 1.81 3.87
N GLU F 207 12.93 1.73 4.72
CA GLU F 207 12.95 0.78 5.86
C GLU F 207 12.93 -0.69 5.37
N GLU F 208 12.16 -0.95 4.34
CA GLU F 208 11.99 -2.31 3.79
C GLU F 208 13.01 -2.62 2.73
N GLU F 209 13.68 -3.74 2.88
CA GLU F 209 14.71 -4.23 1.96
C GLU F 209 14.06 -4.89 0.77
N MET F 210 14.75 -4.88 -0.35
CA MET F 210 14.35 -5.61 -1.55
C MET F 210 15.26 -6.83 -1.60
N GLU F 211 15.11 -7.65 -2.64
CA GLU F 211 15.86 -8.89 -2.76
C GLU F 211 16.49 -9.07 -4.12
N MET F 212 17.64 -9.72 -4.09
CA MET F 212 18.31 -10.17 -5.32
C MET F 212 19.06 -11.49 -5.03
N SER F 213 19.38 -12.20 -6.09
CA SER F 213 20.09 -13.45 -5.99
C SER F 213 21.56 -13.33 -5.64
N LYS F 214 22.12 -14.37 -5.07
CA LYS F 214 23.53 -14.38 -4.73
C LYS F 214 24.33 -14.21 -5.99
N GLU F 215 23.85 -14.80 -7.06
CA GLU F 215 24.55 -14.72 -8.31
C GLU F 215 24.60 -13.30 -8.79
N GLN F 216 23.49 -12.60 -8.65
CA GLN F 216 23.40 -11.22 -9.08
C GLN F 216 24.38 -10.39 -8.29
N ILE F 217 24.49 -10.64 -7.00
CA ILE F 217 25.45 -9.93 -6.19
C ILE F 217 26.88 -10.25 -6.60
N GLU F 218 27.15 -11.52 -6.87
CA GLU F 218 28.49 -11.93 -7.26
C GLU F 218 28.94 -11.36 -8.58
N LYS F 219 28.05 -11.27 -9.55
CA LYS F 219 28.42 -10.71 -10.81
C LYS F 219 28.83 -9.26 -10.68
N PHE F 220 28.08 -8.48 -9.91
CA PHE F 220 28.39 -7.07 -9.76
C PHE F 220 29.73 -6.90 -9.10
N ARG F 221 29.98 -7.67 -8.07
CA ARG F 221 31.22 -7.57 -7.38
C ARG F 221 32.36 -7.95 -8.30
N LYS F 222 32.12 -8.98 -9.10
CA LYS F 222 33.15 -9.44 -9.99
C LYS F 222 33.51 -8.38 -10.99
N ILE F 223 32.51 -7.79 -11.61
CA ILE F 223 32.76 -6.78 -12.58
C ILE F 223 33.45 -5.57 -11.97
N MET F 224 33.01 -5.14 -10.80
CA MET F 224 33.63 -4.01 -10.14
C MET F 224 35.04 -4.32 -9.71
N GLY F 225 35.28 -5.55 -9.31
CA GLY F 225 36.58 -5.95 -8.89
C GLY F 225 36.91 -5.68 -7.46
N GLY F 226 35.92 -5.27 -6.68
CA GLY F 226 36.13 -5.02 -5.28
C GLY F 226 34.94 -4.31 -4.65
N ASP F 227 35.08 -3.97 -3.38
CA ASP F 227 34.05 -3.26 -2.65
C ASP F 227 33.92 -1.86 -3.18
N THR F 228 32.71 -1.35 -3.23
CA THR F 228 32.43 -0.04 -3.74
C THR F 228 31.65 0.84 -2.78
N ASN F 229 31.99 0.76 -1.51
CA ASN F 229 31.33 1.52 -0.46
C ASN F 229 32.29 2.46 0.19
N ARG F 230 31.85 3.68 0.41
CA ARG F 230 32.55 4.55 1.35
C ARG F 230 32.34 4.08 2.78
N PRO F 231 33.39 4.11 3.62
CA PRO F 231 33.14 3.81 5.04
C PRO F 231 32.17 4.78 5.72
N VAL F 232 31.43 4.26 6.69
CA VAL F 232 30.43 5.08 7.36
C VAL F 232 31.13 6.22 8.04
N GLN F 233 30.43 7.34 8.11
CA GLN F 233 30.94 8.57 8.71
C GLN F 233 30.16 8.89 10.02
N PRO F 234 30.79 9.61 10.94
CA PRO F 234 30.12 9.89 12.20
C PRO F 234 28.82 10.74 12.06
N LEU F 235 27.88 10.52 12.90
CA LEU F 235 26.64 11.25 12.91
C LEU F 235 26.80 12.65 13.46
N ASN F 236 27.69 12.80 14.40
CA ASN F 236 27.95 14.07 15.01
C ASN F 236 26.70 14.63 15.69
N ALA F 237 26.23 15.79 15.31
CA ALA F 237 25.03 16.35 15.92
C ALA F 237 23.71 15.76 15.45
N ARG F 238 23.72 14.84 14.39
CA ARG F 238 22.50 14.43 13.77
C ARG F 238 21.75 13.34 14.50
N MET F 239 20.46 13.33 14.18
CA MET F 239 19.59 12.16 14.49
C MET F 239 19.08 11.64 13.18
N ILE F 240 18.74 10.38 13.13
CA ILE F 240 18.00 9.88 11.98
C ILE F 240 16.53 9.84 12.40
N MET F 241 15.66 10.31 11.53
CA MET F 241 14.23 10.29 11.81
C MET F 241 13.60 9.13 11.09
N GLU F 242 12.71 8.45 11.78
CA GLU F 242 11.99 7.31 11.15
C GLU F 242 10.50 7.57 11.02
N LYS F 243 9.95 7.32 9.84
CA LYS F 243 8.53 7.57 9.59
C LYS F 243 7.52 6.59 10.30
ZN ZN G . 6.16 -14.24 27.80
C1 AZM H . 4.12 -17.71 28.09
C2 AZM H . 2.62 -18.87 29.65
C3 AZM H . 0.37 -19.07 30.43
C4 AZM H . -0.52 -19.69 31.48
N1 AZM H . 6.30 -16.21 27.41
N2 AZM H . 3.90 -19.34 29.68
N3 AZM H . 4.77 -18.70 28.77
N4 AZM H . 1.64 -19.45 30.42
O1 AZM H . 5.17 -17.68 25.88
O2 AZM H . 3.95 -15.79 26.54
O3 AZM H . -0.09 -18.30 29.62
S1 AZM H . 4.84 -16.78 26.93
S2 AZM H . 2.39 -17.55 28.50
CA CA I . 11.28 -5.46 7.27
CA CA J . 7.09 -3.27 6.88
CA CA K . 11.21 1.04 13.73
CA CA L . 8.32 3.29 17.92
CA CA M . 11.21 -7.28 0.98
CA CA N . 7.41 1.04 10.00
ZN ZN O . 6.67 -41.06 2.89
C1 AZM P . 9.14 -40.90 6.16
C2 AZM P . 11.03 -42.27 7.11
C3 AZM P . 13.40 -42.83 6.87
C4 AZM P . 14.44 -43.87 7.27
N1 AZM P . 6.72 -40.67 4.92
N2 AZM P . 9.85 -42.37 7.79
N3 AZM P . 8.76 -41.62 7.27
N4 AZM P . 12.21 -42.89 7.51
O1 AZM P . 7.84 -38.79 6.20
O2 AZM P . 8.92 -39.64 4.14
O3 AZM P . 13.65 -41.99 6.02
S1 AZM P . 8.13 -39.83 5.30
S2 AZM P . 10.85 -41.20 5.76
CA CA Q . -1.04 -21.68 -6.78
CA CA R . 2.63 -21.26 -9.55
CA CA S . 2.41 -32.66 -14.90
CA CA T . -1.68 -15.47 -5.31
CA CA U . 2.48 -24.21 -13.20
CA CA V . -1.10 -28.62 -12.56
ZN ZN W . -19.59 21.99 14.67
C1 AZM X . -22.79 22.69 17.23
C2 AZM X . -25.17 22.01 17.86
C3 AZM X . -26.60 20.45 19.11
C4 AZM X . -28.04 20.13 19.42
N1 AZM X . -20.70 23.45 15.69
N2 AZM X . -25.07 23.12 17.04
N3 AZM X . -23.73 23.53 16.66
N4 AZM X . -26.38 21.50 18.28
O1 AZM X . -20.87 24.14 17.83
O2 AZM X . -20.45 21.79 17.48
O3 AZM X . -25.73 19.81 19.66
S1 AZM X . -21.16 22.94 17.08
S2 AZM X . -23.56 21.43 18.16
CA CA Y . 3.44 28.95 25.44
ZN ZN Z . -3.89 34.62 -21.05
C1 AZM AA . -1.71 33.06 -24.13
C2 AZM AA . -2.05 31.82 -26.23
C3 AZM AA . -2.71 31.84 -28.58
C4 AZM AA . -2.82 31.03 -29.85
N1 AZM AA . -2.22 33.45 -21.61
N2 AZM AA . -1.57 31.05 -25.23
N3 AZM AA . -1.37 31.74 -23.99
N4 AZM AA . -2.28 31.24 -27.45
O1 AZM AA . -0.17 34.17 -22.55
O2 AZM AA . -2.11 35.38 -23.29
O3 AZM AA . -2.97 33.02 -28.61
S1 AZM AA . -1.54 34.14 -22.91
S2 AZM AA . -2.27 33.47 -25.71
CA CA BA . -9.91 52.08 -12.41
CA CA CA . -5.04 52.81 -9.72
CA CA DA . -2.24 56.44 -12.75
ZN ZN EA . -17.32 -12.53 -18.09
C1 AZM FA . -18.42 -12.14 -22.05
C2 AZM FA . -19.31 -10.36 -23.53
C3 AZM FA . -18.61 -8.44 -24.82
C4 AZM FA . -19.14 -7.19 -25.52
N1 AZM FA . -18.15 -13.56 -19.74
N2 AZM FA . -20.29 -11.22 -23.11
N3 AZM FA . -19.78 -12.27 -22.26
N4 AZM FA . -19.54 -9.32 -24.38
O1 AZM FA . -17.46 -14.36 -21.85
O2 AZM FA . -16.13 -12.48 -21.06
O3 AZM FA . -17.40 -8.57 -24.73
S1 AZM FA . -17.43 -13.14 -21.11
S2 AZM FA . -17.75 -10.76 -22.87
O1 PG4 GA . -5.81 -34.40 -10.80
C1 PG4 GA . -6.78 -35.18 -10.08
C2 PG4 GA . -6.58 -35.07 -8.54
O2 PG4 GA . -7.10 -33.86 -7.92
C3 PG4 GA . -6.28 -33.21 -6.92
C4 PG4 GA . -6.97 -32.09 -6.15
O3 PG4 GA . -6.59 -30.76 -6.56
C5 PG4 GA . -7.34 -29.60 -6.07
C6 PG4 GA . -6.99 -28.31 -6.92
O4 PG4 GA . -5.69 -28.47 -7.63
C7 PG4 GA . -5.57 -27.98 -9.00
C8 PG4 GA . -4.23 -28.24 -9.72
O5 PG4 GA . -4.39 -28.69 -11.12
ZN ZN HA . 25.66 5.98 -4.52
C1 AZM IA . 26.52 9.98 -5.34
C2 AZM IA . 27.13 11.40 -7.21
C3 AZM IA . 26.27 12.57 -9.15
C4 AZM IA . 26.64 13.73 -10.06
N1 AZM IA . 26.66 7.78 -3.95
N2 AZM IA . 28.21 11.12 -6.39
N3 AZM IA . 27.87 10.28 -5.28
N4 AZM IA . 27.27 12.17 -8.33
O1 AZM IA . 25.89 9.77 -2.98
O2 AZM IA . 24.36 8.91 -4.67
O3 AZM IA . 25.12 12.19 -9.12
S1 AZM IA . 25.71 9.06 -4.20
S2 AZM IA . 25.66 10.63 -6.68
O1 PG4 JA . 15.04 0.07 13.22
C1 PG4 JA . 14.51 -1.27 13.12
C2 PG4 JA . 15.48 -2.31 12.55
O2 PG4 JA . 16.05 -3.13 13.57
C3 PG4 JA . 17.07 -4.09 13.13
C4 PG4 JA . 17.76 -4.89 14.29
O3 PG4 JA . 17.29 -4.46 15.60
C5 PG4 JA . 18.27 -4.61 16.62
C6 PG4 JA . 17.72 -4.37 18.00
O4 PG4 JA . 17.84 -3.02 18.39
C7 PG4 JA . 18.35 -2.77 19.70
C8 PG4 JA . 18.49 -1.26 19.84
O5 PG4 JA . 17.25 -0.61 19.56
#